data_2DLP
#
_entry.id   2DLP
#
_entity_poly.entity_id   1
_entity_poly.type   'polypeptide(L)'
_entity_poly.pdbx_seq_one_letter_code
;GSSGSSGSGYVIALRSYITDNCSLLSFHRGDLIKLLPVATLEPGWQFGSAGGRSGLFPADIVQPAAAPDFSFSKEQRSGS
GPSSG
;
_entity_poly.pdbx_strand_id   A
#
# COMPACT_ATOMS: atom_id res chain seq x y z
N GLY A 1 17.83 -10.88 -13.78
CA GLY A 1 16.81 -11.50 -14.61
C GLY A 1 15.41 -11.26 -14.08
N SER A 2 14.71 -10.29 -14.66
CA SER A 2 13.36 -9.96 -14.24
C SER A 2 12.35 -10.94 -14.84
N SER A 3 11.40 -11.38 -14.02
CA SER A 3 10.37 -12.31 -14.47
C SER A 3 8.99 -11.69 -14.36
N GLY A 4 8.69 -11.09 -13.22
CA GLY A 4 7.40 -10.46 -13.02
C GLY A 4 7.20 -9.24 -13.89
N SER A 5 6.68 -9.45 -15.11
CA SER A 5 6.44 -8.36 -16.04
C SER A 5 5.74 -7.20 -15.35
N SER A 6 4.60 -7.49 -14.73
CA SER A 6 3.83 -6.47 -14.03
C SER A 6 4.33 -6.29 -12.60
N GLY A 7 3.94 -5.17 -11.99
CA GLY A 7 4.35 -4.90 -10.62
C GLY A 7 3.24 -4.29 -9.79
N SER A 8 3.04 -4.83 -8.59
CA SER A 8 2.00 -4.33 -7.70
C SER A 8 2.44 -4.40 -6.24
N GLY A 9 1.78 -3.64 -5.38
CA GLY A 9 2.13 -3.62 -3.98
C GLY A 9 1.23 -2.72 -3.16
N TYR A 10 0.12 -3.27 -2.66
CA TYR A 10 -0.82 -2.50 -1.87
C TYR A 10 -1.22 -3.26 -0.61
N VAL A 11 -1.03 -2.63 0.54
CA VAL A 11 -1.38 -3.25 1.82
C VAL A 11 -2.34 -2.38 2.62
N ILE A 12 -3.17 -3.01 3.44
CA ILE A 12 -4.13 -2.28 4.26
C ILE A 12 -3.82 -2.42 5.74
N ALA A 13 -4.01 -1.35 6.49
CA ALA A 13 -3.75 -1.36 7.93
C ALA A 13 -4.79 -2.19 8.67
N LEU A 14 -4.33 -3.15 9.47
CA LEU A 14 -5.22 -4.01 10.22
C LEU A 14 -5.58 -3.37 11.57
N ARG A 15 -4.66 -2.57 12.10
CA ARG A 15 -4.89 -1.89 13.37
C ARG A 15 -4.31 -0.48 13.35
N SER A 16 -4.81 0.37 14.25
CA SER A 16 -4.35 1.75 14.32
C SER A 16 -2.95 1.83 14.91
N TYR A 17 -2.04 2.50 14.20
CA TYR A 17 -0.67 2.64 14.65
C TYR A 17 -0.32 4.11 14.89
N ILE A 18 -0.75 4.64 16.03
CA ILE A 18 -0.48 6.02 16.38
C ILE A 18 1.00 6.24 16.69
N THR A 19 1.60 7.20 16.02
CA THR A 19 3.01 7.51 16.22
C THR A 19 3.21 8.99 16.55
N ASP A 20 4.13 9.27 17.47
CA ASP A 20 4.42 10.64 17.86
C ASP A 20 5.75 11.11 17.28
N ASN A 21 6.11 10.57 16.13
CA ASN A 21 7.36 10.93 15.47
C ASN A 21 7.15 11.12 13.97
N CYS A 22 8.18 11.63 13.29
CA CYS A 22 8.10 11.87 11.85
C CYS A 22 8.66 10.67 11.09
N SER A 23 9.76 10.12 11.56
CA SER A 23 10.39 8.97 10.92
C SER A 23 9.37 7.86 10.67
N LEU A 24 8.56 7.58 11.69
CA LEU A 24 7.55 6.54 11.59
C LEU A 24 6.32 7.05 10.84
N LEU A 25 5.36 6.15 10.61
CA LEU A 25 4.13 6.52 9.90
C LEU A 25 2.92 6.39 10.83
N SER A 26 2.01 7.35 10.71
CA SER A 26 0.80 7.35 11.53
C SER A 26 -0.44 7.11 10.69
N PHE A 27 -1.16 6.03 10.99
CA PHE A 27 -2.37 5.68 10.25
C PHE A 27 -3.34 4.92 11.15
N HIS A 28 -4.58 4.77 10.67
CA HIS A 28 -5.60 4.06 11.42
C HIS A 28 -5.91 2.71 10.78
N ARG A 29 -6.81 1.95 11.41
CA ARG A 29 -7.19 0.63 10.90
C ARG A 29 -8.00 0.76 9.63
N GLY A 30 -7.42 0.34 8.50
CA GLY A 30 -8.11 0.41 7.23
C GLY A 30 -7.39 1.29 6.23
N ASP A 31 -6.68 2.30 6.74
CA ASP A 31 -5.95 3.23 5.89
C ASP A 31 -4.92 2.49 5.04
N LEU A 32 -5.21 2.35 3.76
CA LEU A 32 -4.31 1.65 2.84
C LEU A 32 -2.96 2.35 2.78
N ILE A 33 -1.89 1.56 2.85
CA ILE A 33 -0.54 2.11 2.80
C ILE A 33 0.15 1.74 1.49
N LYS A 34 0.23 2.72 0.57
CA LYS A 34 0.87 2.50 -0.72
C LYS A 34 2.35 2.16 -0.55
N LEU A 35 2.77 1.05 -1.13
CA LEU A 35 4.17 0.62 -1.05
C LEU A 35 5.05 1.45 -1.98
N LEU A 36 5.85 2.32 -1.39
CA LEU A 36 6.75 3.18 -2.16
C LEU A 36 8.05 2.45 -2.49
N PRO A 37 8.70 2.86 -3.58
CA PRO A 37 9.96 2.25 -4.04
C PRO A 37 11.13 2.60 -3.10
N VAL A 38 11.72 1.58 -2.51
CA VAL A 38 12.85 1.77 -1.60
C VAL A 38 14.03 0.89 -1.99
N ALA A 39 15.24 1.40 -1.78
CA ALA A 39 16.45 0.66 -2.11
C ALA A 39 16.56 -0.60 -1.26
N THR A 40 16.59 -0.42 0.06
CA THR A 40 16.69 -1.55 0.98
C THR A 40 15.99 -1.26 2.29
N LEU A 41 15.38 -2.29 2.87
CA LEU A 41 14.65 -2.14 4.13
C LEU A 41 15.14 -3.17 5.15
N GLU A 42 14.52 -3.16 6.33
CA GLU A 42 14.88 -4.10 7.38
C GLU A 42 13.88 -5.26 7.44
N PRO A 43 14.31 -6.36 8.07
CA PRO A 43 13.48 -7.56 8.21
C PRO A 43 12.32 -7.35 9.18
N GLY A 44 11.23 -6.80 8.68
CA GLY A 44 10.07 -6.55 9.51
C GLY A 44 9.50 -5.16 9.33
N TRP A 45 10.36 -4.22 8.95
CA TRP A 45 9.94 -2.83 8.74
C TRP A 45 9.53 -2.61 7.29
N GLN A 46 8.54 -1.74 7.09
CA GLN A 46 8.04 -1.44 5.76
C GLN A 46 8.11 0.06 5.48
N PHE A 47 8.16 0.42 4.20
CA PHE A 47 8.23 1.82 3.80
C PHE A 47 7.16 2.14 2.76
N GLY A 48 6.35 3.15 3.04
CA GLY A 48 5.30 3.54 2.11
C GLY A 48 4.58 4.79 2.56
N SER A 49 3.56 5.20 1.80
CA SER A 49 2.79 6.39 2.11
C SER A 49 1.34 6.03 2.44
N ALA A 50 0.73 6.79 3.35
CA ALA A 50 -0.65 6.56 3.74
C ALA A 50 -1.53 7.75 3.40
N GLY A 51 -1.16 8.48 2.35
CA GLY A 51 -1.92 9.64 1.94
C GLY A 51 -1.04 10.84 1.62
N GLY A 52 -0.41 11.41 2.65
CA GLY A 52 0.45 12.55 2.44
C GLY A 52 1.76 12.44 3.20
N ARG A 53 1.72 11.77 4.35
CA ARG A 53 2.92 11.58 5.16
C ARG A 53 3.56 10.23 4.88
N SER A 54 4.89 10.18 5.00
CA SER A 54 5.63 8.94 4.76
C SER A 54 6.43 8.53 5.99
N GLY A 55 6.38 7.24 6.32
CA GLY A 55 7.10 6.75 7.48
C GLY A 55 7.32 5.25 7.42
N LEU A 56 7.98 4.72 8.44
CA LEU A 56 8.25 3.28 8.50
C LEU A 56 7.31 2.58 9.48
N PHE A 57 6.47 1.70 8.95
CA PHE A 57 5.51 0.97 9.76
C PHE A 57 5.86 -0.52 9.81
N PRO A 58 5.45 -1.19 10.90
CA PRO A 58 5.72 -2.62 11.09
C PRO A 58 4.92 -3.49 10.13
N ALA A 59 5.53 -4.58 9.66
CA ALA A 59 4.87 -5.49 8.75
C ALA A 59 4.14 -6.60 9.50
N ASP A 60 3.82 -6.33 10.76
CA ASP A 60 3.11 -7.30 11.59
C ASP A 60 1.71 -6.81 11.94
N ILE A 61 1.36 -5.64 11.43
CA ILE A 61 0.05 -5.06 11.69
C ILE A 61 -0.65 -4.67 10.39
N VAL A 62 -0.07 -5.09 9.27
CA VAL A 62 -0.64 -4.79 7.95
C VAL A 62 -0.77 -6.05 7.11
N GLN A 63 -1.82 -6.10 6.28
CA GLN A 63 -2.05 -7.25 5.42
C GLN A 63 -2.15 -6.82 3.96
N PRO A 64 -1.76 -7.71 3.05
CA PRO A 64 -1.81 -7.44 1.60
C PRO A 64 -3.24 -7.38 1.07
N ALA A 65 -3.46 -6.53 0.08
CA ALA A 65 -4.77 -6.37 -0.52
C ALA A 65 -4.67 -6.03 -2.01
N ALA A 66 -5.62 -6.52 -2.79
CA ALA A 66 -5.64 -6.27 -4.22
C ALA A 66 -5.44 -4.79 -4.53
N ALA A 67 -4.92 -4.49 -5.72
CA ALA A 67 -4.68 -3.12 -6.12
C ALA A 67 -5.95 -2.48 -6.69
N PRO A 68 -6.12 -1.18 -6.42
CA PRO A 68 -7.30 -0.43 -6.89
C PRO A 68 -7.28 -0.22 -8.40
N ASP A 69 -6.16 -0.57 -9.03
CA ASP A 69 -6.03 -0.42 -10.47
C ASP A 69 -6.15 -1.77 -11.18
N PHE A 70 -6.64 -1.74 -12.41
CA PHE A 70 -6.82 -2.96 -13.19
C PHE A 70 -6.19 -2.81 -14.57
N SER A 71 -5.21 -3.67 -14.85
CA SER A 71 -4.52 -3.64 -16.14
C SER A 71 -5.10 -4.68 -17.10
N PHE A 72 -5.72 -4.20 -18.17
CA PHE A 72 -6.32 -5.09 -19.16
C PHE A 72 -5.41 -6.28 -19.43
N SER A 73 -6.01 -7.38 -19.87
CA SER A 73 -5.26 -8.60 -20.18
C SER A 73 -6.14 -9.61 -20.90
N LYS A 74 -5.50 -10.46 -21.71
CA LYS A 74 -6.21 -11.47 -22.47
C LYS A 74 -7.33 -12.09 -21.63
N GLU A 75 -8.41 -12.50 -22.29
CA GLU A 75 -9.55 -13.10 -21.61
C GLU A 75 -9.30 -14.59 -21.37
N GLN A 76 -8.80 -14.92 -20.19
CA GLN A 76 -8.51 -16.31 -19.84
C GLN A 76 -9.62 -17.22 -20.32
N ARG A 77 -9.27 -18.48 -20.59
CA ARG A 77 -10.23 -19.46 -21.08
C ARG A 77 -10.95 -20.14 -19.91
N SER A 78 -12.24 -20.40 -20.08
CA SER A 78 -13.04 -21.03 -19.04
C SER A 78 -12.79 -22.54 -19.02
N GLY A 79 -13.18 -23.17 -17.92
CA GLY A 79 -12.99 -24.62 -17.79
C GLY A 79 -13.64 -25.39 -18.91
N SER A 80 -12.82 -26.08 -19.70
CA SER A 80 -13.32 -26.86 -20.83
C SER A 80 -14.39 -27.85 -20.36
N GLY A 81 -14.06 -28.64 -19.34
CA GLY A 81 -14.99 -29.62 -18.83
C GLY A 81 -14.42 -31.02 -18.82
N PRO A 82 -13.65 -31.34 -17.77
CA PRO A 82 -13.03 -32.66 -17.62
C PRO A 82 -14.04 -33.75 -17.34
N SER A 83 -13.97 -34.84 -18.11
CA SER A 83 -14.89 -35.95 -17.94
C SER A 83 -14.40 -36.91 -16.85
N SER A 84 -13.16 -37.37 -17.00
CA SER A 84 -12.57 -38.29 -16.04
C SER A 84 -12.28 -37.58 -14.72
N GLY A 85 -12.92 -38.04 -13.66
CA GLY A 85 -12.73 -37.44 -12.35
C GLY A 85 -11.27 -37.08 -12.09
N GLY A 1 18.98 -13.50 -4.02
CA GLY A 1 18.29 -13.26 -5.26
C GLY A 1 16.79 -13.11 -5.07
N SER A 2 16.19 -12.19 -5.82
CA SER A 2 14.76 -11.94 -5.72
C SER A 2 14.00 -12.72 -6.79
N SER A 3 13.06 -13.55 -6.36
CA SER A 3 12.26 -14.36 -7.28
C SER A 3 11.17 -13.52 -7.92
N GLY A 4 10.39 -12.83 -7.10
CA GLY A 4 9.31 -11.99 -7.60
C GLY A 4 8.38 -11.53 -6.51
N SER A 5 7.46 -10.63 -6.85
CA SER A 5 6.51 -10.09 -5.89
C SER A 5 5.09 -10.48 -6.27
N SER A 6 4.18 -10.38 -5.31
CA SER A 6 2.78 -10.73 -5.53
C SER A 6 2.33 -10.27 -6.92
N GLY A 7 2.45 -8.97 -7.18
CA GLY A 7 2.05 -8.43 -8.46
C GLY A 7 1.88 -6.94 -8.43
N SER A 8 0.95 -6.46 -7.60
CA SER A 8 0.69 -5.03 -7.49
C SER A 8 1.51 -4.41 -6.35
N GLY A 9 1.20 -4.82 -5.13
CA GLY A 9 1.92 -4.30 -3.98
C GLY A 9 1.11 -3.28 -3.21
N TYR A 10 0.07 -3.73 -2.53
CA TYR A 10 -0.79 -2.84 -1.75
C TYR A 10 -1.28 -3.54 -0.49
N VAL A 11 -0.95 -2.97 0.66
CA VAL A 11 -1.35 -3.53 1.94
C VAL A 11 -2.17 -2.52 2.75
N ILE A 12 -3.18 -3.02 3.47
CA ILE A 12 -4.03 -2.16 4.28
C ILE A 12 -3.67 -2.28 5.75
N ALA A 13 -4.13 -1.32 6.54
CA ALA A 13 -3.87 -1.31 7.97
C ALA A 13 -4.86 -2.19 8.72
N LEU A 14 -4.35 -2.97 9.67
CA LEU A 14 -5.20 -3.86 10.45
C LEU A 14 -5.52 -3.24 11.82
N ARG A 15 -4.62 -2.41 12.31
CA ARG A 15 -4.81 -1.75 13.60
C ARG A 15 -4.33 -0.30 13.55
N SER A 16 -5.01 0.57 14.29
CA SER A 16 -4.66 1.99 14.33
C SER A 16 -3.25 2.18 14.86
N TYR A 17 -2.31 2.47 13.96
CA TYR A 17 -0.92 2.69 14.35
C TYR A 17 -0.63 4.16 14.55
N ILE A 18 -0.81 4.64 15.79
CA ILE A 18 -0.57 6.03 16.11
C ILE A 18 0.82 6.23 16.72
N THR A 19 1.65 7.02 16.05
CA THR A 19 3.00 7.28 16.52
C THR A 19 3.07 8.61 17.28
N ASP A 20 4.26 8.93 17.79
CA ASP A 20 4.45 10.16 18.54
C ASP A 20 5.49 11.05 17.85
N ASN A 21 6.23 10.47 16.92
CA ASN A 21 7.26 11.20 16.19
C ASN A 21 6.93 11.27 14.70
N CYS A 22 7.74 12.01 13.95
CA CYS A 22 7.54 12.15 12.52
C CYS A 22 8.26 11.05 11.75
N SER A 23 9.41 10.63 12.27
CA SER A 23 10.20 9.58 11.63
C SER A 23 9.31 8.41 11.22
N LEU A 24 8.50 7.94 12.16
CA LEU A 24 7.60 6.82 11.90
C LEU A 24 6.32 7.30 11.22
N LEU A 25 5.61 6.37 10.59
CA LEU A 25 4.36 6.70 9.91
C LEU A 25 3.16 6.47 10.82
N SER A 26 2.19 7.37 10.76
CA SER A 26 0.99 7.26 11.59
C SER A 26 -0.25 7.10 10.72
N PHE A 27 -0.99 6.02 10.95
CA PHE A 27 -2.20 5.74 10.18
C PHE A 27 -3.23 5.02 11.05
N HIS A 28 -4.47 4.99 10.57
CA HIS A 28 -5.56 4.33 11.30
C HIS A 28 -5.90 2.99 10.66
N ARG A 29 -6.85 2.28 11.26
CA ARG A 29 -7.27 0.98 10.75
C ARG A 29 -8.04 1.13 9.45
N GLY A 30 -7.43 0.67 8.35
CA GLY A 30 -8.07 0.76 7.06
C GLY A 30 -7.29 1.61 6.08
N ASP A 31 -6.69 2.68 6.59
CA ASP A 31 -5.91 3.59 5.76
C ASP A 31 -4.92 2.82 4.90
N LEU A 32 -5.26 2.65 3.62
CA LEU A 32 -4.39 1.93 2.69
C LEU A 32 -2.98 2.49 2.71
N ILE A 33 -2.00 1.61 2.64
CA ILE A 33 -0.59 2.02 2.65
C ILE A 33 0.12 1.57 1.38
N LYS A 34 0.31 2.51 0.45
CA LYS A 34 0.98 2.20 -0.81
C LYS A 34 2.46 1.89 -0.59
N LEU A 35 2.94 0.85 -1.24
CA LEU A 35 4.34 0.45 -1.11
C LEU A 35 5.23 1.30 -2.00
N LEU A 36 5.96 2.22 -1.39
CA LEU A 36 6.87 3.10 -2.12
C LEU A 36 8.17 2.38 -2.46
N PRO A 37 8.79 2.77 -3.58
CA PRO A 37 10.05 2.18 -4.04
C PRO A 37 11.23 2.57 -3.15
N VAL A 38 11.87 1.56 -2.58
CA VAL A 38 13.01 1.79 -1.70
C VAL A 38 14.16 0.84 -2.03
N ALA A 39 15.38 1.37 -2.00
CA ALA A 39 16.56 0.57 -2.31
C ALA A 39 16.67 -0.62 -1.37
N THR A 40 16.86 -0.35 -0.08
CA THR A 40 16.99 -1.40 0.91
C THR A 40 16.06 -1.15 2.09
N LEU A 41 15.77 -2.21 2.85
CA LEU A 41 14.89 -2.10 4.01
C LEU A 41 15.32 -3.08 5.10
N GLU A 42 14.82 -2.86 6.31
CA GLU A 42 15.14 -3.73 7.45
C GLU A 42 14.27 -4.98 7.44
N PRO A 43 14.75 -6.04 8.11
CA PRO A 43 14.03 -7.31 8.20
C PRO A 43 12.79 -7.20 9.08
N GLY A 44 11.66 -6.84 8.48
CA GLY A 44 10.43 -6.71 9.22
C GLY A 44 9.90 -5.29 9.23
N TRP A 45 10.47 -4.44 8.38
CA TRP A 45 10.05 -3.05 8.29
C TRP A 45 9.55 -2.70 6.90
N GLN A 46 8.56 -1.81 6.83
CA GLN A 46 8.00 -1.40 5.55
C GLN A 46 8.05 0.11 5.39
N PHE A 47 8.33 0.57 4.18
CA PHE A 47 8.40 2.00 3.89
C PHE A 47 7.45 2.38 2.76
N GLY A 48 6.38 3.09 3.12
CA GLY A 48 5.42 3.51 2.13
C GLY A 48 4.58 4.68 2.60
N SER A 49 3.59 5.07 1.79
CA SER A 49 2.71 6.19 2.12
C SER A 49 1.28 5.72 2.29
N ALA A 50 0.51 6.46 3.10
CA ALA A 50 -0.89 6.12 3.34
C ALA A 50 -1.81 7.21 2.80
N GLY A 51 -1.39 8.46 2.95
CA GLY A 51 -2.20 9.57 2.47
C GLY A 51 -1.43 10.88 2.46
N GLY A 52 -0.25 10.87 1.85
CA GLY A 52 0.56 12.07 1.78
C GLY A 52 1.78 11.98 2.66
N ARG A 53 1.63 11.39 3.84
CA ARG A 53 2.73 11.25 4.78
C ARG A 53 3.34 9.85 4.71
N SER A 54 4.67 9.79 4.77
CA SER A 54 5.38 8.51 4.70
C SER A 54 6.22 8.30 5.95
N GLY A 55 6.51 7.04 6.25
CA GLY A 55 7.31 6.72 7.41
C GLY A 55 7.58 5.23 7.54
N LEU A 56 8.31 4.85 8.59
CA LEU A 56 8.63 3.45 8.82
C LEU A 56 7.56 2.78 9.67
N PHE A 57 7.08 1.63 9.21
CA PHE A 57 6.05 0.89 9.93
C PHE A 57 6.33 -0.61 9.87
N PRO A 58 5.92 -1.33 10.93
CA PRO A 58 6.11 -2.78 11.02
C PRO A 58 5.22 -3.54 10.05
N ALA A 59 5.77 -4.60 9.45
CA ALA A 59 5.01 -5.41 8.50
C ALA A 59 4.29 -6.55 9.21
N ASP A 60 3.82 -6.29 10.42
CA ASP A 60 3.11 -7.29 11.20
C ASP A 60 1.74 -6.79 11.62
N ILE A 61 1.39 -5.58 11.17
CA ILE A 61 0.11 -4.98 11.51
C ILE A 61 -0.64 -4.55 10.25
N VAL A 62 -0.30 -5.18 9.13
CA VAL A 62 -0.95 -4.87 7.85
C VAL A 62 -1.18 -6.13 7.04
N GLN A 63 -2.26 -6.14 6.25
CA GLN A 63 -2.59 -7.28 5.42
C GLN A 63 -2.67 -6.89 3.95
N PRO A 64 -2.37 -7.85 3.06
CA PRO A 64 -2.41 -7.62 1.61
C PRO A 64 -3.82 -7.41 1.08
N ALA A 65 -3.96 -6.54 0.10
CA ALA A 65 -5.26 -6.24 -0.50
C ALA A 65 -5.13 -6.03 -2.00
N ALA A 66 -6.27 -6.01 -2.69
CA ALA A 66 -6.30 -5.81 -4.13
C ALA A 66 -5.78 -4.43 -4.50
N ALA A 67 -5.25 -4.30 -5.72
CA ALA A 67 -4.73 -3.03 -6.19
C ALA A 67 -5.86 -2.06 -6.52
N PRO A 68 -5.57 -0.75 -6.40
CA PRO A 68 -6.54 0.30 -6.70
C PRO A 68 -6.86 0.40 -8.18
N ASP A 69 -6.28 -0.48 -8.98
CA ASP A 69 -6.51 -0.49 -10.42
C ASP A 69 -6.35 0.91 -10.99
N PHE A 70 -5.53 1.73 -10.35
CA PHE A 70 -5.30 3.10 -10.81
C PHE A 70 -4.15 3.16 -11.81
N SER A 71 -3.32 2.12 -11.80
CA SER A 71 -2.19 2.05 -12.71
C SER A 71 -2.41 0.99 -13.79
N PHE A 72 -2.16 1.38 -15.03
CA PHE A 72 -2.33 0.46 -16.17
C PHE A 72 -1.98 -0.96 -15.77
N SER A 73 -2.94 -1.88 -15.92
CA SER A 73 -2.73 -3.27 -15.57
C SER A 73 -1.91 -3.99 -16.64
N LYS A 74 -1.71 -5.28 -16.46
CA LYS A 74 -0.93 -6.08 -17.41
C LYS A 74 -1.08 -7.56 -17.12
N GLU A 75 -0.87 -8.39 -18.13
CA GLU A 75 -0.98 -9.84 -17.99
C GLU A 75 0.40 -10.49 -17.99
N GLN A 76 0.83 -10.97 -16.83
CA GLN A 76 2.13 -11.61 -16.70
C GLN A 76 2.07 -13.06 -17.17
N ARG A 77 2.80 -13.37 -18.23
CA ARG A 77 2.82 -14.73 -18.78
C ARG A 77 2.90 -15.76 -17.66
N SER A 78 2.38 -16.95 -17.93
CA SER A 78 2.39 -18.03 -16.94
C SER A 78 2.06 -19.37 -17.59
N GLY A 79 2.91 -20.36 -17.35
CA GLY A 79 2.68 -21.67 -17.92
C GLY A 79 2.11 -22.66 -16.93
N SER A 80 0.82 -22.95 -17.06
CA SER A 80 0.15 -23.88 -16.15
C SER A 80 0.81 -25.26 -16.20
N GLY A 81 0.92 -25.82 -17.40
CA GLY A 81 1.52 -27.12 -17.55
C GLY A 81 0.63 -28.09 -18.31
N PRO A 82 1.25 -28.99 -19.09
CA PRO A 82 0.53 -29.98 -19.88
C PRO A 82 -0.13 -31.05 -19.01
N SER A 83 -1.10 -31.76 -19.57
CA SER A 83 -1.81 -32.80 -18.84
C SER A 83 -2.69 -33.62 -19.78
N SER A 84 -3.22 -34.73 -19.27
CA SER A 84 -4.07 -35.61 -20.07
C SER A 84 -5.28 -36.05 -19.27
N GLY A 85 -6.24 -36.68 -19.95
CA GLY A 85 -7.44 -37.14 -19.29
C GLY A 85 -8.60 -36.17 -19.44
N GLY A 1 -6.63 -13.34 -20.83
CA GLY A 1 -6.67 -11.94 -20.44
C GLY A 1 -5.33 -11.44 -19.95
N SER A 2 -4.34 -11.45 -20.85
CA SER A 2 -3.00 -10.99 -20.51
C SER A 2 -2.88 -9.48 -20.67
N SER A 3 -1.76 -8.92 -20.22
CA SER A 3 -1.53 -7.49 -20.30
C SER A 3 -2.80 -6.71 -19.96
N GLY A 4 -3.49 -7.17 -18.93
CA GLY A 4 -4.72 -6.49 -18.51
C GLY A 4 -5.32 -7.13 -17.26
N SER A 5 -4.57 -7.09 -16.17
CA SER A 5 -5.03 -7.66 -14.91
C SER A 5 -4.30 -7.04 -13.72
N SER A 6 -5.00 -6.90 -12.61
CA SER A 6 -4.42 -6.31 -11.40
C SER A 6 -3.15 -7.07 -11.00
N GLY A 7 -2.16 -6.32 -10.53
CA GLY A 7 -0.91 -6.92 -10.11
C GLY A 7 0.05 -5.91 -9.50
N SER A 8 -0.27 -5.44 -8.30
CA SER A 8 0.57 -4.46 -7.62
C SER A 8 0.63 -4.75 -6.12
N GLY A 9 1.73 -4.37 -5.49
CA GLY A 9 1.90 -4.60 -4.07
C GLY A 9 1.19 -3.56 -3.23
N TYR A 10 0.06 -3.95 -2.64
CA TYR A 10 -0.72 -3.05 -1.81
C TYR A 10 -1.18 -3.75 -0.53
N VAL A 11 -0.96 -3.09 0.61
CA VAL A 11 -1.35 -3.66 1.90
C VAL A 11 -2.23 -2.67 2.66
N ILE A 12 -3.13 -3.22 3.49
CA ILE A 12 -4.04 -2.40 4.28
C ILE A 12 -3.68 -2.46 5.76
N ALA A 13 -4.09 -1.44 6.51
CA ALA A 13 -3.81 -1.38 7.94
C ALA A 13 -4.86 -2.17 8.73
N LEU A 14 -4.39 -3.11 9.54
CA LEU A 14 -5.29 -3.93 10.35
C LEU A 14 -5.69 -3.19 11.63
N ARG A 15 -4.82 -2.31 12.10
CA ARG A 15 -5.09 -1.55 13.31
C ARG A 15 -4.69 -0.09 13.13
N SER A 16 -5.00 0.74 14.13
CA SER A 16 -4.69 2.15 14.07
C SER A 16 -3.31 2.43 14.67
N TYR A 17 -2.28 2.40 13.83
CA TYR A 17 -0.92 2.63 14.28
C TYR A 17 -0.63 4.12 14.38
N ILE A 18 -0.70 4.66 15.60
CA ILE A 18 -0.45 6.07 15.83
C ILE A 18 0.95 6.30 16.39
N THR A 19 1.75 7.08 15.67
CA THR A 19 3.11 7.38 16.09
C THR A 19 3.30 8.87 16.31
N ASP A 20 4.18 9.22 17.24
CA ASP A 20 4.46 10.62 17.56
C ASP A 20 5.85 11.02 17.07
N ASN A 21 6.39 10.23 16.15
CA ASN A 21 7.72 10.50 15.60
C ASN A 21 7.69 10.48 14.08
N CYS A 22 8.08 11.59 13.47
CA CYS A 22 8.10 11.71 12.02
C CYS A 22 8.76 10.48 11.39
N SER A 23 9.91 10.09 11.94
CA SER A 23 10.64 8.94 11.43
C SER A 23 9.69 7.81 11.05
N LEU A 24 8.72 7.55 11.92
CA LEU A 24 7.75 6.50 11.66
C LEU A 24 6.56 7.02 10.85
N LEU A 25 5.57 6.16 10.63
CA LEU A 25 4.39 6.54 9.87
C LEU A 25 3.12 6.31 10.69
N SER A 26 2.20 7.27 10.62
CA SER A 26 0.94 7.16 11.36
C SER A 26 -0.23 6.92 10.41
N PHE A 27 -0.99 5.86 10.67
CA PHE A 27 -2.13 5.51 9.85
C PHE A 27 -3.20 4.80 10.67
N HIS A 28 -4.46 4.97 10.27
CA HIS A 28 -5.57 4.34 10.98
C HIS A 28 -6.01 3.06 10.27
N ARG A 29 -6.75 2.22 10.98
CA ARG A 29 -7.22 0.96 10.43
C ARG A 29 -7.96 1.19 9.12
N GLY A 30 -7.77 0.28 8.17
CA GLY A 30 -8.42 0.39 6.87
C GLY A 30 -7.66 1.28 5.91
N ASP A 31 -6.93 2.25 6.46
CA ASP A 31 -6.15 3.17 5.64
C ASP A 31 -5.15 2.41 4.77
N LEU A 32 -5.46 2.27 3.50
CA LEU A 32 -4.59 1.56 2.57
C LEU A 32 -3.21 2.21 2.51
N ILE A 33 -2.19 1.46 2.86
CA ILE A 33 -0.82 1.96 2.84
C ILE A 33 -0.14 1.66 1.50
N LYS A 34 0.16 2.71 0.75
CA LYS A 34 0.81 2.56 -0.55
C LYS A 34 2.28 2.20 -0.37
N LEU A 35 2.73 1.19 -1.11
CA LEU A 35 4.12 0.75 -1.05
C LEU A 35 4.99 1.56 -1.99
N LEU A 36 5.97 2.28 -1.43
CA LEU A 36 6.88 3.09 -2.23
C LEU A 36 8.13 2.31 -2.60
N PRO A 37 8.70 2.61 -3.77
CA PRO A 37 9.91 1.94 -4.25
C PRO A 37 11.15 2.34 -3.45
N VAL A 38 11.72 1.38 -2.74
CA VAL A 38 12.90 1.62 -1.93
C VAL A 38 14.03 0.66 -2.30
N ALA A 39 15.26 1.09 -2.06
CA ALA A 39 16.43 0.27 -2.37
C ALA A 39 16.76 -0.67 -1.22
N THR A 40 16.77 -0.12 0.00
CA THR A 40 17.07 -0.92 1.19
C THR A 40 16.06 -0.63 2.30
N LEU A 41 15.53 -1.70 2.88
CA LEU A 41 14.55 -1.57 3.96
C LEU A 41 15.02 -2.32 5.21
N GLU A 42 14.30 -2.12 6.31
CA GLU A 42 14.64 -2.79 7.57
C GLU A 42 13.93 -4.13 7.68
N PRO A 43 14.50 -5.03 8.50
CA PRO A 43 13.93 -6.37 8.73
C PRO A 43 12.63 -6.32 9.52
N GLY A 44 11.54 -6.70 8.86
CA GLY A 44 10.25 -6.70 9.52
C GLY A 44 9.54 -5.36 9.41
N TRP A 45 10.22 -4.38 8.81
CA TRP A 45 9.65 -3.06 8.65
C TRP A 45 9.13 -2.86 7.23
N GLN A 46 8.37 -1.78 7.02
CA GLN A 46 7.82 -1.48 5.71
C GLN A 46 7.81 0.02 5.45
N PHE A 47 8.29 0.42 4.28
CA PHE A 47 8.34 1.83 3.91
C PHE A 47 7.25 2.17 2.89
N GLY A 48 6.35 3.06 3.29
CA GLY A 48 5.27 3.46 2.40
C GLY A 48 4.71 4.83 2.75
N SER A 49 3.65 5.23 2.05
CA SER A 49 3.02 6.52 2.28
C SER A 49 1.52 6.36 2.51
N ALA A 50 1.06 6.77 3.69
CA ALA A 50 -0.35 6.68 4.05
C ALA A 50 -0.84 7.97 4.69
N GLY A 51 -1.45 8.84 3.89
CA GLY A 51 -1.96 10.10 4.40
C GLY A 51 -0.99 11.25 4.18
N GLY A 52 -0.75 11.59 2.92
CA GLY A 52 0.16 12.66 2.61
C GLY A 52 1.37 12.69 3.52
N ARG A 53 1.80 11.51 3.96
CA ARG A 53 2.95 11.40 4.84
C ARG A 53 3.80 10.18 4.48
N SER A 54 5.03 10.15 4.99
CA SER A 54 5.94 9.04 4.70
C SER A 54 6.68 8.61 5.97
N GLY A 55 6.72 7.31 6.20
CA GLY A 55 7.40 6.79 7.38
C GLY A 55 7.59 5.29 7.33
N LEU A 56 8.04 4.71 8.44
CA LEU A 56 8.27 3.27 8.51
C LEU A 56 7.23 2.60 9.41
N PHE A 57 6.71 1.46 8.96
CA PHE A 57 5.71 0.72 9.72
C PHE A 57 6.02 -0.76 9.72
N PRO A 58 5.60 -1.46 10.79
CA PRO A 58 5.82 -2.90 10.94
C PRO A 58 4.99 -3.72 9.96
N ALA A 59 5.59 -4.76 9.40
CA ALA A 59 4.89 -5.63 8.45
C ALA A 59 4.19 -6.77 9.16
N ASP A 60 3.73 -6.51 10.38
CA ASP A 60 3.02 -7.51 11.17
C ASP A 60 1.60 -7.06 11.49
N ILE A 61 1.39 -5.75 11.50
CA ILE A 61 0.07 -5.18 11.78
C ILE A 61 -0.65 -4.77 10.50
N VAL A 62 -0.22 -5.35 9.38
CA VAL A 62 -0.83 -5.05 8.09
C VAL A 62 -1.04 -6.32 7.28
N GLN A 63 -2.07 -6.30 6.43
CA GLN A 63 -2.39 -7.45 5.60
C GLN A 63 -2.43 -7.07 4.13
N PRO A 64 -2.10 -8.03 3.25
CA PRO A 64 -2.09 -7.81 1.80
C PRO A 64 -3.49 -7.64 1.23
N ALA A 65 -3.61 -6.78 0.22
CA ALA A 65 -4.90 -6.53 -0.41
C ALA A 65 -4.72 -6.20 -1.90
N ALA A 66 -5.85 -6.00 -2.59
CA ALA A 66 -5.82 -5.67 -4.00
C ALA A 66 -5.57 -4.18 -4.22
N ALA A 67 -4.75 -3.86 -5.22
CA ALA A 67 -4.43 -2.48 -5.53
C ALA A 67 -5.58 -1.81 -6.30
N PRO A 68 -5.77 -0.51 -6.06
CA PRO A 68 -6.83 0.26 -6.72
C PRO A 68 -6.55 0.48 -8.20
N ASP A 69 -7.22 -0.30 -9.04
CA ASP A 69 -7.05 -0.19 -10.48
C ASP A 69 -8.39 0.01 -11.19
N PHE A 70 -8.41 0.90 -12.17
CA PHE A 70 -9.63 1.18 -12.92
C PHE A 70 -10.45 -0.08 -13.12
N SER A 71 -11.70 -0.04 -12.67
CA SER A 71 -12.59 -1.19 -12.79
C SER A 71 -13.49 -1.06 -14.03
N PHE A 72 -13.17 -1.82 -15.06
CA PHE A 72 -13.93 -1.78 -16.30
C PHE A 72 -15.39 -2.14 -16.05
N SER A 73 -15.61 -3.35 -15.53
CA SER A 73 -16.97 -3.82 -15.25
C SER A 73 -17.43 -3.33 -13.88
N LYS A 74 -18.48 -2.49 -13.88
CA LYS A 74 -19.02 -1.94 -12.65
C LYS A 74 -20.55 -2.06 -12.63
N GLU A 75 -21.09 -2.44 -11.48
CA GLU A 75 -22.54 -2.58 -11.34
C GLU A 75 -22.92 -2.85 -9.89
N GLN A 76 -23.92 -2.12 -9.40
CA GLN A 76 -24.37 -2.27 -8.03
C GLN A 76 -25.89 -2.09 -7.94
N ARG A 77 -26.51 -2.82 -7.02
CA ARG A 77 -27.96 -2.74 -6.83
C ARG A 77 -28.31 -1.62 -5.85
N SER A 78 -29.30 -0.81 -6.21
CA SER A 78 -29.73 0.30 -5.36
C SER A 78 -30.63 -0.21 -4.23
N GLY A 79 -30.36 0.25 -3.02
CA GLY A 79 -31.16 -0.16 -1.88
C GLY A 79 -31.33 0.95 -0.86
N SER A 80 -32.56 1.11 -0.37
CA SER A 80 -32.86 2.15 0.60
C SER A 80 -34.24 1.93 1.23
N GLY A 81 -34.58 2.76 2.20
CA GLY A 81 -35.86 2.63 2.87
C GLY A 81 -36.18 3.83 3.74
N PRO A 82 -37.47 4.13 3.90
CA PRO A 82 -37.94 5.27 4.71
C PRO A 82 -37.72 5.02 6.21
N SER A 83 -38.13 5.99 7.02
CA SER A 83 -37.97 5.89 8.47
C SER A 83 -39.17 6.52 9.19
N SER A 84 -39.34 6.16 10.45
CA SER A 84 -40.43 6.69 11.26
C SER A 84 -39.95 7.11 12.64
N GLY A 85 -40.84 7.73 13.41
CA GLY A 85 -40.48 8.17 14.75
C GLY A 85 -40.09 9.63 14.79
N GLY A 1 19.85 -3.36 -14.58
CA GLY A 1 19.45 -3.97 -13.33
C GLY A 1 18.27 -4.92 -13.50
N SER A 2 18.57 -6.21 -13.57
CA SER A 2 17.52 -7.21 -13.74
C SER A 2 16.33 -6.91 -12.84
N SER A 3 15.25 -6.42 -13.46
CA SER A 3 14.04 -6.08 -12.71
C SER A 3 13.40 -7.33 -12.13
N GLY A 4 12.59 -7.15 -11.10
CA GLY A 4 11.93 -8.27 -10.45
C GLY A 4 10.41 -8.11 -10.45
N SER A 5 9.84 -7.79 -11.60
CA SER A 5 8.39 -7.61 -11.70
C SER A 5 7.65 -8.82 -11.17
N SER A 6 6.86 -8.61 -10.12
CA SER A 6 6.10 -9.69 -9.51
C SER A 6 4.62 -9.54 -9.81
N GLY A 7 4.02 -8.45 -9.35
CA GLY A 7 2.61 -8.20 -9.59
C GLY A 7 1.99 -7.32 -8.53
N SER A 8 1.19 -7.92 -7.65
CA SER A 8 0.52 -7.16 -6.59
C SER A 8 1.55 -6.43 -5.73
N GLY A 9 1.07 -5.44 -4.98
CA GLY A 9 1.95 -4.67 -4.13
C GLY A 9 1.21 -3.62 -3.32
N TYR A 10 0.10 -4.02 -2.70
CA TYR A 10 -0.70 -3.11 -1.90
C TYR A 10 -1.19 -3.79 -0.62
N VAL A 11 -0.83 -3.22 0.52
CA VAL A 11 -1.22 -3.77 1.81
C VAL A 11 -2.09 -2.78 2.59
N ILE A 12 -3.09 -3.30 3.30
CA ILE A 12 -3.99 -2.47 4.07
C ILE A 12 -3.70 -2.58 5.56
N ALA A 13 -4.04 -1.54 6.31
CA ALA A 13 -3.81 -1.53 7.75
C ALA A 13 -4.94 -2.24 8.50
N LEU A 14 -4.57 -3.10 9.44
CA LEU A 14 -5.55 -3.85 10.22
C LEU A 14 -5.93 -3.08 11.48
N ARG A 15 -4.99 -2.31 12.01
CA ARG A 15 -5.24 -1.52 13.22
C ARG A 15 -4.82 -0.07 13.01
N SER A 16 -5.10 0.77 14.01
CA SER A 16 -4.77 2.18 13.94
C SER A 16 -3.39 2.44 14.54
N TYR A 17 -2.40 2.66 13.68
CA TYR A 17 -1.04 2.93 14.12
C TYR A 17 -0.77 4.42 14.20
N ILE A 18 -1.01 5.00 15.36
CA ILE A 18 -0.79 6.44 15.56
C ILE A 18 0.45 6.69 16.40
N THR A 19 1.40 7.43 15.84
CA THR A 19 2.64 7.74 16.54
C THR A 19 2.98 9.22 16.43
N ASP A 20 3.58 9.78 17.48
CA ASP A 20 3.95 11.18 17.49
C ASP A 20 5.41 11.36 17.04
N ASN A 21 5.89 10.43 16.23
CA ASN A 21 7.25 10.49 15.73
C ASN A 21 7.28 10.72 14.22
N CYS A 22 8.40 11.21 13.72
CA CYS A 22 8.56 11.48 12.30
C CYS A 22 9.07 10.25 11.57
N SER A 23 10.22 9.75 12.00
CA SER A 23 10.82 8.57 11.39
C SER A 23 9.77 7.52 11.06
N LEU A 24 8.86 7.29 12.01
CA LEU A 24 7.80 6.31 11.82
C LEU A 24 6.67 6.89 10.98
N LEU A 25 5.67 6.06 10.68
CA LEU A 25 4.52 6.50 9.89
C LEU A 25 3.22 6.36 10.68
N SER A 26 2.35 7.34 10.56
CA SER A 26 1.07 7.32 11.27
C SER A 26 -0.08 7.16 10.29
N PHE A 27 -0.93 6.18 10.54
CA PHE A 27 -2.09 5.92 9.69
C PHE A 27 -3.24 5.32 10.49
N HIS A 28 -4.42 5.28 9.88
CA HIS A 28 -5.60 4.73 10.54
C HIS A 28 -5.94 3.35 9.98
N ARG A 29 -6.63 2.55 10.78
CA ARG A 29 -7.01 1.20 10.36
C ARG A 29 -7.88 1.24 9.10
N GLY A 30 -7.59 0.36 8.16
CA GLY A 30 -8.35 0.31 6.92
C GLY A 30 -7.69 1.09 5.81
N ASP A 31 -6.84 2.05 6.17
CA ASP A 31 -6.14 2.87 5.19
C ASP A 31 -5.21 2.01 4.35
N LEU A 32 -5.25 2.21 3.04
CA LEU A 32 -4.40 1.45 2.12
C LEU A 32 -3.01 2.06 2.03
N ILE A 33 -2.02 1.35 2.56
CA ILE A 33 -0.64 1.82 2.53
C ILE A 33 0.03 1.51 1.21
N LYS A 34 0.48 2.55 0.51
CA LYS A 34 1.14 2.39 -0.78
C LYS A 34 2.60 1.97 -0.59
N LEU A 35 2.98 0.87 -1.20
CA LEU A 35 4.35 0.36 -1.11
C LEU A 35 5.27 1.10 -2.06
N LEU A 36 5.77 2.25 -1.63
CA LEU A 36 6.66 3.05 -2.44
C LEU A 36 7.94 2.29 -2.78
N PRO A 37 8.55 2.63 -3.94
CA PRO A 37 9.78 1.97 -4.39
C PRO A 37 10.99 2.33 -3.53
N VAL A 38 11.39 1.41 -2.67
CA VAL A 38 12.52 1.62 -1.78
C VAL A 38 13.69 0.72 -2.17
N ALA A 39 14.87 1.33 -2.33
CA ALA A 39 16.07 0.59 -2.70
C ALA A 39 16.27 -0.62 -1.79
N THR A 40 16.16 -0.40 -0.48
CA THR A 40 16.33 -1.48 0.48
C THR A 40 15.66 -1.13 1.82
N LEU A 41 15.18 -2.14 2.52
CA LEU A 41 14.51 -1.95 3.80
C LEU A 41 15.06 -2.92 4.85
N GLU A 42 14.59 -2.77 6.08
CA GLU A 42 15.04 -3.63 7.17
C GLU A 42 14.11 -4.84 7.32
N PRO A 43 14.64 -5.92 7.92
CA PRO A 43 13.88 -7.15 8.13
C PRO A 43 12.79 -6.99 9.17
N GLY A 44 11.59 -6.63 8.71
CA GLY A 44 10.47 -6.44 9.62
C GLY A 44 9.83 -5.07 9.47
N TRP A 45 10.59 -4.12 8.95
CA TRP A 45 10.10 -2.76 8.77
C TRP A 45 9.63 -2.54 7.34
N GLN A 46 8.65 -1.65 7.16
CA GLN A 46 8.11 -1.35 5.84
C GLN A 46 8.15 0.14 5.56
N PHE A 47 8.41 0.50 4.31
CA PHE A 47 8.48 1.90 3.92
C PHE A 47 7.33 2.26 2.97
N GLY A 48 6.62 3.34 3.29
CA GLY A 48 5.51 3.77 2.47
C GLY A 48 4.91 5.09 2.93
N SER A 49 3.77 5.44 2.36
CA SER A 49 3.10 6.69 2.72
C SER A 49 1.68 6.42 3.23
N ALA A 50 1.20 7.32 4.08
CA ALA A 50 -0.15 7.18 4.64
C ALA A 50 -0.55 8.42 5.42
N GLY A 51 -1.70 8.99 5.06
CA GLY A 51 -2.17 10.19 5.73
C GLY A 51 -1.32 11.41 5.41
N GLY A 52 -1.04 11.62 4.13
CA GLY A 52 -0.23 12.76 3.73
C GLY A 52 1.09 12.83 4.48
N ARG A 53 1.70 11.67 4.71
CA ARG A 53 2.96 11.60 5.43
C ARG A 53 3.76 10.38 5.00
N SER A 54 5.03 10.33 5.41
CA SER A 54 5.90 9.21 5.06
C SER A 54 6.69 8.73 6.28
N GLY A 55 7.11 7.48 6.25
CA GLY A 55 7.87 6.93 7.36
C GLY A 55 7.93 5.42 7.33
N LEU A 56 8.42 4.81 8.41
CA LEU A 56 8.53 3.36 8.49
C LEU A 56 7.49 2.79 9.45
N PHE A 57 6.83 1.72 9.01
CA PHE A 57 5.81 1.07 9.83
C PHE A 57 6.03 -0.43 9.89
N PRO A 58 5.57 -1.06 10.98
CA PRO A 58 5.70 -2.51 11.18
C PRO A 58 4.82 -3.31 10.24
N ALA A 59 5.42 -4.29 9.58
CA ALA A 59 4.68 -5.14 8.64
C ALA A 59 4.03 -6.31 9.36
N ASP A 60 3.81 -6.16 10.67
CA ASP A 60 3.19 -7.20 11.47
C ASP A 60 1.77 -6.81 11.88
N ILE A 61 1.29 -5.70 11.32
CA ILE A 61 -0.05 -5.22 11.63
C ILE A 61 -0.84 -4.94 10.36
N VAL A 62 -0.18 -5.09 9.22
CA VAL A 62 -0.83 -4.86 7.93
C VAL A 62 -0.96 -6.16 7.14
N GLN A 63 -2.01 -6.24 6.33
CA GLN A 63 -2.26 -7.43 5.53
C GLN A 63 -2.35 -7.07 4.04
N PRO A 64 -2.03 -8.05 3.18
CA PRO A 64 -2.06 -7.86 1.72
C PRO A 64 -3.48 -7.73 1.19
N ALA A 65 -3.63 -6.97 0.11
CA ALA A 65 -4.94 -6.77 -0.50
C ALA A 65 -4.84 -6.69 -2.02
N ALA A 66 -5.75 -7.36 -2.71
CA ALA A 66 -5.76 -7.37 -4.16
C ALA A 66 -5.40 -6.00 -4.72
N ALA A 67 -4.25 -5.92 -5.40
CA ALA A 67 -3.79 -4.67 -5.98
C ALA A 67 -4.83 -4.10 -6.95
N PRO A 68 -4.92 -2.77 -7.00
CA PRO A 68 -5.88 -2.07 -7.88
C PRO A 68 -5.49 -2.19 -9.35
N ASP A 69 -6.03 -3.22 -10.01
CA ASP A 69 -5.74 -3.45 -11.43
C ASP A 69 -7.00 -3.91 -12.16
N PHE A 70 -6.85 -4.19 -13.45
CA PHE A 70 -7.97 -4.64 -14.27
C PHE A 70 -8.08 -6.16 -14.25
N SER A 71 -9.13 -6.68 -14.89
CA SER A 71 -9.36 -8.12 -14.94
C SER A 71 -10.28 -8.48 -16.09
N PHE A 72 -10.44 -9.78 -16.34
CA PHE A 72 -11.31 -10.25 -17.42
C PHE A 72 -12.68 -10.66 -16.87
N SER A 73 -13.72 -10.40 -17.65
CA SER A 73 -15.08 -10.74 -17.25
C SER A 73 -15.58 -11.97 -18.00
N LYS A 74 -16.63 -12.60 -17.48
CA LYS A 74 -17.20 -13.79 -18.10
C LYS A 74 -18.72 -13.67 -18.19
N GLU A 75 -19.25 -13.87 -19.39
CA GLU A 75 -20.68 -13.80 -19.62
C GLU A 75 -21.44 -14.66 -18.61
N GLN A 76 -21.92 -14.03 -17.55
CA GLN A 76 -22.66 -14.73 -16.51
C GLN A 76 -24.15 -14.78 -16.85
N ARG A 77 -24.74 -15.97 -16.74
CA ARG A 77 -26.16 -16.15 -17.03
C ARG A 77 -26.92 -16.54 -15.77
N SER A 78 -26.44 -17.58 -15.09
CA SER A 78 -27.08 -18.05 -13.87
C SER A 78 -28.56 -18.33 -14.11
N GLY A 79 -28.87 -18.90 -15.26
CA GLY A 79 -30.26 -19.20 -15.59
C GLY A 79 -31.02 -17.99 -16.08
N SER A 80 -32.17 -17.73 -15.48
CA SER A 80 -32.99 -16.58 -15.86
C SER A 80 -33.55 -15.88 -14.62
N GLY A 81 -33.82 -14.58 -14.76
CA GLY A 81 -34.36 -13.82 -13.65
C GLY A 81 -35.87 -13.96 -13.51
N PRO A 82 -36.35 -13.93 -12.27
CA PRO A 82 -37.78 -14.06 -11.96
C PRO A 82 -38.58 -12.84 -12.41
N SER A 83 -37.88 -11.72 -12.60
CA SER A 83 -38.52 -10.49 -13.02
C SER A 83 -39.38 -10.71 -14.27
N SER A 84 -40.59 -10.16 -14.26
CA SER A 84 -41.51 -10.30 -15.38
C SER A 84 -41.15 -9.34 -16.50
N GLY A 85 -41.12 -9.86 -17.74
CA GLY A 85 -40.78 -9.03 -18.88
C GLY A 85 -41.87 -9.05 -19.94
N GLY A 1 13.60 -11.80 -2.66
CA GLY A 1 13.64 -13.23 -2.42
C GLY A 1 12.77 -13.64 -1.25
N SER A 2 13.23 -14.65 -0.49
CA SER A 2 12.49 -15.14 0.65
C SER A 2 11.13 -15.69 0.23
N SER A 3 11.12 -16.43 -0.87
CA SER A 3 9.89 -17.01 -1.40
C SER A 3 8.83 -15.94 -1.61
N GLY A 4 9.24 -14.80 -2.16
CA GLY A 4 8.32 -13.72 -2.42
C GLY A 4 8.41 -13.19 -3.83
N SER A 5 7.51 -12.28 -4.19
CA SER A 5 7.48 -11.70 -5.53
C SER A 5 6.93 -10.29 -5.50
N SER A 6 6.95 -9.62 -6.65
CA SER A 6 6.46 -8.26 -6.76
C SER A 6 5.29 -8.17 -7.73
N GLY A 7 4.70 -6.99 -7.83
CA GLY A 7 3.56 -6.80 -8.73
C GLY A 7 2.36 -6.21 -8.02
N SER A 8 2.02 -4.96 -8.36
CA SER A 8 0.89 -4.29 -7.75
C SER A 8 0.80 -4.60 -6.26
N GLY A 9 1.92 -4.43 -5.56
CA GLY A 9 1.95 -4.70 -4.14
C GLY A 9 1.21 -3.65 -3.34
N TYR A 10 0.17 -4.07 -2.63
CA TYR A 10 -0.63 -3.16 -1.82
C TYR A 10 -1.06 -3.83 -0.51
N VAL A 11 -0.89 -3.12 0.59
CA VAL A 11 -1.26 -3.64 1.91
C VAL A 11 -2.15 -2.65 2.66
N ILE A 12 -3.12 -3.17 3.39
CA ILE A 12 -4.04 -2.34 4.16
C ILE A 12 -3.74 -2.43 5.64
N ALA A 13 -4.17 -1.41 6.39
CA ALA A 13 -3.95 -1.37 7.83
C ALA A 13 -5.02 -2.16 8.57
N LEU A 14 -4.59 -3.14 9.36
CA LEU A 14 -5.51 -3.97 10.12
C LEU A 14 -6.01 -3.24 11.37
N ARG A 15 -5.09 -2.63 12.10
CA ARG A 15 -5.43 -1.90 13.31
C ARG A 15 -4.80 -0.52 13.30
N SER A 16 -5.36 0.40 14.09
CA SER A 16 -4.85 1.76 14.17
C SER A 16 -3.41 1.78 14.66
N TYR A 17 -2.70 2.84 14.35
CA TYR A 17 -1.30 2.98 14.76
C TYR A 17 -0.97 4.44 15.06
N ILE A 18 -0.48 4.69 16.27
CA ILE A 18 -0.11 6.04 16.69
C ILE A 18 1.38 6.14 16.98
N THR A 19 2.05 7.08 16.30
CA THR A 19 3.48 7.27 16.49
C THR A 19 3.78 8.68 16.99
N ASP A 20 4.91 8.83 17.68
CA ASP A 20 5.31 10.13 18.22
C ASP A 20 6.62 10.59 17.60
N ASN A 21 6.87 10.15 16.37
CA ASN A 21 8.09 10.51 15.66
C ASN A 21 7.85 10.56 14.15
N CYS A 22 8.60 11.41 13.47
CA CYS A 22 8.48 11.55 12.02
C CYS A 22 9.00 10.31 11.31
N SER A 23 10.12 9.79 11.80
CA SER A 23 10.73 8.61 11.20
C SER A 23 9.68 7.55 10.88
N LEU A 24 8.88 7.19 11.88
CA LEU A 24 7.84 6.19 11.71
C LEU A 24 6.68 6.76 10.90
N LEU A 25 5.65 5.94 10.69
CA LEU A 25 4.48 6.36 9.94
C LEU A 25 3.21 6.20 10.77
N SER A 26 2.33 7.20 10.70
CA SER A 26 1.08 7.17 11.45
C SER A 26 -0.10 6.90 10.53
N PHE A 27 -1.06 6.10 11.01
CA PHE A 27 -2.24 5.77 10.23
C PHE A 27 -3.26 5.03 11.09
N HIS A 28 -4.49 4.91 10.58
CA HIS A 28 -5.54 4.22 11.29
C HIS A 28 -5.97 2.95 10.55
N ARG A 29 -6.94 2.24 11.11
CA ARG A 29 -7.43 1.01 10.51
C ARG A 29 -8.12 1.29 9.18
N GLY A 30 -7.88 0.43 8.20
CA GLY A 30 -8.48 0.60 6.88
C GLY A 30 -7.57 1.31 5.91
N ASP A 31 -6.99 2.43 6.35
CA ASP A 31 -6.08 3.20 5.50
C ASP A 31 -5.09 2.28 4.79
N LEU A 32 -5.07 2.38 3.46
CA LEU A 32 -4.18 1.56 2.65
C LEU A 32 -2.84 2.26 2.43
N ILE A 33 -1.75 1.58 2.76
CA ILE A 33 -0.42 2.14 2.60
C ILE A 33 0.20 1.71 1.26
N LYS A 34 0.59 2.69 0.46
CA LYS A 34 1.19 2.43 -0.83
C LYS A 34 2.64 1.97 -0.68
N LEU A 35 2.98 0.88 -1.36
CA LEU A 35 4.34 0.34 -1.29
C LEU A 35 5.28 1.11 -2.22
N LEU A 36 5.93 2.13 -1.68
CA LEU A 36 6.86 2.95 -2.46
C LEU A 36 8.16 2.21 -2.70
N PRO A 37 8.83 2.52 -3.83
CA PRO A 37 10.09 1.90 -4.20
C PRO A 37 11.24 2.33 -3.29
N VAL A 38 12.00 1.35 -2.81
CA VAL A 38 13.13 1.62 -1.92
C VAL A 38 14.28 0.66 -2.19
N ALA A 39 15.50 1.17 -2.09
CA ALA A 39 16.69 0.37 -2.32
C ALA A 39 16.89 -0.64 -1.20
N THR A 40 17.03 -0.15 0.03
CA THR A 40 17.23 -1.01 1.18
C THR A 40 16.24 -0.68 2.30
N LEU A 41 15.90 -1.68 3.10
CA LEU A 41 14.97 -1.49 4.20
C LEU A 41 15.43 -2.25 5.44
N GLU A 42 14.62 -2.19 6.49
CA GLU A 42 14.95 -2.86 7.75
C GLU A 42 14.22 -4.19 7.86
N PRO A 43 14.80 -5.13 8.63
CA PRO A 43 14.21 -6.45 8.83
C PRO A 43 12.95 -6.40 9.69
N GLY A 44 11.81 -6.16 9.04
CA GLY A 44 10.54 -6.09 9.76
C GLY A 44 9.91 -4.72 9.68
N TRP A 45 10.30 -3.95 8.67
CA TRP A 45 9.76 -2.60 8.48
C TRP A 45 9.29 -2.40 7.05
N GLN A 46 8.27 -1.57 6.88
CA GLN A 46 7.74 -1.28 5.55
C GLN A 46 7.77 0.20 5.26
N PHE A 47 8.18 0.56 4.05
CA PHE A 47 8.27 1.96 3.63
C PHE A 47 7.17 2.29 2.62
N GLY A 48 6.33 3.26 2.98
CA GLY A 48 5.25 3.65 2.09
C GLY A 48 4.60 4.96 2.51
N SER A 49 3.62 5.41 1.75
CA SER A 49 2.92 6.65 2.03
C SER A 49 1.45 6.40 2.36
N ALA A 50 0.92 7.13 3.33
CA ALA A 50 -0.47 6.98 3.73
C ALA A 50 -1.12 8.33 3.96
N GLY A 51 -2.16 8.62 3.18
CA GLY A 51 -2.85 9.89 3.32
C GLY A 51 -2.06 11.05 2.74
N GLY A 52 -1.06 11.51 3.49
CA GLY A 52 -0.25 12.61 3.05
C GLY A 52 1.07 12.71 3.79
N ARG A 53 1.59 11.56 4.23
CA ARG A 53 2.84 11.52 4.95
C ARG A 53 3.62 10.25 4.61
N SER A 54 4.94 10.30 4.82
CA SER A 54 5.81 9.17 4.52
C SER A 54 6.59 8.74 5.77
N GLY A 55 6.54 7.45 6.08
CA GLY A 55 7.25 6.94 7.24
C GLY A 55 7.47 5.45 7.17
N LEU A 56 7.69 4.83 8.33
CA LEU A 56 7.92 3.39 8.40
C LEU A 56 6.92 2.72 9.35
N PHE A 57 6.31 1.64 8.89
CA PHE A 57 5.34 0.91 9.70
C PHE A 57 5.64 -0.59 9.70
N PRO A 58 5.23 -1.27 10.78
CA PRO A 58 5.45 -2.71 10.93
C PRO A 58 4.60 -3.54 9.95
N ALA A 59 5.20 -4.57 9.37
CA ALA A 59 4.49 -5.42 8.43
C ALA A 59 3.79 -6.57 9.15
N ASP A 60 3.40 -6.33 10.40
CA ASP A 60 2.71 -7.33 11.19
C ASP A 60 1.25 -6.96 11.40
N ILE A 61 1.00 -5.67 11.61
CA ILE A 61 -0.36 -5.18 11.82
C ILE A 61 -1.01 -4.78 10.49
N VAL A 62 -0.43 -5.25 9.39
CA VAL A 62 -0.96 -4.94 8.07
C VAL A 62 -1.11 -6.21 7.23
N GLN A 63 -2.16 -6.26 6.43
CA GLN A 63 -2.43 -7.41 5.58
C GLN A 63 -2.50 -7.01 4.12
N PRO A 64 -2.17 -7.94 3.22
CA PRO A 64 -2.20 -7.72 1.78
C PRO A 64 -3.61 -7.55 1.23
N ALA A 65 -3.77 -6.67 0.25
CA ALA A 65 -5.06 -6.43 -0.36
C ALA A 65 -4.96 -6.30 -1.87
N ALA A 66 -6.02 -6.65 -2.58
CA ALA A 66 -6.04 -6.58 -4.04
C ALA A 66 -6.01 -5.13 -4.51
N ALA A 67 -5.18 -4.86 -5.50
CA ALA A 67 -5.04 -3.51 -6.05
C ALA A 67 -6.39 -2.97 -6.49
N PRO A 68 -6.61 -1.66 -6.30
CA PRO A 68 -7.85 -0.99 -6.67
C PRO A 68 -8.03 -0.89 -8.18
N ASP A 69 -8.76 -1.84 -8.75
CA ASP A 69 -9.01 -1.87 -10.19
C ASP A 69 -10.36 -1.23 -10.52
N PHE A 70 -10.32 -0.17 -11.31
CA PHE A 70 -11.53 0.53 -11.70
C PHE A 70 -12.43 0.79 -10.50
N SER A 71 -11.80 1.11 -9.37
CA SER A 71 -12.55 1.37 -8.13
C SER A 71 -12.43 2.85 -7.75
N PHE A 72 -13.59 3.47 -7.55
CA PHE A 72 -13.64 4.89 -7.17
C PHE A 72 -14.73 5.14 -6.15
N SER A 73 -14.72 6.34 -5.57
CA SER A 73 -15.70 6.71 -4.57
C SER A 73 -15.65 8.21 -4.28
N LYS A 74 -16.73 8.91 -4.60
CA LYS A 74 -16.81 10.35 -4.38
C LYS A 74 -17.15 10.65 -2.93
N GLU A 75 -16.19 11.22 -2.21
CA GLU A 75 -16.39 11.56 -0.80
C GLU A 75 -17.22 12.83 -0.66
N GLN A 76 -16.74 13.92 -1.25
CA GLN A 76 -17.43 15.20 -1.19
C GLN A 76 -17.92 15.50 0.22
N ARG A 77 -17.00 15.41 1.19
CA ARG A 77 -17.35 15.66 2.58
C ARG A 77 -17.05 17.11 2.96
N SER A 78 -16.35 17.81 2.08
CA SER A 78 -15.99 19.20 2.32
C SER A 78 -17.24 20.08 2.38
N GLY A 79 -17.38 20.83 3.49
CA GLY A 79 -18.53 21.69 3.65
C GLY A 79 -18.14 23.09 4.11
N SER A 80 -18.89 23.61 5.08
CA SER A 80 -18.63 24.95 5.61
C SER A 80 -17.52 24.91 6.65
N GLY A 81 -17.01 26.08 7.01
CA GLY A 81 -15.96 26.17 8.00
C GLY A 81 -16.35 26.96 9.22
N PRO A 82 -15.44 27.08 10.19
CA PRO A 82 -15.68 27.83 11.42
C PRO A 82 -15.76 29.33 11.18
N SER A 83 -16.33 30.05 12.15
CA SER A 83 -16.47 31.50 12.05
C SER A 83 -16.57 32.14 13.42
N SER A 84 -16.29 33.44 13.49
CA SER A 84 -16.34 34.16 14.76
C SER A 84 -16.82 35.60 14.53
N GLY A 85 -17.77 36.04 15.35
CA GLY A 85 -18.29 37.39 15.22
C GLY A 85 -17.29 38.43 15.67
N GLY A 1 15.44 -3.34 -22.84
CA GLY A 1 16.60 -2.97 -22.05
C GLY A 1 16.40 -3.25 -20.57
N SER A 2 15.67 -2.37 -19.91
CA SER A 2 15.41 -2.51 -18.48
C SER A 2 14.86 -3.90 -18.17
N SER A 3 15.16 -4.40 -16.97
CA SER A 3 14.70 -5.72 -16.55
C SER A 3 14.20 -5.68 -15.11
N GLY A 4 12.92 -5.99 -14.93
CA GLY A 4 12.33 -5.97 -13.60
C GLY A 4 10.82 -6.00 -13.63
N SER A 5 10.25 -7.17 -13.91
CA SER A 5 8.79 -7.32 -13.98
C SER A 5 8.24 -7.76 -12.63
N SER A 6 7.32 -6.96 -12.09
CA SER A 6 6.70 -7.27 -10.80
C SER A 6 5.21 -6.93 -10.81
N GLY A 7 4.50 -7.41 -9.81
CA GLY A 7 3.08 -7.15 -9.71
C GLY A 7 2.76 -5.95 -8.84
N SER A 8 1.49 -5.82 -8.46
CA SER A 8 1.06 -4.70 -7.62
C SER A 8 1.21 -5.05 -6.14
N GLY A 9 1.81 -4.14 -5.38
CA GLY A 9 2.00 -4.36 -3.96
C GLY A 9 1.27 -3.34 -3.12
N TYR A 10 0.12 -3.75 -2.57
CA TYR A 10 -0.68 -2.87 -1.74
C TYR A 10 -1.15 -3.59 -0.47
N VAL A 11 -0.79 -3.04 0.68
CA VAL A 11 -1.17 -3.62 1.95
C VAL A 11 -2.02 -2.65 2.77
N ILE A 12 -3.04 -3.19 3.43
CA ILE A 12 -3.94 -2.37 4.24
C ILE A 12 -3.63 -2.53 5.72
N ALA A 13 -3.91 -1.49 6.49
CA ALA A 13 -3.66 -1.51 7.93
C ALA A 13 -4.76 -2.28 8.67
N LEU A 14 -4.36 -3.30 9.41
CA LEU A 14 -5.31 -4.12 10.16
C LEU A 14 -5.71 -3.43 11.47
N ARG A 15 -4.79 -2.64 12.01
CA ARG A 15 -5.05 -1.92 13.26
C ARG A 15 -4.65 -0.45 13.13
N SER A 16 -4.78 0.29 14.22
CA SER A 16 -4.43 1.71 14.23
C SER A 16 -3.04 1.93 14.81
N TYR A 17 -2.18 2.61 14.05
CA TYR A 17 -0.82 2.89 14.48
C TYR A 17 -0.64 4.36 14.80
N ILE A 18 -1.07 4.76 15.99
CA ILE A 18 -0.94 6.14 16.43
C ILE A 18 0.40 6.39 17.12
N THR A 19 1.23 7.22 16.49
CA THR A 19 2.54 7.54 17.03
C THR A 19 2.91 8.98 16.76
N ASP A 20 3.58 9.62 17.71
CA ASP A 20 4.00 11.01 17.56
C ASP A 20 5.47 11.09 17.16
N ASN A 21 5.90 10.16 16.32
CA ASN A 21 7.28 10.14 15.85
C ASN A 21 7.34 10.17 14.33
N CYS A 22 8.09 11.15 13.80
CA CYS A 22 8.22 11.30 12.36
C CYS A 22 8.81 10.03 11.72
N SER A 23 9.83 9.48 12.38
CA SER A 23 10.48 8.27 11.88
C SER A 23 9.45 7.22 11.48
N LEU A 24 8.44 7.03 12.33
CA LEU A 24 7.39 6.06 12.06
C LEU A 24 6.24 6.70 11.27
N LEU A 25 5.35 5.86 10.77
CA LEU A 25 4.21 6.34 10.00
C LEU A 25 2.93 6.35 10.83
N SER A 26 2.24 7.47 10.83
CA SER A 26 1.00 7.61 11.60
C SER A 26 -0.22 7.35 10.71
N PHE A 27 -0.74 6.14 10.78
CA PHE A 27 -1.91 5.76 9.99
C PHE A 27 -2.93 5.04 10.85
N HIS A 28 -4.19 5.04 10.40
CA HIS A 28 -5.27 4.39 11.13
C HIS A 28 -5.66 3.08 10.45
N ARG A 29 -6.52 2.31 11.12
CA ARG A 29 -6.96 1.03 10.59
C ARG A 29 -7.74 1.21 9.30
N GLY A 30 -7.40 0.41 8.28
CA GLY A 30 -8.07 0.51 7.00
C GLY A 30 -7.32 1.38 6.02
N ASP A 31 -6.65 2.40 6.52
CA ASP A 31 -5.88 3.31 5.68
C ASP A 31 -4.92 2.54 4.79
N LEU A 32 -5.30 2.37 3.52
CA LEU A 32 -4.47 1.65 2.56
C LEU A 32 -3.11 2.31 2.42
N ILE A 33 -2.07 1.61 2.89
CA ILE A 33 -0.70 2.13 2.81
C ILE A 33 -0.10 1.85 1.44
N LYS A 34 0.26 2.92 0.73
CA LYS A 34 0.86 2.79 -0.60
C LYS A 34 2.32 2.39 -0.49
N LEU A 35 2.68 1.28 -1.12
CA LEU A 35 4.05 0.79 -1.10
C LEU A 35 4.94 1.60 -2.03
N LEU A 36 5.96 2.24 -1.46
CA LEU A 36 6.88 3.05 -2.25
C LEU A 36 8.10 2.23 -2.67
N PRO A 37 8.64 2.56 -3.86
CA PRO A 37 9.82 1.87 -4.40
C PRO A 37 11.09 2.19 -3.63
N VAL A 38 11.55 1.22 -2.84
CA VAL A 38 12.76 1.41 -2.05
C VAL A 38 13.78 0.31 -2.34
N ALA A 39 15.05 0.71 -2.45
CA ALA A 39 16.12 -0.24 -2.73
C ALA A 39 16.25 -1.27 -1.60
N THR A 40 16.60 -0.80 -0.41
CA THR A 40 16.76 -1.67 0.74
C THR A 40 15.88 -1.22 1.90
N LEU A 41 15.37 -2.19 2.66
CA LEU A 41 14.51 -1.89 3.80
C LEU A 41 15.02 -2.59 5.06
N GLU A 42 14.40 -2.27 6.20
CA GLU A 42 14.80 -2.87 7.47
C GLU A 42 14.10 -4.21 7.68
N PRO A 43 14.66 -5.04 8.57
CA PRO A 43 14.12 -6.37 8.88
C PRO A 43 12.79 -6.28 9.63
N GLY A 44 11.69 -6.47 8.91
CA GLY A 44 10.38 -6.41 9.52
C GLY A 44 9.79 -5.01 9.50
N TRP A 45 10.13 -4.24 8.49
CA TRP A 45 9.64 -2.87 8.35
C TRP A 45 9.15 -2.60 6.94
N GLN A 46 8.31 -1.58 6.78
CA GLN A 46 7.79 -1.21 5.47
C GLN A 46 7.83 0.30 5.27
N PHE A 47 8.27 0.72 4.09
CA PHE A 47 8.36 2.14 3.77
C PHE A 47 7.33 2.53 2.71
N GLY A 48 6.45 3.45 3.06
CA GLY A 48 5.43 3.89 2.13
C GLY A 48 4.74 5.17 2.58
N SER A 49 3.71 5.57 1.85
CA SER A 49 2.97 6.79 2.18
C SER A 49 1.54 6.45 2.59
N ALA A 50 1.06 7.11 3.64
CA ALA A 50 -0.29 6.88 4.15
C ALA A 50 -1.01 8.20 4.38
N GLY A 51 -1.34 8.90 3.29
CA GLY A 51 -2.03 10.17 3.40
C GLY A 51 -1.11 11.35 3.18
N GLY A 52 -0.29 11.27 2.13
CA GLY A 52 0.63 12.35 1.82
C GLY A 52 1.91 12.26 2.63
N ARG A 53 1.81 11.72 3.85
CA ARG A 53 2.96 11.59 4.72
C ARG A 53 3.55 10.19 4.62
N SER A 54 4.88 10.10 4.59
CA SER A 54 5.56 8.82 4.50
C SER A 54 6.24 8.47 5.82
N GLY A 55 6.38 7.18 6.09
CA GLY A 55 7.02 6.73 7.32
C GLY A 55 7.35 5.25 7.29
N LEU A 56 7.96 4.77 8.37
CA LEU A 56 8.35 3.36 8.46
C LEU A 56 7.47 2.64 9.48
N PHE A 57 6.57 1.80 8.97
CA PHE A 57 5.67 1.04 9.84
C PHE A 57 6.01 -0.45 9.80
N PRO A 58 5.69 -1.16 10.90
CA PRO A 58 5.95 -2.59 11.02
C PRO A 58 5.06 -3.43 10.10
N ALA A 59 5.63 -4.46 9.51
CA ALA A 59 4.89 -5.35 8.62
C ALA A 59 4.27 -6.51 9.39
N ASP A 60 3.90 -6.27 10.64
CA ASP A 60 3.31 -7.30 11.48
C ASP A 60 1.91 -6.88 11.92
N ILE A 61 1.43 -5.76 11.38
CA ILE A 61 0.11 -5.26 11.72
C ILE A 61 -0.68 -4.86 10.47
N VAL A 62 -0.20 -5.31 9.32
CA VAL A 62 -0.84 -5.00 8.05
C VAL A 62 -1.00 -6.26 7.19
N GLN A 63 -2.07 -6.30 6.42
CA GLN A 63 -2.34 -7.45 5.55
C GLN A 63 -2.39 -7.03 4.08
N PRO A 64 -2.04 -7.96 3.19
CA PRO A 64 -2.03 -7.70 1.74
C PRO A 64 -3.44 -7.54 1.17
N ALA A 65 -3.56 -6.70 0.16
CA ALA A 65 -4.85 -6.47 -0.48
C ALA A 65 -4.70 -6.21 -1.98
N ALA A 66 -5.75 -6.50 -2.73
CA ALA A 66 -5.72 -6.31 -4.19
C ALA A 66 -5.83 -4.82 -4.53
N ALA A 67 -5.02 -4.40 -5.50
CA ALA A 67 -5.02 -3.01 -5.93
C ALA A 67 -6.42 -2.58 -6.38
N PRO A 68 -6.77 -1.31 -6.10
CA PRO A 68 -8.07 -0.76 -6.46
C PRO A 68 -8.22 -0.56 -7.97
N ASP A 69 -7.11 -0.67 -8.68
CA ASP A 69 -7.10 -0.50 -10.12
C ASP A 69 -8.31 -1.19 -10.76
N PHE A 70 -9.15 -0.41 -11.43
CA PHE A 70 -10.34 -0.94 -12.07
C PHE A 70 -9.98 -1.81 -13.27
N SER A 71 -10.77 -2.85 -13.51
CA SER A 71 -10.53 -3.76 -14.62
C SER A 71 -11.84 -4.17 -15.28
N PHE A 72 -11.78 -4.45 -16.58
CA PHE A 72 -12.96 -4.85 -17.34
C PHE A 72 -13.29 -6.31 -17.07
N SER A 73 -14.57 -6.65 -17.16
CA SER A 73 -15.03 -8.02 -16.92
C SER A 73 -14.88 -8.86 -18.19
N LYS A 74 -14.81 -8.19 -19.33
CA LYS A 74 -14.66 -8.88 -20.61
C LYS A 74 -15.48 -10.15 -20.64
N GLU A 75 -16.77 -10.04 -20.31
CA GLU A 75 -17.66 -11.19 -20.30
C GLU A 75 -18.79 -11.00 -21.29
N GLN A 76 -18.79 -11.81 -22.35
CA GLN A 76 -19.81 -11.73 -23.39
C GLN A 76 -19.94 -13.06 -24.13
N ARG A 77 -21.17 -13.49 -24.35
CA ARG A 77 -21.43 -14.75 -25.04
C ARG A 77 -20.63 -15.89 -24.42
N SER A 78 -20.63 -15.95 -23.09
CA SER A 78 -19.91 -16.98 -22.37
C SER A 78 -20.84 -17.73 -21.41
N GLY A 79 -20.88 -19.05 -21.55
CA GLY A 79 -21.73 -19.87 -20.70
C GLY A 79 -22.23 -21.11 -21.40
N SER A 80 -22.68 -22.08 -20.61
CA SER A 80 -23.18 -23.34 -21.17
C SER A 80 -24.48 -23.76 -20.48
N GLY A 81 -25.39 -24.35 -21.25
CA GLY A 81 -26.66 -24.78 -20.69
C GLY A 81 -26.78 -26.29 -20.63
N PRO A 82 -26.20 -26.90 -19.59
CA PRO A 82 -26.23 -28.35 -19.40
C PRO A 82 -27.62 -28.86 -19.05
N SER A 83 -27.76 -30.18 -18.97
CA SER A 83 -29.05 -30.78 -18.64
C SER A 83 -28.85 -32.22 -18.16
N SER A 84 -29.82 -32.71 -17.39
CA SER A 84 -29.76 -34.07 -16.86
C SER A 84 -30.66 -35.01 -17.66
N GLY A 85 -30.59 -36.30 -17.34
CA GLY A 85 -31.41 -37.27 -18.05
C GLY A 85 -32.48 -37.88 -17.16
N GLY A 1 -0.35 -21.15 -4.10
CA GLY A 1 0.54 -20.19 -3.48
C GLY A 1 1.08 -19.18 -4.46
N SER A 2 1.81 -18.19 -3.95
CA SER A 2 2.38 -17.15 -4.79
C SER A 2 3.53 -16.44 -4.07
N SER A 3 4.27 -15.62 -4.81
CA SER A 3 5.39 -14.88 -4.25
C SER A 3 4.91 -13.77 -3.32
N GLY A 4 5.73 -13.41 -2.34
CA GLY A 4 5.37 -12.37 -1.41
C GLY A 4 5.19 -11.03 -2.08
N SER A 5 6.26 -10.52 -2.69
CA SER A 5 6.22 -9.24 -3.38
C SER A 5 6.11 -9.42 -4.89
N SER A 6 5.11 -8.78 -5.49
CA SER A 6 4.89 -8.88 -6.93
C SER A 6 4.23 -7.62 -7.46
N GLY A 7 4.34 -7.41 -8.77
CA GLY A 7 3.75 -6.24 -9.39
C GLY A 7 4.10 -4.95 -8.66
N SER A 8 3.08 -4.19 -8.29
CA SER A 8 3.29 -2.93 -7.59
C SER A 8 3.43 -3.16 -6.08
N GLY A 9 2.37 -3.67 -5.46
CA GLY A 9 2.40 -3.94 -4.04
C GLY A 9 1.51 -2.99 -3.25
N TYR A 10 0.48 -3.53 -2.62
CA TYR A 10 -0.45 -2.73 -1.84
C TYR A 10 -0.97 -3.51 -0.64
N VAL A 11 -0.74 -2.97 0.55
CA VAL A 11 -1.19 -3.61 1.78
C VAL A 11 -2.09 -2.69 2.58
N ILE A 12 -3.14 -3.26 3.18
CA ILE A 12 -4.07 -2.49 3.98
C ILE A 12 -3.83 -2.71 5.47
N ALA A 13 -3.97 -1.64 6.25
CA ALA A 13 -3.77 -1.70 7.69
C ALA A 13 -4.95 -2.38 8.38
N LEU A 14 -4.68 -3.02 9.50
CA LEU A 14 -5.72 -3.71 10.26
C LEU A 14 -6.01 -3.00 11.58
N ARG A 15 -4.96 -2.41 12.16
CA ARG A 15 -5.09 -1.69 13.42
C ARG A 15 -4.58 -0.26 13.28
N SER A 16 -4.89 0.57 14.27
CA SER A 16 -4.47 1.97 14.27
C SER A 16 -3.05 2.10 14.83
N TYR A 17 -2.18 2.74 14.06
CA TYR A 17 -0.80 2.94 14.48
C TYR A 17 -0.47 4.43 14.59
N ILE A 18 -0.52 4.95 15.81
CA ILE A 18 -0.23 6.35 16.04
C ILE A 18 1.16 6.53 16.63
N THR A 19 1.98 7.36 15.98
CA THR A 19 3.33 7.62 16.44
C THR A 19 3.61 9.12 16.53
N ASP A 20 4.57 9.49 17.37
CA ASP A 20 4.93 10.90 17.54
C ASP A 20 6.34 11.16 17.01
N ASN A 21 6.68 10.49 15.92
CA ASN A 21 8.01 10.66 15.31
C ASN A 21 7.88 10.97 13.82
N CYS A 22 8.90 11.62 13.27
CA CYS A 22 8.91 11.98 11.86
C CYS A 22 9.47 10.85 11.02
N SER A 23 10.17 9.92 11.67
CA SER A 23 10.78 8.78 10.98
C SER A 23 9.73 7.69 10.73
N LEU A 24 8.88 7.45 11.72
CA LEU A 24 7.85 6.44 11.61
C LEU A 24 6.65 6.95 10.83
N LEU A 25 5.66 6.09 10.61
CA LEU A 25 4.46 6.47 9.88
C LEU A 25 3.22 6.32 10.75
N SER A 26 2.34 7.31 10.70
CA SER A 26 1.12 7.29 11.49
C SER A 26 -0.10 7.07 10.59
N PHE A 27 -0.91 6.07 10.92
CA PHE A 27 -2.10 5.76 10.14
C PHE A 27 -3.16 5.07 11.01
N HIS A 28 -4.33 4.86 10.44
CA HIS A 28 -5.43 4.21 11.16
C HIS A 28 -5.68 2.81 10.62
N ARG A 29 -6.72 2.17 11.14
CA ARG A 29 -7.07 0.82 10.70
C ARG A 29 -7.93 0.87 9.44
N GLY A 30 -7.64 -0.03 8.50
CA GLY A 30 -8.39 -0.08 7.26
C GLY A 30 -7.83 0.85 6.20
N ASP A 31 -6.86 1.67 6.59
CA ASP A 31 -6.23 2.61 5.68
C ASP A 31 -5.22 1.91 4.78
N LEU A 32 -5.46 2.00 3.47
CA LEU A 32 -4.56 1.36 2.49
C LEU A 32 -3.24 2.12 2.40
N ILE A 33 -2.15 1.42 2.72
CA ILE A 33 -0.83 2.02 2.65
C ILE A 33 -0.13 1.70 1.34
N LYS A 34 0.23 2.74 0.59
CA LYS A 34 0.90 2.57 -0.69
C LYS A 34 2.38 2.23 -0.49
N LEU A 35 2.87 1.26 -1.24
CA LEU A 35 4.26 0.85 -1.15
C LEU A 35 5.15 1.70 -2.05
N LEU A 36 5.94 2.58 -1.44
CA LEU A 36 6.84 3.45 -2.19
C LEU A 36 8.11 2.71 -2.59
N PRO A 37 8.76 3.19 -3.66
CA PRO A 37 10.00 2.59 -4.17
C PRO A 37 11.18 2.81 -3.23
N VAL A 38 11.64 1.73 -2.61
CA VAL A 38 12.77 1.80 -1.69
C VAL A 38 13.87 0.83 -2.09
N ALA A 39 15.11 1.16 -1.71
CA ALA A 39 16.25 0.31 -2.04
C ALA A 39 16.47 -0.74 -0.95
N THR A 40 16.66 -0.30 0.29
CA THR A 40 16.87 -1.20 1.41
C THR A 40 15.79 -1.05 2.46
N LEU A 41 15.41 -2.17 3.07
CA LEU A 41 14.38 -2.16 4.10
C LEU A 41 14.79 -3.03 5.29
N GLU A 42 13.99 -3.00 6.35
CA GLU A 42 14.27 -3.78 7.55
C GLU A 42 13.40 -5.04 7.59
N PRO A 43 13.92 -6.10 8.22
CA PRO A 43 13.22 -7.37 8.35
C PRO A 43 12.01 -7.28 9.28
N GLY A 44 10.89 -6.79 8.74
CA GLY A 44 9.69 -6.65 9.54
C GLY A 44 9.10 -5.26 9.48
N TRP A 45 9.62 -4.45 8.57
CA TRP A 45 9.14 -3.08 8.41
C TRP A 45 8.64 -2.84 6.99
N GLN A 46 8.01 -1.68 6.77
CA GLN A 46 7.48 -1.34 5.47
C GLN A 46 7.56 0.17 5.22
N PHE A 47 8.09 0.55 4.06
CA PHE A 47 8.22 1.96 3.72
C PHE A 47 7.15 2.38 2.71
N GLY A 48 6.37 3.40 3.08
CA GLY A 48 5.32 3.88 2.20
C GLY A 48 4.70 5.16 2.70
N SER A 49 3.58 5.56 2.09
CA SER A 49 2.88 6.78 2.47
C SER A 49 1.38 6.54 2.56
N ALA A 50 0.77 7.01 3.65
CA ALA A 50 -0.66 6.85 3.86
C ALA A 50 -1.33 8.20 4.11
N GLY A 51 -2.14 8.64 3.15
CA GLY A 51 -2.83 9.91 3.30
C GLY A 51 -1.97 11.08 2.86
N GLY A 52 -1.03 11.47 3.71
CA GLY A 52 -0.16 12.60 3.38
C GLY A 52 1.11 12.60 4.21
N ARG A 53 1.42 11.45 4.81
CA ARG A 53 2.61 11.33 5.64
C ARG A 53 3.50 10.20 5.14
N SER A 54 4.81 10.36 5.31
CA SER A 54 5.78 9.36 4.86
C SER A 54 6.57 8.80 6.05
N GLY A 55 6.69 7.47 6.09
CA GLY A 55 7.42 6.85 7.18
C GLY A 55 7.31 5.33 7.15
N LEU A 56 8.21 4.66 7.86
CA LEU A 56 8.20 3.20 7.91
C LEU A 56 7.18 2.70 8.92
N PHE A 57 6.75 1.46 8.75
CA PHE A 57 5.78 0.85 9.66
C PHE A 57 5.95 -0.66 9.71
N PRO A 58 5.56 -1.26 10.85
CA PRO A 58 5.67 -2.71 11.06
C PRO A 58 4.68 -3.49 10.20
N ALA A 59 5.19 -4.46 9.45
CA ALA A 59 4.35 -5.28 8.59
C ALA A 59 3.63 -6.36 9.39
N ASP A 60 3.68 -6.24 10.71
CA ASP A 60 3.03 -7.21 11.59
C ASP A 60 1.66 -6.70 12.04
N ILE A 61 1.25 -5.57 11.48
CA ILE A 61 -0.03 -4.98 11.83
C ILE A 61 -0.87 -4.71 10.58
N VAL A 62 -0.31 -5.07 9.42
CA VAL A 62 -1.01 -4.87 8.15
C VAL A 62 -1.09 -6.18 7.37
N GLN A 63 -2.09 -6.26 6.49
CA GLN A 63 -2.29 -7.45 5.67
C GLN A 63 -2.18 -7.12 4.19
N PRO A 64 -1.73 -8.11 3.39
CA PRO A 64 -1.58 -7.95 1.94
C PRO A 64 -2.93 -7.85 1.22
N ALA A 65 -2.94 -7.12 0.12
CA ALA A 65 -4.17 -6.95 -0.66
C ALA A 65 -3.85 -6.77 -2.14
N ALA A 66 -4.89 -6.81 -2.97
CA ALA A 66 -4.73 -6.67 -4.41
C ALA A 66 -4.26 -5.26 -4.76
N ALA A 67 -3.36 -5.17 -5.74
CA ALA A 67 -2.83 -3.88 -6.18
C ALA A 67 -3.79 -3.20 -7.14
N PRO A 68 -3.81 -1.85 -7.10
CA PRO A 68 -4.68 -1.05 -7.97
C PRO A 68 -4.24 -1.10 -9.43
N ASP A 69 -4.92 -1.94 -10.21
CA ASP A 69 -4.61 -2.08 -11.63
C ASP A 69 -4.50 -0.71 -12.31
N PHE A 70 -4.05 -0.71 -13.56
CA PHE A 70 -3.90 0.53 -14.31
C PHE A 70 -4.98 0.65 -15.38
N SER A 71 -5.34 -0.48 -15.97
CA SER A 71 -6.36 -0.50 -17.01
C SER A 71 -6.30 0.77 -17.86
N PHE A 72 -5.10 1.10 -18.32
CA PHE A 72 -4.90 2.29 -19.14
C PHE A 72 -5.57 3.51 -18.50
N SER A 73 -5.36 3.69 -17.20
CA SER A 73 -5.94 4.81 -16.48
C SER A 73 -5.04 6.04 -16.56
N LYS A 74 -5.31 6.89 -17.54
CA LYS A 74 -4.53 8.10 -17.73
C LYS A 74 -5.30 9.34 -17.26
N GLU A 75 -4.58 10.29 -16.69
CA GLU A 75 -5.20 11.52 -16.19
C GLU A 75 -4.79 12.72 -17.03
N GLN A 76 -5.69 13.69 -17.16
CA GLN A 76 -5.41 14.89 -17.95
C GLN A 76 -4.04 15.45 -17.62
N ARG A 77 -3.20 15.55 -18.63
CA ARG A 77 -1.84 16.09 -18.45
C ARG A 77 -1.79 17.57 -18.77
N SER A 78 -2.54 17.98 -19.80
CA SER A 78 -2.56 19.38 -20.21
C SER A 78 -1.16 19.94 -20.38
N GLY A 79 -0.33 19.22 -21.13
CA GLY A 79 1.04 19.65 -21.36
C GLY A 79 1.82 19.79 -20.06
N SER A 80 2.53 18.74 -19.69
CA SER A 80 3.33 18.75 -18.47
C SER A 80 4.55 17.84 -18.59
N GLY A 81 5.57 18.12 -17.81
CA GLY A 81 6.78 17.30 -17.85
C GLY A 81 7.84 17.81 -16.89
N PRO A 82 8.62 16.87 -16.32
CA PRO A 82 9.69 17.20 -15.37
C PRO A 82 10.87 17.90 -16.05
N SER A 83 11.66 18.62 -15.26
CA SER A 83 12.81 19.33 -15.78
C SER A 83 14.09 18.53 -15.57
N SER A 84 13.99 17.21 -15.70
CA SER A 84 15.13 16.33 -15.53
C SER A 84 16.36 16.86 -16.27
N GLY A 85 16.15 17.22 -17.54
CA GLY A 85 17.23 17.74 -18.34
C GLY A 85 17.01 17.54 -19.83
N GLY A 1 12.23 -11.62 -22.38
CA GLY A 1 11.38 -10.47 -22.14
C GLY A 1 12.16 -9.18 -21.97
N SER A 2 11.82 -8.17 -22.76
CA SER A 2 12.50 -6.88 -22.70
C SER A 2 11.52 -5.76 -22.38
N SER A 3 10.44 -5.69 -23.16
CA SER A 3 9.43 -4.66 -22.96
C SER A 3 8.22 -5.23 -22.23
N GLY A 4 8.47 -6.07 -21.24
CA GLY A 4 7.38 -6.67 -20.47
C GLY A 4 7.67 -6.66 -18.98
N SER A 5 6.83 -5.94 -18.24
CA SER A 5 6.99 -5.85 -16.78
C SER A 5 5.63 -6.00 -16.09
N SER A 6 5.67 -6.54 -14.87
CA SER A 6 4.45 -6.75 -14.10
C SER A 6 4.79 -7.01 -12.62
N GLY A 7 4.35 -6.11 -11.76
CA GLY A 7 4.61 -6.26 -10.34
C GLY A 7 3.97 -5.16 -9.51
N SER A 8 3.05 -5.53 -8.64
CA SER A 8 2.36 -4.57 -7.79
C SER A 8 2.46 -4.97 -6.32
N GLY A 9 2.04 -4.07 -5.44
CA GLY A 9 2.10 -4.34 -4.02
C GLY A 9 1.29 -3.34 -3.20
N TYR A 10 0.28 -3.83 -2.50
CA TYR A 10 -0.57 -2.97 -1.68
C TYR A 10 -1.00 -3.68 -0.40
N VAL A 11 -0.96 -2.96 0.71
CA VAL A 11 -1.35 -3.53 2.00
C VAL A 11 -2.22 -2.56 2.79
N ILE A 12 -3.11 -3.10 3.61
CA ILE A 12 -4.00 -2.29 4.42
C ILE A 12 -3.61 -2.32 5.88
N ALA A 13 -3.98 -1.28 6.62
CA ALA A 13 -3.67 -1.20 8.04
C ALA A 13 -4.61 -2.08 8.86
N LEU A 14 -4.04 -2.84 9.79
CA LEU A 14 -4.82 -3.73 10.64
C LEU A 14 -5.17 -3.05 11.96
N ARG A 15 -4.23 -2.27 12.48
CA ARG A 15 -4.44 -1.55 13.74
C ARG A 15 -4.04 -0.09 13.61
N SER A 16 -4.60 0.75 14.48
CA SER A 16 -4.30 2.17 14.46
C SER A 16 -2.88 2.44 14.95
N TYR A 17 -1.92 2.42 14.04
CA TYR A 17 -0.52 2.65 14.38
C TYR A 17 -0.29 4.11 14.71
N ILE A 18 -0.77 4.54 15.88
CA ILE A 18 -0.61 5.92 16.31
C ILE A 18 0.81 6.18 16.79
N THR A 19 1.53 7.01 16.05
CA THR A 19 2.91 7.34 16.39
C THR A 19 3.06 8.83 16.70
N ASP A 20 4.01 9.17 17.56
CA ASP A 20 4.25 10.55 17.93
C ASP A 20 5.59 11.04 17.38
N ASN A 21 6.10 10.35 16.36
CA ASN A 21 7.36 10.71 15.75
C ASN A 21 7.25 10.73 14.23
N CYS A 22 8.13 11.49 13.58
CA CYS A 22 8.12 11.59 12.13
C CYS A 22 8.71 10.34 11.49
N SER A 23 9.87 9.92 11.99
CA SER A 23 10.56 8.75 11.47
C SER A 23 9.55 7.63 11.17
N LEU A 24 8.58 7.48 12.06
CA LEU A 24 7.55 6.45 11.91
C LEU A 24 6.36 6.98 11.11
N LEU A 25 5.44 6.08 10.76
CA LEU A 25 4.26 6.45 10.00
C LEU A 25 3.01 6.42 10.88
N SER A 26 2.13 7.40 10.67
CA SER A 26 0.90 7.48 11.45
C SER A 26 -0.32 7.27 10.56
N PHE A 27 -0.95 6.11 10.70
CA PHE A 27 -2.14 5.78 9.91
C PHE A 27 -3.19 5.09 10.77
N HIS A 28 -4.39 4.97 10.23
CA HIS A 28 -5.49 4.33 10.94
C HIS A 28 -5.90 3.02 10.25
N ARG A 29 -6.41 2.09 11.04
CA ARG A 29 -6.84 0.79 10.52
C ARG A 29 -7.73 0.97 9.29
N GLY A 30 -7.37 0.30 8.19
CA GLY A 30 -8.15 0.40 6.97
C GLY A 30 -7.47 1.27 5.94
N ASP A 31 -6.54 2.10 6.38
CA ASP A 31 -5.83 2.99 5.47
C ASP A 31 -4.89 2.22 4.56
N LEU A 32 -5.11 2.35 3.25
CA LEU A 32 -4.30 1.64 2.27
C LEU A 32 -2.91 2.28 2.16
N ILE A 33 -1.89 1.54 2.60
CA ILE A 33 -0.52 2.03 2.55
C ILE A 33 0.13 1.71 1.22
N LYS A 34 0.48 2.74 0.46
CA LYS A 34 1.11 2.55 -0.84
C LYS A 34 2.60 2.23 -0.68
N LEU A 35 3.01 1.11 -1.25
CA LEU A 35 4.41 0.68 -1.17
C LEU A 35 5.29 1.54 -2.07
N LEU A 36 6.14 2.35 -1.46
CA LEU A 36 7.05 3.21 -2.20
C LEU A 36 8.33 2.48 -2.57
N PRO A 37 8.98 2.92 -3.65
CA PRO A 37 10.23 2.33 -4.12
C PRO A 37 11.41 2.62 -3.20
N VAL A 38 11.85 1.59 -2.47
CA VAL A 38 12.96 1.73 -1.54
C VAL A 38 14.08 0.77 -1.88
N ALA A 39 15.32 1.25 -1.79
CA ALA A 39 16.48 0.43 -2.09
C ALA A 39 16.48 -0.85 -1.25
N THR A 40 16.38 -0.70 0.06
CA THR A 40 16.37 -1.84 0.96
C THR A 40 15.62 -1.52 2.25
N LEU A 41 15.21 -2.56 2.97
CA LEU A 41 14.48 -2.37 4.22
C LEU A 41 14.74 -3.54 5.17
N GLU A 42 14.13 -3.48 6.36
CA GLU A 42 14.29 -4.53 7.34
C GLU A 42 13.18 -5.57 7.23
N PRO A 43 13.44 -6.77 7.76
CA PRO A 43 12.48 -7.88 7.73
C PRO A 43 11.28 -7.63 8.64
N GLY A 44 11.28 -6.48 9.31
CA GLY A 44 10.18 -6.14 10.20
C GLY A 44 9.75 -4.70 10.06
N TRP A 45 10.11 -4.08 8.94
CA TRP A 45 9.76 -2.69 8.69
C TRP A 45 9.26 -2.50 7.27
N GLN A 46 8.57 -1.38 7.03
CA GLN A 46 8.05 -1.09 5.70
C GLN A 46 8.15 0.41 5.40
N PHE A 47 8.24 0.75 4.12
CA PHE A 47 8.34 2.14 3.69
C PHE A 47 7.30 2.46 2.62
N GLY A 48 6.35 3.32 2.95
CA GLY A 48 5.32 3.70 2.01
C GLY A 48 4.61 4.98 2.41
N SER A 49 3.67 5.42 1.57
CA SER A 49 2.93 6.64 1.84
C SER A 49 1.47 6.33 2.15
N ALA A 50 0.91 7.04 3.12
CA ALA A 50 -0.48 6.85 3.52
C ALA A 50 -1.11 8.15 4.00
N GLY A 51 -2.22 8.54 3.39
CA GLY A 51 -2.90 9.76 3.78
C GLY A 51 -2.02 10.99 3.60
N GLY A 52 -1.31 11.05 2.46
CA GLY A 52 -0.44 12.18 2.19
C GLY A 52 0.69 12.28 3.20
N ARG A 53 1.03 11.17 3.84
CA ARG A 53 2.10 11.16 4.82
C ARG A 53 3.12 10.05 4.51
N SER A 54 4.32 10.20 5.05
CA SER A 54 5.38 9.23 4.83
C SER A 54 6.08 8.86 6.13
N GLY A 55 6.50 7.60 6.24
CA GLY A 55 7.17 7.14 7.44
C GLY A 55 7.43 5.65 7.42
N LEU A 56 7.96 5.13 8.53
CA LEU A 56 8.26 3.71 8.64
C LEU A 56 7.24 3.00 9.51
N PHE A 57 6.89 1.77 9.12
CA PHE A 57 5.91 0.98 9.86
C PHE A 57 6.22 -0.51 9.75
N PRO A 58 5.86 -1.26 10.81
CA PRO A 58 6.09 -2.71 10.84
C PRO A 58 5.19 -3.47 9.88
N ALA A 59 5.77 -4.44 9.19
CA ALA A 59 5.02 -5.25 8.22
C ALA A 59 4.30 -6.40 8.92
N ASP A 60 4.05 -6.24 10.20
CA ASP A 60 3.36 -7.27 10.98
C ASP A 60 1.94 -6.83 11.33
N ILE A 61 1.71 -5.52 11.29
CA ILE A 61 0.39 -4.97 11.60
C ILE A 61 -0.36 -4.61 10.33
N VAL A 62 0.06 -5.17 9.21
CA VAL A 62 -0.58 -4.91 7.92
C VAL A 62 -0.79 -6.18 7.13
N GLN A 63 -1.80 -6.19 6.27
CA GLN A 63 -2.10 -7.36 5.45
C GLN A 63 -2.37 -6.95 4.01
N PRO A 64 -2.06 -7.87 3.07
CA PRO A 64 -2.26 -7.62 1.64
C PRO A 64 -3.73 -7.58 1.25
N ALA A 65 -4.07 -6.70 0.31
CA ALA A 65 -5.44 -6.56 -0.14
C ALA A 65 -5.54 -6.77 -1.65
N ALA A 66 -5.11 -5.78 -2.42
CA ALA A 66 -5.15 -5.86 -3.87
C ALA A 66 -4.46 -4.66 -4.51
N ALA A 67 -4.25 -4.73 -5.82
CA ALA A 67 -3.60 -3.64 -6.55
C ALA A 67 -4.64 -2.79 -7.27
N PRO A 68 -4.38 -1.48 -7.32
CA PRO A 68 -5.28 -0.52 -7.99
C PRO A 68 -5.27 -0.68 -9.50
N ASP A 69 -4.47 -1.61 -9.99
CA ASP A 69 -4.38 -1.86 -11.43
C ASP A 69 -3.60 -0.75 -12.13
N PHE A 70 -2.53 -0.29 -11.49
CA PHE A 70 -1.71 0.77 -12.05
C PHE A 70 -0.25 0.35 -12.14
N SER A 71 0.09 -0.36 -13.21
CA SER A 71 1.45 -0.83 -13.41
C SER A 71 2.43 0.33 -13.51
N PHE A 72 3.32 0.45 -12.53
CA PHE A 72 4.30 1.52 -12.50
C PHE A 72 5.65 1.03 -13.02
N SER A 73 5.82 1.07 -14.35
CA SER A 73 7.06 0.63 -14.97
C SER A 73 7.19 1.19 -16.38
N LYS A 74 8.38 1.07 -16.96
CA LYS A 74 8.64 1.57 -18.30
C LYS A 74 8.08 2.97 -18.47
N GLU A 75 8.24 3.80 -17.43
CA GLU A 75 7.76 5.17 -17.48
C GLU A 75 8.77 6.11 -16.83
N GLN A 76 8.71 7.39 -17.22
CA GLN A 76 9.61 8.40 -16.69
C GLN A 76 9.01 9.79 -16.80
N ARG A 77 9.26 10.63 -15.80
CA ARG A 77 8.75 11.99 -15.79
C ARG A 77 9.68 12.93 -16.54
N SER A 78 9.25 14.18 -16.67
CA SER A 78 10.05 15.19 -17.37
C SER A 78 10.84 16.03 -16.38
N GLY A 79 10.14 16.63 -15.42
CA GLY A 79 10.79 17.46 -14.42
C GLY A 79 10.32 18.90 -14.49
N SER A 80 10.64 19.66 -13.44
CA SER A 80 10.25 21.07 -13.37
C SER A 80 11.27 21.95 -14.08
N GLY A 81 10.86 22.52 -15.21
CA GLY A 81 11.75 23.38 -15.97
C GLY A 81 11.93 22.91 -17.41
N PRO A 82 12.57 23.76 -18.24
CA PRO A 82 12.81 23.44 -19.64
C PRO A 82 13.84 22.34 -19.82
N SER A 83 13.72 21.59 -20.91
CA SER A 83 14.65 20.50 -21.19
C SER A 83 15.29 20.69 -22.56
N SER A 84 16.22 19.79 -22.90
CA SER A 84 16.92 19.85 -24.18
C SER A 84 15.94 20.14 -25.31
N GLY A 85 16.43 20.81 -26.36
CA GLY A 85 15.59 21.13 -27.49
C GLY A 85 15.63 22.60 -27.86
N GLY A 1 17.75 -11.92 -15.13
CA GLY A 1 16.34 -11.97 -14.79
C GLY A 1 16.01 -11.13 -13.57
N SER A 2 14.82 -11.36 -13.01
CA SER A 2 14.38 -10.60 -11.84
C SER A 2 14.06 -11.54 -10.69
N SER A 3 13.94 -10.97 -9.49
CA SER A 3 13.65 -11.76 -8.29
C SER A 3 12.18 -11.62 -7.90
N GLY A 4 11.40 -12.66 -8.18
CA GLY A 4 9.99 -12.64 -7.86
C GLY A 4 9.20 -11.68 -8.74
N SER A 5 8.18 -12.20 -9.40
CA SER A 5 7.35 -11.39 -10.28
C SER A 5 6.79 -10.18 -9.53
N SER A 6 6.15 -9.28 -10.29
CA SER A 6 5.57 -8.08 -9.69
C SER A 6 4.10 -7.95 -10.06
N GLY A 7 3.23 -8.30 -9.11
CA GLY A 7 1.80 -8.22 -9.35
C GLY A 7 1.14 -7.10 -8.56
N SER A 8 0.68 -7.41 -7.36
CA SER A 8 0.02 -6.44 -6.52
C SER A 8 1.03 -5.71 -5.63
N GLY A 9 0.64 -4.55 -5.12
CA GLY A 9 1.52 -3.78 -4.27
C GLY A 9 0.77 -2.85 -3.34
N TYR A 10 -0.31 -3.34 -2.74
CA TYR A 10 -1.12 -2.55 -1.84
C TYR A 10 -1.46 -3.33 -0.57
N VAL A 11 -1.29 -2.68 0.58
CA VAL A 11 -1.57 -3.30 1.86
C VAL A 11 -2.39 -2.39 2.76
N ILE A 12 -3.35 -2.97 3.48
CA ILE A 12 -4.19 -2.20 4.37
C ILE A 12 -3.80 -2.41 5.83
N ALA A 13 -4.07 -1.42 6.66
CA ALA A 13 -3.75 -1.50 8.08
C ALA A 13 -4.84 -2.25 8.86
N LEU A 14 -4.42 -3.14 9.74
CA LEU A 14 -5.36 -3.93 10.54
C LEU A 14 -5.65 -3.24 11.88
N ARG A 15 -4.76 -2.33 12.27
CA ARG A 15 -4.92 -1.60 13.52
C ARG A 15 -4.45 -0.16 13.36
N SER A 16 -4.80 0.68 14.34
CA SER A 16 -4.43 2.09 14.31
C SER A 16 -3.02 2.28 14.84
N TYR A 17 -2.05 2.42 13.94
CA TYR A 17 -0.66 2.61 14.32
C TYR A 17 -0.37 4.09 14.62
N ILE A 18 -0.71 4.51 15.83
CA ILE A 18 -0.49 5.89 16.24
C ILE A 18 0.87 6.05 16.91
N THR A 19 1.80 6.69 16.20
CA THR A 19 3.14 6.91 16.72
C THR A 19 3.45 8.40 16.83
N ASP A 20 4.23 8.76 17.84
CA ASP A 20 4.60 10.15 18.05
C ASP A 20 5.96 10.46 17.41
N ASN A 21 6.35 9.63 16.46
CA ASN A 21 7.63 9.80 15.77
C ASN A 21 7.41 10.26 14.33
N CYS A 22 7.67 11.54 14.07
CA CYS A 22 7.50 12.11 12.74
C CYS A 22 8.21 11.24 11.70
N SER A 23 9.19 10.47 12.14
CA SER A 23 9.95 9.61 11.24
C SER A 23 9.11 8.42 10.80
N LEU A 24 8.39 7.82 11.73
CA LEU A 24 7.54 6.67 11.44
C LEU A 24 6.28 7.10 10.70
N LEU A 25 5.53 6.13 10.19
CA LEU A 25 4.30 6.41 9.46
C LEU A 25 3.08 6.17 10.34
N SER A 26 2.24 7.20 10.46
CA SER A 26 1.03 7.11 11.28
C SER A 26 -0.21 6.94 10.40
N PHE A 27 -0.99 5.89 10.67
CA PHE A 27 -2.20 5.62 9.91
C PHE A 27 -3.26 4.99 10.80
N HIS A 28 -4.53 5.14 10.40
CA HIS A 28 -5.64 4.57 11.14
C HIS A 28 -5.93 3.15 10.70
N ARG A 29 -6.87 2.49 11.38
CA ARG A 29 -7.24 1.12 11.05
C ARG A 29 -8.10 1.07 9.80
N GLY A 30 -7.50 0.69 8.68
CA GLY A 30 -8.23 0.61 7.43
C GLY A 30 -7.78 1.68 6.43
N ASP A 31 -6.57 2.17 6.61
CA ASP A 31 -6.04 3.20 5.73
C ASP A 31 -5.02 2.60 4.75
N LEU A 32 -5.49 2.28 3.55
CA LEU A 32 -4.63 1.69 2.53
C LEU A 32 -3.28 2.41 2.48
N ILE A 33 -2.21 1.65 2.62
CA ILE A 33 -0.86 2.22 2.60
C ILE A 33 -0.18 1.92 1.26
N LYS A 34 0.12 2.99 0.52
CA LYS A 34 0.79 2.85 -0.78
C LYS A 34 2.25 2.46 -0.60
N LEU A 35 2.63 1.34 -1.20
CA LEU A 35 4.01 0.86 -1.12
C LEU A 35 4.93 1.71 -1.97
N LEU A 36 5.94 2.30 -1.33
CA LEU A 36 6.90 3.14 -2.02
C LEU A 36 8.22 2.39 -2.25
N PRO A 37 8.85 2.67 -3.40
CA PRO A 37 10.13 2.03 -3.76
C PRO A 37 11.28 2.50 -2.89
N VAL A 38 11.91 1.58 -2.19
CA VAL A 38 13.04 1.90 -1.32
C VAL A 38 14.25 1.04 -1.65
N ALA A 39 15.43 1.65 -1.63
CA ALA A 39 16.67 0.94 -1.92
C ALA A 39 16.85 -0.24 -0.97
N THR A 40 17.01 0.05 0.31
CA THR A 40 17.20 -0.99 1.32
C THR A 40 16.16 -0.86 2.43
N LEU A 41 15.92 -1.96 3.13
CA LEU A 41 14.95 -1.98 4.22
C LEU A 41 15.40 -2.92 5.35
N GLU A 42 14.76 -2.81 6.50
CA GLU A 42 15.10 -3.65 7.64
C GLU A 42 14.18 -4.87 7.72
N PRO A 43 14.65 -5.93 8.40
CA PRO A 43 13.89 -7.16 8.56
C PRO A 43 12.68 -7.00 9.47
N GLY A 44 11.53 -6.68 8.88
CA GLY A 44 10.32 -6.49 9.65
C GLY A 44 9.77 -5.08 9.54
N TRP A 45 10.44 -4.25 8.76
CA TRP A 45 10.02 -2.87 8.58
C TRP A 45 9.52 -2.64 7.15
N GLN A 46 8.67 -1.63 6.99
CA GLN A 46 8.11 -1.30 5.69
C GLN A 46 8.17 0.20 5.42
N PHE A 47 8.39 0.57 4.16
CA PHE A 47 8.48 1.97 3.77
C PHE A 47 7.45 2.30 2.70
N GLY A 48 6.52 3.20 3.03
CA GLY A 48 5.50 3.59 2.08
C GLY A 48 4.83 4.90 2.44
N SER A 49 3.72 5.20 1.79
CA SER A 49 2.99 6.44 2.05
C SER A 49 1.49 6.19 2.06
N ALA A 50 0.83 6.65 3.12
CA ALA A 50 -0.62 6.48 3.25
C ALA A 50 -1.35 7.79 2.97
N GLY A 51 -1.49 8.11 1.69
CA GLY A 51 -2.16 9.34 1.30
C GLY A 51 -1.81 10.51 2.19
N GLY A 52 -0.51 10.78 2.31
CA GLY A 52 -0.06 11.88 3.14
C GLY A 52 1.45 11.94 3.28
N ARG A 53 1.98 11.26 4.29
CA ARG A 53 3.42 11.24 4.52
C ARG A 53 3.95 9.82 4.42
N SER A 54 5.28 9.70 4.48
CA SER A 54 5.93 8.38 4.39
C SER A 54 6.78 8.12 5.63
N GLY A 55 6.62 6.94 6.21
CA GLY A 55 7.39 6.58 7.38
C GLY A 55 7.65 5.09 7.48
N LEU A 56 8.43 4.69 8.47
CA LEU A 56 8.76 3.28 8.67
C LEU A 56 7.76 2.61 9.60
N PHE A 57 7.03 1.63 9.07
CA PHE A 57 6.04 0.91 9.86
C PHE A 57 6.27 -0.60 9.80
N PRO A 58 5.88 -1.30 10.87
CA PRO A 58 6.04 -2.76 10.95
C PRO A 58 5.13 -3.51 10.00
N ALA A 59 5.70 -4.45 9.25
CA ALA A 59 4.92 -5.24 8.29
C ALA A 59 4.24 -6.41 8.98
N ASP A 60 3.74 -6.18 10.19
CA ASP A 60 3.06 -7.22 10.95
C ASP A 60 1.63 -6.80 11.27
N ILE A 61 1.40 -5.49 11.36
CA ILE A 61 0.08 -4.97 11.65
C ILE A 61 -0.66 -4.58 10.38
N VAL A 62 -0.19 -5.11 9.24
CA VAL A 62 -0.81 -4.83 7.95
C VAL A 62 -1.05 -6.11 7.17
N GLN A 63 -2.00 -6.05 6.24
CA GLN A 63 -2.33 -7.21 5.41
C GLN A 63 -2.49 -6.81 3.96
N PRO A 64 -2.21 -7.75 3.05
CA PRO A 64 -2.31 -7.53 1.60
C PRO A 64 -3.76 -7.38 1.15
N ALA A 65 -3.99 -6.50 0.18
CA ALA A 65 -5.32 -6.28 -0.35
C ALA A 65 -5.31 -6.20 -1.87
N ALA A 66 -6.28 -6.87 -2.50
CA ALA A 66 -6.38 -6.88 -3.96
C ALA A 66 -6.09 -5.50 -4.54
N ALA A 67 -5.04 -5.40 -5.35
CA ALA A 67 -4.67 -4.14 -5.97
C ALA A 67 -5.84 -3.54 -6.75
N PRO A 68 -5.93 -2.21 -6.75
CA PRO A 68 -6.99 -1.49 -7.45
C PRO A 68 -6.85 -1.58 -8.97
N ASP A 69 -7.29 -2.70 -9.53
CA ASP A 69 -7.21 -2.91 -10.97
C ASP A 69 -8.21 -2.02 -11.71
N PHE A 70 -7.80 -1.53 -12.88
CA PHE A 70 -8.65 -0.66 -13.68
C PHE A 70 -8.77 -1.18 -15.11
N SER A 71 -9.99 -1.55 -15.51
CA SER A 71 -10.23 -2.07 -16.84
C SER A 71 -10.50 -0.93 -17.83
N PHE A 72 -9.43 -0.38 -18.38
CA PHE A 72 -9.56 0.73 -19.34
C PHE A 72 -10.78 0.54 -20.22
N SER A 73 -11.88 1.21 -19.84
CA SER A 73 -13.12 1.12 -20.60
C SER A 73 -12.89 1.46 -22.07
N LYS A 74 -13.59 0.76 -22.95
CA LYS A 74 -13.46 0.98 -24.39
C LYS A 74 -13.45 2.48 -24.70
N GLU A 75 -12.85 2.83 -25.83
CA GLU A 75 -12.77 4.23 -26.25
C GLU A 75 -13.75 4.51 -27.40
N GLN A 76 -14.03 5.79 -27.62
CA GLN A 76 -14.94 6.19 -28.68
C GLN A 76 -14.28 6.05 -30.05
N ARG A 77 -15.08 5.72 -31.06
CA ARG A 77 -14.58 5.55 -32.41
C ARG A 77 -13.26 4.78 -32.41
N SER A 78 -13.27 3.60 -31.79
CA SER A 78 -12.08 2.77 -31.71
C SER A 78 -12.09 1.71 -32.81
N GLY A 79 -13.26 1.17 -33.09
CA GLY A 79 -13.39 0.15 -34.12
C GLY A 79 -13.28 0.72 -35.52
N SER A 80 -13.58 -0.10 -36.52
CA SER A 80 -13.50 0.33 -37.91
C SER A 80 -14.36 1.57 -38.14
N GLY A 81 -13.72 2.65 -38.56
CA GLY A 81 -14.45 3.89 -38.82
C GLY A 81 -13.65 4.86 -39.67
N PRO A 82 -12.73 5.60 -39.02
CA PRO A 82 -11.88 6.58 -39.71
C PRO A 82 -10.86 5.93 -40.63
N SER A 83 -10.45 6.65 -41.66
CA SER A 83 -9.47 6.14 -42.61
C SER A 83 -8.28 7.08 -42.73
N SER A 84 -7.17 6.70 -42.09
CA SER A 84 -5.96 7.51 -42.12
C SER A 84 -4.84 6.78 -42.86
N GLY A 85 -4.36 7.38 -43.94
CA GLY A 85 -3.30 6.78 -44.73
C GLY A 85 -3.30 7.24 -46.16
N GLY A 1 17.72 -6.88 -23.35
CA GLY A 1 17.04 -5.59 -23.34
C GLY A 1 16.63 -5.17 -21.94
N SER A 2 16.32 -3.88 -21.78
CA SER A 2 15.92 -3.34 -20.49
C SER A 2 14.76 -4.16 -19.91
N SER A 3 14.42 -3.87 -18.66
CA SER A 3 13.34 -4.57 -17.98
C SER A 3 12.75 -3.71 -16.87
N GLY A 4 11.54 -3.21 -17.09
CA GLY A 4 10.88 -2.37 -16.10
C GLY A 4 10.66 -3.10 -14.80
N SER A 5 10.75 -2.36 -13.69
CA SER A 5 10.57 -2.95 -12.37
C SER A 5 9.12 -2.82 -11.91
N SER A 6 8.19 -3.03 -12.84
CA SER A 6 6.76 -2.93 -12.55
C SER A 6 6.31 -4.13 -11.72
N GLY A 7 5.72 -3.85 -10.55
CA GLY A 7 5.25 -4.91 -9.69
C GLY A 7 4.18 -4.43 -8.72
N SER A 8 3.02 -5.06 -8.76
CA SER A 8 1.91 -4.70 -7.88
C SER A 8 2.30 -4.86 -6.42
N GLY A 9 1.46 -4.35 -5.53
CA GLY A 9 1.74 -4.45 -4.10
C GLY A 9 0.97 -3.43 -3.29
N TYR A 10 -0.10 -3.87 -2.66
CA TYR A 10 -0.93 -2.98 -1.85
C TYR A 10 -1.42 -3.68 -0.59
N VAL A 11 -1.07 -3.11 0.57
CA VAL A 11 -1.46 -3.69 1.85
C VAL A 11 -2.23 -2.68 2.68
N ILE A 12 -3.28 -3.16 3.37
CA ILE A 12 -4.09 -2.30 4.22
C ILE A 12 -3.74 -2.46 5.69
N ALA A 13 -3.90 -1.40 6.46
CA ALA A 13 -3.60 -1.42 7.88
C ALA A 13 -4.66 -2.21 8.64
N LEU A 14 -4.20 -3.08 9.55
CA LEU A 14 -5.11 -3.89 10.35
C LEU A 14 -5.47 -3.18 11.65
N ARG A 15 -4.54 -2.40 12.18
CA ARG A 15 -4.77 -1.68 13.43
C ARG A 15 -4.32 -0.22 13.28
N SER A 16 -4.85 0.64 14.14
CA SER A 16 -4.52 2.06 14.11
C SER A 16 -3.16 2.31 14.78
N TYR A 17 -2.12 2.41 13.96
CA TYR A 17 -0.77 2.64 14.47
C TYR A 17 -0.53 4.12 14.71
N ILE A 18 -0.89 4.60 15.90
CA ILE A 18 -0.71 6.00 16.25
C ILE A 18 0.63 6.22 16.94
N THR A 19 1.38 7.22 16.48
CA THR A 19 2.68 7.53 17.04
C THR A 19 2.81 9.02 17.34
N ASP A 20 3.96 9.43 17.86
CA ASP A 20 4.20 10.82 18.18
C ASP A 20 5.47 11.33 17.48
N ASN A 21 6.11 10.45 16.72
CA ASN A 21 7.32 10.81 16.00
C ASN A 21 7.09 10.82 14.49
N CYS A 22 7.94 11.53 13.77
CA CYS A 22 7.82 11.63 12.32
C CYS A 22 8.37 10.37 11.65
N SER A 23 9.58 9.98 12.02
CA SER A 23 10.22 8.80 11.46
C SER A 23 9.19 7.71 11.18
N LEU A 24 8.37 7.41 12.18
CA LEU A 24 7.34 6.39 12.05
C LEU A 24 6.15 6.90 11.24
N LEU A 25 5.53 6.02 10.48
CA LEU A 25 4.38 6.38 9.66
C LEU A 25 3.09 6.32 10.47
N SER A 26 2.35 7.42 10.48
CA SER A 26 1.08 7.48 11.21
C SER A 26 -0.10 7.18 10.30
N PHE A 27 -0.81 6.11 10.61
CA PHE A 27 -1.97 5.71 9.83
C PHE A 27 -3.04 5.06 10.70
N HIS A 28 -4.30 5.19 10.29
CA HIS A 28 -5.41 4.62 11.04
C HIS A 28 -5.78 3.24 10.50
N ARG A 29 -6.77 2.61 11.12
CA ARG A 29 -7.22 1.29 10.69
C ARG A 29 -7.99 1.37 9.38
N GLY A 30 -7.41 0.80 8.32
CA GLY A 30 -8.04 0.82 7.02
C GLY A 30 -7.25 1.61 6.00
N ASP A 31 -6.55 2.64 6.46
CA ASP A 31 -5.74 3.48 5.58
C ASP A 31 -4.81 2.62 4.72
N LEU A 32 -5.19 2.40 3.47
CA LEU A 32 -4.40 1.60 2.55
C LEU A 32 -3.01 2.21 2.37
N ILE A 33 -2.00 1.52 2.88
CA ILE A 33 -0.62 1.98 2.78
C ILE A 33 -0.05 1.69 1.39
N LYS A 34 0.27 2.75 0.67
CA LYS A 34 0.83 2.63 -0.68
C LYS A 34 2.31 2.26 -0.61
N LEU A 35 2.66 1.12 -1.22
CA LEU A 35 4.05 0.66 -1.23
C LEU A 35 4.91 1.54 -2.13
N LEU A 36 5.84 2.27 -1.51
CA LEU A 36 6.73 3.16 -2.26
C LEU A 36 8.05 2.45 -2.56
N PRO A 37 8.67 2.83 -3.70
CA PRO A 37 9.95 2.26 -4.13
C PRO A 37 11.11 2.70 -3.24
N VAL A 38 11.55 1.79 -2.37
CA VAL A 38 12.66 2.08 -1.46
C VAL A 38 13.88 1.26 -1.82
N ALA A 39 15.07 1.83 -1.58
CA ALA A 39 16.32 1.14 -1.86
C ALA A 39 16.51 -0.06 -0.95
N THR A 40 16.62 0.20 0.35
CA THR A 40 16.81 -0.86 1.34
C THR A 40 15.84 -0.71 2.50
N LEU A 41 15.51 -1.83 3.13
CA LEU A 41 14.59 -1.82 4.27
C LEU A 41 15.06 -2.77 5.36
N GLU A 42 14.45 -2.67 6.54
CA GLU A 42 14.81 -3.53 7.66
C GLU A 42 14.11 -4.87 7.57
N PRO A 43 14.65 -5.87 8.29
CA PRO A 43 14.08 -7.23 8.32
C PRO A 43 12.75 -7.28 9.06
N GLY A 44 11.68 -6.92 8.35
CA GLY A 44 10.36 -6.95 8.95
C GLY A 44 9.71 -5.57 9.00
N TRP A 45 10.22 -4.66 8.17
CA TRP A 45 9.70 -3.30 8.14
C TRP A 45 9.12 -2.99 6.75
N GLN A 46 8.47 -1.83 6.64
CA GLN A 46 7.87 -1.42 5.38
C GLN A 46 7.90 0.11 5.24
N PHE A 47 8.22 0.58 4.04
CA PHE A 47 8.28 2.02 3.78
C PHE A 47 7.27 2.41 2.70
N GLY A 48 6.38 3.34 3.04
CA GLY A 48 5.38 3.79 2.10
C GLY A 48 4.63 5.00 2.59
N SER A 49 3.53 5.34 1.90
CA SER A 49 2.72 6.48 2.28
C SER A 49 1.29 6.06 2.61
N ALA A 50 0.75 6.60 3.70
CA ALA A 50 -0.59 6.27 4.13
C ALA A 50 -1.46 7.53 4.20
N GLY A 51 -1.37 8.36 3.18
CA GLY A 51 -2.15 9.59 3.15
C GLY A 51 -1.43 10.72 2.44
N GLY A 52 -0.18 10.95 2.81
CA GLY A 52 0.60 12.01 2.18
C GLY A 52 2.06 11.97 2.59
N ARG A 53 2.33 11.50 3.80
CA ARG A 53 3.70 11.41 4.30
C ARG A 53 4.20 9.98 4.25
N SER A 54 5.53 9.82 4.18
CA SER A 54 6.14 8.50 4.12
C SER A 54 6.97 8.23 5.36
N GLY A 55 6.60 7.21 6.11
CA GLY A 55 7.33 6.86 7.32
C GLY A 55 7.65 5.39 7.40
N LEU A 56 8.07 4.93 8.59
CA LEU A 56 8.40 3.54 8.79
C LEU A 56 7.36 2.84 9.66
N PHE A 57 7.03 1.60 9.31
CA PHE A 57 6.04 0.83 10.06
C PHE A 57 6.33 -0.67 9.97
N PRO A 58 5.97 -1.41 11.02
CA PRO A 58 6.19 -2.86 11.09
C PRO A 58 5.28 -3.61 10.12
N ALA A 59 5.84 -4.62 9.47
CA ALA A 59 5.08 -5.43 8.52
C ALA A 59 4.41 -6.61 9.22
N ASP A 60 4.00 -6.40 10.46
CA ASP A 60 3.33 -7.44 11.24
C ASP A 60 1.97 -6.97 11.73
N ILE A 61 1.54 -5.80 11.25
CA ILE A 61 0.25 -5.24 11.64
C ILE A 61 -0.53 -4.78 10.42
N VAL A 62 -0.17 -5.31 9.26
CA VAL A 62 -0.86 -4.96 8.01
C VAL A 62 -1.11 -6.19 7.16
N GLN A 63 -2.26 -6.22 6.49
CA GLN A 63 -2.62 -7.35 5.64
C GLN A 63 -2.70 -6.91 4.18
N PRO A 64 -2.45 -7.86 3.27
CA PRO A 64 -2.49 -7.59 1.82
C PRO A 64 -3.91 -7.35 1.32
N ALA A 65 -4.02 -6.63 0.21
CA ALA A 65 -5.33 -6.33 -0.38
C ALA A 65 -5.22 -6.21 -1.89
N ALA A 66 -6.15 -6.84 -2.60
CA ALA A 66 -6.17 -6.80 -4.06
C ALA A 66 -5.93 -5.38 -4.56
N ALA A 67 -4.78 -5.16 -5.20
CA ALA A 67 -4.43 -3.86 -5.73
C ALA A 67 -5.55 -3.31 -6.60
N PRO A 68 -5.76 -1.98 -6.54
CA PRO A 68 -6.79 -1.29 -7.31
C PRO A 68 -6.49 -1.28 -8.81
N ASP A 69 -5.22 -1.10 -9.15
CA ASP A 69 -4.81 -1.08 -10.55
C ASP A 69 -5.26 -2.33 -11.28
N PHE A 70 -6.47 -2.27 -11.83
CA PHE A 70 -7.03 -3.41 -12.56
C PHE A 70 -6.14 -3.80 -13.73
N SER A 71 -5.45 -4.93 -13.59
CA SER A 71 -4.55 -5.41 -14.63
C SER A 71 -5.32 -6.21 -15.68
N PHE A 72 -4.76 -6.29 -16.88
CA PHE A 72 -5.39 -7.02 -17.98
C PHE A 72 -5.04 -8.50 -17.90
N SER A 73 -6.02 -9.35 -18.22
CA SER A 73 -5.82 -10.79 -18.18
C SER A 73 -5.58 -11.34 -19.59
N LYS A 74 -4.41 -11.93 -19.80
CA LYS A 74 -4.06 -12.49 -21.09
C LYS A 74 -5.22 -13.27 -21.68
N GLU A 75 -5.78 -14.18 -20.89
CA GLU A 75 -6.91 -15.00 -21.34
C GLU A 75 -6.50 -15.92 -22.48
N GLN A 76 -5.37 -16.61 -22.30
CA GLN A 76 -4.87 -17.53 -23.31
C GLN A 76 -5.14 -18.98 -22.92
N ARG A 77 -5.96 -19.66 -23.71
CA ARG A 77 -6.30 -21.05 -23.44
C ARG A 77 -5.04 -21.87 -23.13
N SER A 78 -5.08 -22.58 -22.02
CA SER A 78 -3.94 -23.41 -21.61
C SER A 78 -4.21 -24.88 -21.88
N GLY A 79 -3.17 -25.61 -22.25
CA GLY A 79 -3.31 -27.03 -22.53
C GLY A 79 -4.16 -27.74 -21.50
N SER A 80 -4.94 -28.72 -21.96
CA SER A 80 -5.81 -29.48 -21.06
C SER A 80 -5.05 -30.61 -20.39
N GLY A 81 -5.70 -31.30 -19.46
CA GLY A 81 -5.07 -32.40 -18.76
C GLY A 81 -5.89 -33.68 -18.84
N PRO A 82 -5.29 -34.79 -18.36
CA PRO A 82 -5.94 -36.10 -18.37
C PRO A 82 -7.10 -36.18 -17.37
N SER A 83 -7.94 -37.19 -17.53
CA SER A 83 -9.09 -37.38 -16.65
C SER A 83 -9.13 -38.80 -16.10
N SER A 84 -8.73 -38.96 -14.84
CA SER A 84 -8.72 -40.27 -14.19
C SER A 84 -10.00 -40.50 -13.40
N GLY A 85 -11.07 -40.84 -14.10
CA GLY A 85 -12.35 -41.08 -13.44
C GLY A 85 -13.47 -41.36 -14.43
N GLY A 1 4.60 -19.31 -16.74
CA GLY A 1 3.34 -20.03 -16.65
C GLY A 1 2.55 -19.65 -15.42
N SER A 2 2.48 -18.35 -15.13
CA SER A 2 1.75 -17.86 -13.98
C SER A 2 0.35 -17.39 -14.37
N SER A 3 -0.65 -17.77 -13.57
CA SER A 3 -2.02 -17.38 -13.84
C SER A 3 -2.55 -16.44 -12.77
N GLY A 4 -3.61 -15.72 -13.09
CA GLY A 4 -4.20 -14.78 -12.15
C GLY A 4 -3.18 -13.82 -11.57
N SER A 5 -2.93 -12.73 -12.29
CA SER A 5 -1.96 -11.74 -11.85
C SER A 5 -2.59 -10.76 -10.86
N SER A 6 -1.95 -10.60 -9.71
CA SER A 6 -2.45 -9.70 -8.68
C SER A 6 -2.32 -8.25 -9.11
N GLY A 7 -1.09 -7.83 -9.42
CA GLY A 7 -0.85 -6.46 -9.84
C GLY A 7 0.07 -5.72 -8.90
N SER A 8 -0.13 -4.41 -8.79
CA SER A 8 0.69 -3.57 -7.92
C SER A 8 0.57 -4.03 -6.47
N GLY A 9 1.64 -3.84 -5.71
CA GLY A 9 1.63 -4.23 -4.31
C GLY A 9 0.92 -3.22 -3.43
N TYR A 10 -0.13 -3.66 -2.76
CA TYR A 10 -0.91 -2.79 -1.88
C TYR A 10 -1.34 -3.53 -0.62
N VAL A 11 -1.10 -2.90 0.53
CA VAL A 11 -1.46 -3.50 1.81
C VAL A 11 -2.32 -2.55 2.64
N ILE A 12 -3.27 -3.11 3.37
CA ILE A 12 -4.17 -2.32 4.21
C ILE A 12 -3.76 -2.40 5.68
N ALA A 13 -4.18 -1.40 6.46
CA ALA A 13 -3.86 -1.36 7.88
C ALA A 13 -4.90 -2.14 8.69
N LEU A 14 -4.46 -3.22 9.33
CA LEU A 14 -5.35 -4.05 10.13
C LEU A 14 -5.74 -3.33 11.42
N ARG A 15 -4.81 -2.53 11.95
CA ARG A 15 -5.06 -1.78 13.18
C ARG A 15 -4.58 -0.34 13.05
N SER A 16 -4.87 0.47 14.06
CA SER A 16 -4.48 1.87 14.06
C SER A 16 -3.07 2.03 14.61
N TYR A 17 -2.13 2.42 13.75
CA TYR A 17 -0.74 2.61 14.14
C TYR A 17 -0.42 4.10 14.28
N ILE A 18 -0.56 4.62 15.48
CA ILE A 18 -0.29 6.03 15.75
C ILE A 18 1.13 6.21 16.29
N THR A 19 1.84 7.19 15.75
CA THR A 19 3.21 7.48 16.19
C THR A 19 3.34 8.91 16.69
N ASP A 20 4.36 9.16 17.49
CA ASP A 20 4.60 10.48 18.04
C ASP A 20 5.98 11.00 17.64
N ASN A 21 6.50 10.50 16.53
CA ASN A 21 7.81 10.91 16.04
C ASN A 21 7.72 11.34 14.58
N CYS A 22 8.59 12.27 14.20
CA CYS A 22 8.62 12.78 12.83
C CYS A 22 9.53 11.94 11.96
N SER A 23 9.55 10.63 12.21
CA SER A 23 10.39 9.71 11.45
C SER A 23 9.59 8.47 11.04
N LEU A 24 8.68 8.05 11.90
CA LEU A 24 7.86 6.87 11.64
C LEU A 24 6.61 7.24 10.85
N LEU A 25 5.76 6.26 10.57
CA LEU A 25 4.53 6.49 9.83
C LEU A 25 3.31 6.27 10.72
N SER A 26 2.34 7.18 10.62
CA SER A 26 1.13 7.09 11.42
C SER A 26 -0.09 6.90 10.53
N PHE A 27 -0.78 5.78 10.69
CA PHE A 27 -1.97 5.48 9.89
C PHE A 27 -3.03 4.79 10.73
N HIS A 28 -4.26 4.82 10.26
CA HIS A 28 -5.38 4.20 10.98
C HIS A 28 -5.84 2.93 10.26
N ARG A 29 -6.70 2.16 10.92
CA ARG A 29 -7.22 0.92 10.36
C ARG A 29 -7.98 1.20 9.06
N GLY A 30 -7.85 0.30 8.10
CA GLY A 30 -8.54 0.46 6.83
C GLY A 30 -7.80 1.36 5.88
N ASP A 31 -6.97 2.25 6.43
CA ASP A 31 -6.19 3.17 5.62
C ASP A 31 -5.16 2.43 4.77
N LEU A 32 -5.48 2.26 3.49
CA LEU A 32 -4.59 1.57 2.57
C LEU A 32 -3.24 2.27 2.48
N ILE A 33 -2.17 1.52 2.72
CA ILE A 33 -0.82 2.07 2.67
C ILE A 33 -0.14 1.73 1.34
N LYS A 34 0.48 2.73 0.72
CA LYS A 34 1.18 2.54 -0.54
C LYS A 34 2.63 2.14 -0.31
N LEU A 35 3.06 1.07 -0.97
CA LEU A 35 4.43 0.58 -0.84
C LEU A 35 5.35 1.31 -1.82
N LEU A 36 6.02 2.35 -1.32
CA LEU A 36 6.94 3.13 -2.15
C LEU A 36 8.15 2.29 -2.56
N PRO A 37 8.74 2.63 -3.71
CA PRO A 37 9.91 1.93 -4.24
C PRO A 37 11.16 2.16 -3.40
N VAL A 38 11.68 1.10 -2.80
CA VAL A 38 12.87 1.19 -1.97
C VAL A 38 13.88 0.11 -2.34
N ALA A 39 15.16 0.40 -2.15
CA ALA A 39 16.22 -0.54 -2.46
C ALA A 39 16.54 -1.42 -1.25
N THR A 40 16.82 -0.78 -0.12
CA THR A 40 17.15 -1.51 1.11
C THR A 40 16.15 -1.18 2.21
N LEU A 41 15.78 -2.20 2.99
CA LEU A 41 14.83 -2.02 4.08
C LEU A 41 15.34 -2.68 5.35
N GLU A 42 14.61 -2.50 6.45
CA GLU A 42 14.99 -3.09 7.73
C GLU A 42 14.28 -4.41 7.96
N PRO A 43 14.83 -5.22 8.88
CA PRO A 43 14.27 -6.54 9.21
C PRO A 43 12.94 -6.42 9.95
N GLY A 44 11.84 -6.54 9.22
CA GLY A 44 10.53 -6.45 9.83
C GLY A 44 9.95 -5.04 9.76
N TRP A 45 10.35 -4.29 8.74
CA TRP A 45 9.87 -2.93 8.56
C TRP A 45 9.44 -2.68 7.13
N GLN A 46 8.54 -1.73 6.93
CA GLN A 46 8.05 -1.40 5.60
C GLN A 46 8.11 0.10 5.35
N PHE A 47 8.42 0.48 4.11
CA PHE A 47 8.51 1.90 3.74
C PHE A 47 7.43 2.26 2.72
N GLY A 48 6.54 3.17 3.12
CA GLY A 48 5.48 3.59 2.24
C GLY A 48 4.87 4.92 2.66
N SER A 49 3.75 5.28 2.03
CA SER A 49 3.07 6.53 2.34
C SER A 49 1.58 6.29 2.58
N ALA A 50 1.07 6.88 3.67
CA ALA A 50 -0.34 6.74 4.01
C ALA A 50 -0.91 8.04 4.56
N GLY A 51 -2.06 8.44 4.05
CA GLY A 51 -2.69 9.67 4.51
C GLY A 51 -1.87 10.90 4.18
N GLY A 52 -1.21 10.88 3.02
CA GLY A 52 -0.39 12.00 2.61
C GLY A 52 0.88 12.12 3.43
N ARG A 53 1.16 11.11 4.23
CA ARG A 53 2.36 11.10 5.08
C ARG A 53 3.26 9.91 4.74
N SER A 54 4.56 10.09 4.94
CA SER A 54 5.52 9.03 4.66
C SER A 54 6.32 8.68 5.91
N GLY A 55 6.58 7.38 6.10
CA GLY A 55 7.32 6.93 7.26
C GLY A 55 7.60 5.44 7.22
N LEU A 56 7.87 4.86 8.39
CA LEU A 56 8.15 3.44 8.49
C LEU A 56 7.18 2.76 9.44
N PHE A 57 6.65 1.61 9.03
CA PHE A 57 5.71 0.86 9.85
C PHE A 57 6.01 -0.63 9.78
N PRO A 58 5.68 -1.36 10.87
CA PRO A 58 5.90 -2.80 10.96
C PRO A 58 4.98 -3.58 10.03
N ALA A 59 5.55 -4.56 9.32
CA ALA A 59 4.78 -5.38 8.40
C ALA A 59 4.13 -6.56 9.13
N ASP A 60 3.72 -6.32 10.37
CA ASP A 60 3.08 -7.36 11.17
C ASP A 60 1.67 -6.94 11.59
N ILE A 61 1.28 -5.74 11.17
CA ILE A 61 -0.04 -5.22 11.51
C ILE A 61 -0.80 -4.79 10.26
N VAL A 62 -0.35 -5.29 9.11
CA VAL A 62 -0.98 -4.97 7.84
C VAL A 62 -1.18 -6.21 6.98
N GLN A 63 -2.29 -6.26 6.25
CA GLN A 63 -2.60 -7.40 5.40
C GLN A 63 -2.67 -6.98 3.93
N PRO A 64 -2.31 -7.89 3.03
CA PRO A 64 -2.32 -7.64 1.59
C PRO A 64 -3.73 -7.51 1.03
N ALA A 65 -3.90 -6.66 0.03
CA ALA A 65 -5.19 -6.44 -0.59
C ALA A 65 -5.06 -6.25 -2.11
N ALA A 66 -6.20 -6.26 -2.80
CA ALA A 66 -6.20 -6.08 -4.25
C ALA A 66 -5.93 -4.62 -4.62
N ALA A 67 -5.03 -4.42 -5.58
CA ALA A 67 -4.68 -3.07 -6.02
C ALA A 67 -5.93 -2.32 -6.49
N PRO A 68 -5.94 -1.00 -6.24
CA PRO A 68 -7.06 -0.14 -6.62
C PRO A 68 -7.15 0.06 -8.13
N ASP A 69 -6.00 0.18 -8.78
CA ASP A 69 -5.96 0.36 -10.22
C ASP A 69 -6.18 -0.96 -10.95
N PHE A 70 -6.78 -0.89 -12.13
CA PHE A 70 -7.05 -2.07 -12.92
C PHE A 70 -8.04 -2.99 -12.21
N SER A 71 -9.08 -2.39 -11.63
CA SER A 71 -10.09 -3.16 -10.91
C SER A 71 -11.12 -3.75 -11.88
N PHE A 72 -10.79 -4.91 -12.44
CA PHE A 72 -11.68 -5.58 -13.37
C PHE A 72 -11.20 -7.00 -13.66
N SER A 73 -12.04 -7.98 -13.32
CA SER A 73 -11.71 -9.38 -13.53
C SER A 73 -12.54 -9.98 -14.66
N LYS A 74 -12.11 -11.13 -15.16
CA LYS A 74 -12.82 -11.80 -16.24
C LYS A 74 -14.25 -12.11 -15.86
N GLU A 75 -14.43 -12.74 -14.70
CA GLU A 75 -15.76 -13.09 -14.22
C GLU A 75 -16.45 -11.87 -13.58
N GLN A 76 -17.07 -11.06 -14.43
CA GLN A 76 -17.76 -9.86 -13.95
C GLN A 76 -19.14 -10.21 -13.41
N ARG A 77 -19.71 -9.30 -12.62
CA ARG A 77 -21.03 -9.50 -12.04
C ARG A 77 -21.94 -8.32 -12.32
N SER A 78 -23.04 -8.58 -13.02
CA SER A 78 -23.99 -7.53 -13.36
C SER A 78 -24.85 -7.17 -12.15
N GLY A 79 -24.77 -5.91 -11.73
CA GLY A 79 -25.56 -5.46 -10.58
C GLY A 79 -25.87 -3.98 -10.65
N SER A 80 -25.56 -3.26 -9.58
CA SER A 80 -25.82 -1.83 -9.51
C SER A 80 -24.52 -1.03 -9.60
N GLY A 81 -24.60 0.15 -10.19
CA GLY A 81 -23.43 0.99 -10.33
C GLY A 81 -23.76 2.47 -10.31
N PRO A 82 -22.78 3.29 -9.91
CA PRO A 82 -22.96 4.75 -9.84
C PRO A 82 -23.07 5.38 -11.22
N SER A 83 -23.46 6.66 -11.25
CA SER A 83 -23.61 7.38 -12.50
C SER A 83 -22.94 8.75 -12.43
N SER A 84 -22.75 9.37 -13.59
CA SER A 84 -22.11 10.69 -13.64
C SER A 84 -23.14 11.80 -13.43
N GLY A 85 -22.80 12.75 -12.56
CA GLY A 85 -23.70 13.85 -12.27
C GLY A 85 -24.00 14.68 -13.50
N GLY A 1 -9.18 -10.67 -18.08
CA GLY A 1 -8.68 -11.92 -18.61
C GLY A 1 -7.17 -11.95 -18.70
N SER A 2 -6.59 -10.82 -19.10
CA SER A 2 -5.14 -10.72 -19.24
C SER A 2 -4.57 -9.73 -18.23
N SER A 3 -3.25 -9.80 -18.02
CA SER A 3 -2.59 -8.91 -17.08
C SER A 3 -1.40 -8.21 -17.74
N GLY A 4 -1.37 -6.88 -17.64
CA GLY A 4 -0.29 -6.12 -18.24
C GLY A 4 0.87 -5.92 -17.29
N SER A 5 0.57 -5.50 -16.06
CA SER A 5 1.59 -5.26 -15.06
C SER A 5 1.44 -6.23 -13.88
N SER A 6 2.37 -7.17 -13.77
CA SER A 6 2.34 -8.16 -12.70
C SER A 6 3.39 -7.85 -11.64
N GLY A 7 3.01 -7.06 -10.65
CA GLY A 7 3.93 -6.69 -9.59
C GLY A 7 3.44 -5.52 -8.77
N SER A 8 2.30 -5.68 -8.12
CA SER A 8 1.72 -4.62 -7.30
C SER A 8 1.91 -4.92 -5.82
N GLY A 9 2.35 -3.90 -5.07
CA GLY A 9 2.56 -4.07 -3.65
C GLY A 9 1.71 -3.14 -2.82
N TYR A 10 0.63 -3.67 -2.26
CA TYR A 10 -0.29 -2.89 -1.44
C TYR A 10 -0.70 -3.65 -0.18
N VAL A 11 -0.84 -2.93 0.92
CA VAL A 11 -1.24 -3.54 2.19
C VAL A 11 -2.07 -2.59 3.02
N ILE A 12 -3.09 -3.12 3.68
CA ILE A 12 -3.97 -2.31 4.52
C ILE A 12 -3.68 -2.54 6.01
N ALA A 13 -3.87 -1.50 6.80
CA ALA A 13 -3.63 -1.58 8.25
C ALA A 13 -4.84 -2.17 8.96
N LEU A 14 -4.62 -3.26 9.69
CA LEU A 14 -5.69 -3.92 10.43
C LEU A 14 -6.00 -3.17 11.72
N ARG A 15 -4.98 -2.52 12.29
CA ARG A 15 -5.15 -1.77 13.52
C ARG A 15 -4.62 -0.34 13.36
N SER A 16 -4.95 0.51 14.32
CA SER A 16 -4.52 1.90 14.29
C SER A 16 -3.13 2.06 14.91
N TYR A 17 -2.19 2.55 14.12
CA TYR A 17 -0.82 2.75 14.59
C TYR A 17 -0.49 4.23 14.72
N ILE A 18 -0.73 4.78 15.91
CA ILE A 18 -0.46 6.18 16.17
C ILE A 18 0.89 6.37 16.86
N THR A 19 1.74 7.21 16.29
CA THR A 19 3.06 7.48 16.85
C THR A 19 3.34 8.97 16.90
N ASP A 20 4.25 9.37 17.77
CA ASP A 20 4.62 10.77 17.91
C ASP A 20 5.98 11.04 17.28
N ASN A 21 6.37 10.18 16.35
CA ASN A 21 7.65 10.34 15.66
C ASN A 21 7.44 10.61 14.18
N CYS A 22 8.44 11.21 13.54
CA CYS A 22 8.37 11.52 12.12
C CYS A 22 8.84 10.35 11.27
N SER A 23 10.04 9.87 11.55
CA SER A 23 10.61 8.75 10.81
C SER A 23 9.56 7.68 10.55
N LEU A 24 8.74 7.41 11.56
CA LEU A 24 7.68 6.40 11.44
C LEU A 24 6.46 6.99 10.74
N LEU A 25 5.61 6.10 10.23
CA LEU A 25 4.40 6.52 9.54
C LEU A 25 3.17 6.39 10.44
N SER A 26 2.45 7.48 10.61
CA SER A 26 1.26 7.48 11.46
C SER A 26 -0.01 7.30 10.62
N PHE A 27 -0.65 6.16 10.80
CA PHE A 27 -1.88 5.85 10.05
C PHE A 27 -2.95 5.26 10.98
N HIS A 28 -4.08 4.90 10.40
CA HIS A 28 -5.18 4.32 11.17
C HIS A 28 -5.71 3.06 10.50
N ARG A 29 -6.46 2.27 11.25
CA ARG A 29 -7.03 1.03 10.73
C ARG A 29 -7.80 1.28 9.44
N GLY A 30 -7.40 0.60 8.37
CA GLY A 30 -8.06 0.76 7.09
C GLY A 30 -7.45 1.88 6.26
N ASP A 31 -6.15 2.09 6.43
CA ASP A 31 -5.45 3.13 5.69
C ASP A 31 -4.41 2.53 4.74
N LEU A 32 -4.88 2.02 3.61
CA LEU A 32 -3.99 1.42 2.62
C LEU A 32 -2.69 2.20 2.50
N ILE A 33 -1.58 1.56 2.86
CA ILE A 33 -0.28 2.20 2.78
C ILE A 33 0.44 1.84 1.49
N LYS A 34 0.49 2.79 0.57
CA LYS A 34 1.15 2.58 -0.72
C LYS A 34 2.63 2.28 -0.53
N LEU A 35 3.08 1.14 -1.04
CA LEU A 35 4.47 0.73 -0.93
C LEU A 35 5.34 1.51 -1.91
N LEU A 36 6.11 2.47 -1.38
CA LEU A 36 6.99 3.28 -2.20
C LEU A 36 8.23 2.49 -2.62
N PRO A 37 8.81 2.88 -3.77
CA PRO A 37 10.02 2.21 -4.29
C PRO A 37 11.26 2.51 -3.45
N VAL A 38 11.63 1.56 -2.60
CA VAL A 38 12.79 1.72 -1.74
C VAL A 38 13.87 0.70 -2.10
N ALA A 39 15.13 1.08 -1.89
CA ALA A 39 16.25 0.22 -2.19
C ALA A 39 16.51 -0.77 -1.05
N THR A 40 16.71 -0.23 0.15
CA THR A 40 16.96 -1.05 1.32
C THR A 40 15.89 -0.83 2.39
N LEU A 41 15.63 -1.86 3.19
CA LEU A 41 14.64 -1.79 4.25
C LEU A 41 15.03 -2.67 5.43
N GLU A 42 14.30 -2.52 6.54
CA GLU A 42 14.58 -3.29 7.74
C GLU A 42 13.85 -4.64 7.70
N PRO A 43 14.40 -5.63 8.41
CA PRO A 43 13.82 -6.97 8.48
C PRO A 43 12.50 -7.00 9.24
N GLY A 44 11.40 -6.81 8.53
CA GLY A 44 10.09 -6.81 9.17
C GLY A 44 9.43 -5.45 9.15
N TRP A 45 10.00 -4.53 8.39
CA TRP A 45 9.46 -3.18 8.29
C TRP A 45 9.02 -2.87 6.87
N GLN A 46 8.22 -1.82 6.71
CA GLN A 46 7.73 -1.41 5.39
C GLN A 46 7.74 0.11 5.25
N PHE A 47 8.13 0.58 4.07
CA PHE A 47 8.18 2.02 3.80
C PHE A 47 7.17 2.39 2.72
N GLY A 48 6.30 3.35 3.04
CA GLY A 48 5.30 3.80 2.10
C GLY A 48 4.59 5.06 2.55
N SER A 49 3.63 5.50 1.76
CA SER A 49 2.86 6.71 2.08
C SER A 49 1.37 6.45 2.05
N ALA A 50 0.67 6.91 3.08
CA ALA A 50 -0.77 6.72 3.18
C ALA A 50 -1.52 7.95 2.70
N GLY A 51 -1.18 8.43 1.51
CA GLY A 51 -1.83 9.60 0.95
C GLY A 51 -1.95 10.72 1.97
N GLY A 52 -0.81 11.24 2.41
CA GLY A 52 -0.82 12.32 3.39
C GLY A 52 0.38 12.28 4.30
N ARG A 53 0.64 11.12 4.90
CA ARG A 53 1.78 10.96 5.79
C ARG A 53 2.77 9.94 5.25
N SER A 54 3.99 9.98 5.77
CA SER A 54 5.04 9.07 5.32
C SER A 54 5.77 8.45 6.52
N GLY A 55 6.61 7.46 6.25
CA GLY A 55 7.35 6.80 7.31
C GLY A 55 7.28 5.30 7.23
N LEU A 56 8.13 4.62 7.98
CA LEU A 56 8.16 3.15 7.99
C LEU A 56 7.10 2.61 8.94
N PHE A 57 6.69 1.37 8.71
CA PHE A 57 5.69 0.72 9.56
C PHE A 57 5.87 -0.79 9.54
N PRO A 58 5.44 -1.45 10.63
CA PRO A 58 5.54 -2.91 10.78
C PRO A 58 4.59 -3.64 9.84
N ALA A 59 5.12 -4.62 9.11
CA ALA A 59 4.31 -5.40 8.19
C ALA A 59 3.62 -6.57 8.90
N ASP A 60 3.51 -6.45 10.22
CA ASP A 60 2.87 -7.49 11.02
C ASP A 60 1.44 -7.09 11.38
N ILE A 61 1.23 -5.80 11.60
CA ILE A 61 -0.08 -5.29 11.96
C ILE A 61 -0.92 -4.99 10.72
N VAL A 62 -0.29 -5.12 9.55
CA VAL A 62 -0.97 -4.88 8.29
C VAL A 62 -1.23 -6.17 7.54
N GLN A 63 -1.94 -6.07 6.42
CA GLN A 63 -2.26 -7.24 5.61
C GLN A 63 -2.28 -6.89 4.13
N PRO A 64 -1.98 -7.87 3.28
CA PRO A 64 -1.96 -7.69 1.82
C PRO A 64 -3.36 -7.49 1.24
N ALA A 65 -3.47 -6.64 0.24
CA ALA A 65 -4.75 -6.35 -0.40
C ALA A 65 -4.57 -6.10 -1.89
N ALA A 66 -5.68 -6.15 -2.63
CA ALA A 66 -5.64 -5.93 -4.08
C ALA A 66 -5.56 -4.43 -4.39
N ALA A 67 -4.60 -4.07 -5.23
CA ALA A 67 -4.41 -2.68 -5.62
C ALA A 67 -5.69 -2.10 -6.24
N PRO A 68 -5.95 -0.82 -5.98
CA PRO A 68 -7.14 -0.13 -6.49
C PRO A 68 -7.06 0.11 -8.00
N ASP A 69 -7.55 -0.86 -8.77
CA ASP A 69 -7.53 -0.76 -10.22
C ASP A 69 -8.07 0.61 -10.68
N PHE A 70 -7.80 0.95 -11.94
CA PHE A 70 -8.24 2.22 -12.50
C PHE A 70 -9.64 2.09 -13.08
N SER A 71 -10.21 3.22 -13.48
CA SER A 71 -11.56 3.24 -14.06
C SER A 71 -12.60 2.87 -13.01
N PHE A 72 -12.37 3.29 -11.77
CA PHE A 72 -13.30 3.00 -10.68
C PHE A 72 -14.73 3.34 -11.08
N SER A 73 -15.61 2.35 -10.97
CA SER A 73 -17.01 2.54 -11.33
C SER A 73 -17.88 1.44 -10.73
N LYS A 74 -19.08 1.81 -10.28
CA LYS A 74 -19.99 0.85 -9.68
C LYS A 74 -20.54 -0.11 -10.73
N GLU A 75 -20.82 -1.34 -10.33
CA GLU A 75 -21.35 -2.34 -11.24
C GLU A 75 -22.73 -1.96 -11.74
N GLN A 76 -23.66 -1.75 -10.81
CA GLN A 76 -25.02 -1.37 -11.16
C GLN A 76 -25.03 -0.40 -12.34
N ARG A 77 -26.09 -0.49 -13.15
CA ARG A 77 -26.22 0.37 -14.32
C ARG A 77 -26.41 1.83 -13.90
N SER A 78 -25.32 2.60 -13.97
CA SER A 78 -25.35 4.00 -13.60
C SER A 78 -25.09 4.89 -14.82
N GLY A 79 -26.01 5.81 -15.07
CA GLY A 79 -25.86 6.71 -16.20
C GLY A 79 -24.42 7.09 -16.45
N SER A 80 -24.04 7.15 -17.73
CA SER A 80 -22.67 7.50 -18.10
C SER A 80 -22.62 8.05 -19.52
N GLY A 81 -21.96 9.18 -19.69
CA GLY A 81 -21.84 9.80 -21.00
C GLY A 81 -20.77 9.15 -21.85
N PRO A 82 -20.94 9.22 -23.18
CA PRO A 82 -19.98 8.64 -24.12
C PRO A 82 -18.66 9.40 -24.16
N SER A 83 -17.74 8.96 -25.00
CA SER A 83 -16.43 9.59 -25.12
C SER A 83 -16.14 9.96 -26.57
N SER A 84 -16.30 8.99 -27.47
CA SER A 84 -16.04 9.20 -28.88
C SER A 84 -17.23 8.74 -29.73
N GLY A 85 -17.76 7.57 -29.39
CA GLY A 85 -18.90 7.03 -30.12
C GLY A 85 -18.74 7.17 -31.62
N GLY A 1 5.06 -13.05 -25.13
CA GLY A 1 4.77 -13.77 -23.91
C GLY A 1 4.35 -12.86 -22.77
N SER A 2 3.11 -13.02 -22.31
CA SER A 2 2.58 -12.21 -21.23
C SER A 2 3.59 -12.10 -20.09
N SER A 3 4.13 -10.89 -19.91
CA SER A 3 5.11 -10.64 -18.86
C SER A 3 4.55 -11.01 -17.49
N GLY A 4 5.27 -11.87 -16.77
CA GLY A 4 4.82 -12.29 -15.46
C GLY A 4 5.29 -11.36 -14.36
N SER A 5 4.56 -11.34 -13.25
CA SER A 5 4.90 -10.48 -12.12
C SER A 5 4.11 -10.87 -10.88
N SER A 6 4.74 -10.75 -9.71
CA SER A 6 4.09 -11.10 -8.45
C SER A 6 2.90 -10.19 -8.20
N GLY A 7 3.07 -8.89 -8.44
CA GLY A 7 2.00 -7.95 -8.23
C GLY A 7 2.48 -6.52 -8.18
N SER A 8 1.62 -5.60 -7.74
CA SER A 8 1.96 -4.19 -7.66
C SER A 8 2.57 -3.87 -6.30
N GLY A 9 1.84 -4.16 -5.23
CA GLY A 9 2.32 -3.90 -3.89
C GLY A 9 1.40 -2.97 -3.11
N TYR A 10 0.42 -3.56 -2.43
CA TYR A 10 -0.53 -2.78 -1.65
C TYR A 10 -0.95 -3.55 -0.40
N VAL A 11 -0.75 -2.93 0.76
CA VAL A 11 -1.12 -3.56 2.03
C VAL A 11 -1.97 -2.62 2.88
N ILE A 12 -2.95 -3.19 3.57
CA ILE A 12 -3.84 -2.40 4.42
C ILE A 12 -3.45 -2.54 5.88
N ALA A 13 -3.74 -1.49 6.66
CA ALA A 13 -3.42 -1.49 8.08
C ALA A 13 -4.56 -2.11 8.89
N LEU A 14 -4.34 -3.35 9.35
CA LEU A 14 -5.34 -4.06 10.13
C LEU A 14 -5.77 -3.23 11.34
N ARG A 15 -4.82 -2.50 11.92
CA ARG A 15 -5.10 -1.67 13.08
C ARG A 15 -4.70 -0.22 12.81
N SER A 16 -4.82 0.62 13.85
CA SER A 16 -4.48 2.03 13.72
C SER A 16 -3.14 2.33 14.39
N TYR A 17 -2.13 2.61 13.58
CA TYR A 17 -0.79 2.91 14.09
C TYR A 17 -0.55 4.42 14.13
N ILE A 18 -0.81 5.02 15.29
CA ILE A 18 -0.63 6.46 15.45
C ILE A 18 0.59 6.75 16.33
N THR A 19 1.55 7.48 15.78
CA THR A 19 2.76 7.84 16.51
C THR A 19 3.16 9.28 16.25
N ASP A 20 3.42 10.03 17.32
CA ASP A 20 3.82 11.42 17.21
C ASP A 20 5.14 11.56 16.48
N ASN A 21 5.95 10.50 16.55
CA ASN A 21 7.26 10.50 15.89
C ASN A 21 7.12 10.82 14.41
N CYS A 22 8.12 11.49 13.86
CA CYS A 22 8.12 11.86 12.44
C CYS A 22 8.78 10.78 11.60
N SER A 23 9.83 10.18 12.13
CA SER A 23 10.57 9.14 11.43
C SER A 23 9.62 8.02 10.98
N LEU A 24 8.81 7.54 11.92
CA LEU A 24 7.85 6.47 11.63
C LEU A 24 6.69 7.00 10.80
N LEU A 25 5.75 6.10 10.48
CA LEU A 25 4.58 6.48 9.70
C LEU A 25 3.31 6.38 10.54
N SER A 26 2.50 7.44 10.50
CA SER A 26 1.26 7.47 11.25
C SER A 26 0.06 7.23 10.34
N PHE A 27 -0.79 6.28 10.74
CA PHE A 27 -1.97 5.95 9.96
C PHE A 27 -3.03 5.29 10.83
N HIS A 28 -4.27 5.24 10.33
CA HIS A 28 -5.36 4.64 11.07
C HIS A 28 -5.68 3.24 10.53
N ARG A 29 -6.71 2.61 11.08
CA ARG A 29 -7.11 1.28 10.66
C ARG A 29 -7.85 1.32 9.33
N GLY A 30 -7.58 0.34 8.48
CA GLY A 30 -8.24 0.29 7.18
C GLY A 30 -7.59 1.22 6.18
N ASP A 31 -6.78 2.16 6.67
CA ASP A 31 -6.11 3.12 5.81
C ASP A 31 -5.08 2.42 4.93
N LEU A 32 -5.47 2.13 3.69
CA LEU A 32 -4.57 1.46 2.75
C LEU A 32 -3.21 2.16 2.69
N ILE A 33 -2.15 1.39 2.87
CA ILE A 33 -0.80 1.93 2.84
C ILE A 33 -0.08 1.54 1.55
N LYS A 34 0.31 2.52 0.77
CA LYS A 34 1.00 2.29 -0.49
C LYS A 34 2.48 2.02 -0.24
N LEU A 35 3.03 1.02 -0.93
CA LEU A 35 4.43 0.67 -0.78
C LEU A 35 5.30 1.50 -1.72
N LEU A 36 6.00 2.47 -1.16
CA LEU A 36 6.88 3.34 -1.94
C LEU A 36 8.13 2.59 -2.40
N PRO A 37 8.71 3.05 -3.52
CA PRO A 37 9.92 2.43 -4.08
C PRO A 37 11.16 2.67 -3.21
N VAL A 38 11.73 1.58 -2.69
CA VAL A 38 12.91 1.68 -1.85
C VAL A 38 13.95 0.64 -2.25
N ALA A 39 15.22 0.97 -2.05
CA ALA A 39 16.31 0.08 -2.39
C ALA A 39 16.32 -1.15 -1.48
N THR A 40 16.32 -0.91 -0.18
CA THR A 40 16.32 -1.99 0.81
C THR A 40 15.72 -1.54 2.13
N LEU A 41 15.17 -2.50 2.88
CA LEU A 41 14.56 -2.19 4.17
C LEU A 41 14.98 -3.22 5.22
N GLU A 42 14.53 -3.01 6.46
CA GLU A 42 14.85 -3.91 7.55
C GLU A 42 13.94 -5.13 7.54
N PRO A 43 14.39 -6.21 8.18
CA PRO A 43 13.63 -7.46 8.27
C PRO A 43 12.39 -7.33 9.15
N GLY A 44 11.29 -6.91 8.56
CA GLY A 44 10.05 -6.75 9.31
C GLY A 44 9.46 -5.36 9.16
N TRP A 45 10.30 -4.39 8.79
CA TRP A 45 9.85 -3.02 8.62
C TRP A 45 9.51 -2.73 7.17
N GLN A 46 8.59 -1.80 6.94
CA GLN A 46 8.19 -1.44 5.59
C GLN A 46 8.22 0.07 5.40
N PHE A 47 8.37 0.51 4.15
CA PHE A 47 8.41 1.93 3.83
C PHE A 47 7.32 2.29 2.82
N GLY A 48 6.49 3.27 3.20
CA GLY A 48 5.41 3.70 2.33
C GLY A 48 4.72 4.94 2.84
N SER A 49 3.56 5.25 2.26
CA SER A 49 2.79 6.43 2.66
C SER A 49 1.32 6.08 2.85
N ALA A 50 0.61 6.90 3.60
CA ALA A 50 -0.81 6.69 3.86
C ALA A 50 -1.45 7.92 4.49
N GLY A 51 -2.26 8.62 3.71
CA GLY A 51 -2.93 9.81 4.20
C GLY A 51 -2.27 11.09 3.70
N GLY A 52 -0.95 11.15 3.79
CA GLY A 52 -0.24 12.33 3.34
C GLY A 52 1.20 12.34 3.79
N ARG A 53 1.49 11.63 4.89
CA ARG A 53 2.84 11.57 5.42
C ARG A 53 3.48 10.21 5.12
N SER A 54 4.80 10.21 4.93
CA SER A 54 5.53 8.98 4.63
C SER A 54 6.48 8.62 5.77
N GLY A 55 6.61 7.32 6.04
CA GLY A 55 7.48 6.87 7.11
C GLY A 55 7.66 5.36 7.09
N LEU A 56 8.09 4.82 8.23
CA LEU A 56 8.30 3.38 8.35
C LEU A 56 7.23 2.74 9.23
N PHE A 57 6.81 1.53 8.87
CA PHE A 57 5.80 0.81 9.63
C PHE A 57 6.03 -0.70 9.55
N PRO A 58 5.65 -1.41 10.62
CA PRO A 58 5.81 -2.87 10.70
C PRO A 58 4.86 -3.59 9.75
N ALA A 59 5.39 -4.59 9.04
CA ALA A 59 4.60 -5.38 8.10
C ALA A 59 3.89 -6.52 8.81
N ASP A 60 3.74 -6.41 10.12
CA ASP A 60 3.09 -7.44 10.92
C ASP A 60 1.65 -7.03 11.25
N ILE A 61 1.45 -5.75 11.51
CA ILE A 61 0.13 -5.24 11.84
C ILE A 61 -0.67 -4.94 10.58
N VAL A 62 -0.08 -5.21 9.43
CA VAL A 62 -0.73 -4.96 8.15
C VAL A 62 -0.90 -6.25 7.35
N GLN A 63 -1.71 -6.19 6.31
CA GLN A 63 -1.96 -7.37 5.47
C GLN A 63 -2.05 -6.96 4.00
N PRO A 64 -1.70 -7.91 3.11
CA PRO A 64 -1.73 -7.68 1.66
C PRO A 64 -3.15 -7.58 1.13
N ALA A 65 -3.34 -6.71 0.13
CA ALA A 65 -4.66 -6.52 -0.47
C ALA A 65 -4.54 -6.27 -1.97
N ALA A 66 -5.65 -6.47 -2.68
CA ALA A 66 -5.67 -6.28 -4.13
C ALA A 66 -5.51 -4.80 -4.48
N ALA A 67 -4.65 -4.52 -5.45
CA ALA A 67 -4.41 -3.15 -5.89
C ALA A 67 -5.65 -2.56 -6.54
N PRO A 68 -5.84 -1.24 -6.36
CA PRO A 68 -6.98 -0.52 -6.93
C PRO A 68 -6.91 -0.40 -8.45
N ASP A 69 -5.86 -0.99 -9.02
CA ASP A 69 -5.66 -0.95 -10.46
C ASP A 69 -6.97 -1.18 -11.20
N PHE A 70 -7.41 -0.19 -11.97
CA PHE A 70 -8.66 -0.28 -12.71
C PHE A 70 -8.79 -1.64 -13.40
N SER A 71 -9.93 -2.28 -13.21
CA SER A 71 -10.18 -3.59 -13.80
C SER A 71 -11.33 -3.54 -14.80
N PHE A 72 -11.35 -4.49 -15.72
CA PHE A 72 -12.39 -4.54 -16.75
C PHE A 72 -13.73 -4.10 -16.17
N SER A 73 -14.10 -4.66 -15.03
CA SER A 73 -15.35 -4.33 -14.37
C SER A 73 -16.44 -4.06 -15.41
N LYS A 74 -16.66 -5.02 -16.30
CA LYS A 74 -17.67 -4.89 -17.34
C LYS A 74 -19.00 -4.43 -16.75
N GLU A 75 -19.70 -3.57 -17.49
CA GLU A 75 -20.98 -3.05 -17.04
C GLU A 75 -22.11 -4.00 -17.40
N GLN A 76 -22.78 -4.55 -16.38
CA GLN A 76 -23.88 -5.48 -16.60
C GLN A 76 -24.85 -4.94 -17.64
N ARG A 77 -24.67 -5.36 -18.89
CA ARG A 77 -25.52 -4.93 -19.98
C ARG A 77 -26.77 -5.80 -20.08
N SER A 78 -27.83 -5.37 -19.38
CA SER A 78 -29.09 -6.11 -19.38
C SER A 78 -30.25 -5.22 -19.82
N GLY A 79 -31.34 -5.84 -20.23
CA GLY A 79 -32.51 -5.10 -20.66
C GLY A 79 -32.72 -3.84 -19.85
N SER A 80 -32.37 -2.69 -20.42
CA SER A 80 -32.51 -1.41 -19.73
C SER A 80 -33.91 -0.84 -19.95
N GLY A 81 -34.55 -0.43 -18.86
CA GLY A 81 -35.88 0.13 -18.95
C GLY A 81 -35.90 1.46 -19.67
N PRO A 82 -37.12 1.95 -19.98
CA PRO A 82 -37.30 3.23 -20.68
C PRO A 82 -36.94 4.42 -19.80
N SER A 83 -36.23 5.38 -20.38
CA SER A 83 -35.81 6.58 -19.64
C SER A 83 -36.79 7.72 -19.89
N SER A 84 -36.70 8.76 -19.06
CA SER A 84 -37.57 9.91 -19.18
C SER A 84 -37.44 10.55 -20.56
N GLY A 85 -38.40 11.40 -20.91
CA GLY A 85 -38.38 12.06 -22.20
C GLY A 85 -38.36 13.57 -22.07
N GLY A 1 15.04 -5.36 -20.81
CA GLY A 1 14.48 -4.10 -20.36
C GLY A 1 15.11 -3.62 -19.06
N SER A 2 14.74 -2.42 -18.63
CA SER A 2 15.28 -1.84 -17.40
C SER A 2 14.61 -2.45 -16.17
N SER A 3 15.10 -2.09 -15.00
CA SER A 3 14.56 -2.61 -13.74
C SER A 3 13.45 -1.69 -13.23
N GLY A 4 12.20 -2.07 -13.49
CA GLY A 4 11.08 -1.27 -13.03
C GLY A 4 9.74 -1.89 -13.40
N SER A 5 9.49 -3.09 -12.92
CA SER A 5 8.23 -3.78 -13.22
C SER A 5 7.13 -3.35 -12.25
N SER A 6 5.91 -3.31 -12.76
CA SER A 6 4.75 -2.90 -11.95
C SER A 6 3.92 -4.11 -11.56
N GLY A 7 3.54 -4.16 -10.28
CA GLY A 7 2.74 -5.28 -9.79
C GLY A 7 1.72 -4.85 -8.76
N SER A 8 0.81 -5.75 -8.42
CA SER A 8 -0.24 -5.45 -7.45
C SER A 8 0.26 -5.68 -6.03
N GLY A 9 0.93 -4.67 -5.48
CA GLY A 9 1.45 -4.77 -4.13
C GLY A 9 0.88 -3.72 -3.19
N TYR A 10 -0.36 -3.91 -2.76
CA TYR A 10 -1.01 -2.97 -1.87
C TYR A 10 -1.48 -3.66 -0.59
N VAL A 11 -1.18 -3.03 0.55
CA VAL A 11 -1.57 -3.58 1.85
C VAL A 11 -2.37 -2.57 2.66
N ILE A 12 -3.31 -3.07 3.45
CA ILE A 12 -4.15 -2.21 4.28
C ILE A 12 -3.73 -2.29 5.74
N ALA A 13 -4.01 -1.23 6.50
CA ALA A 13 -3.67 -1.19 7.91
C ALA A 13 -4.75 -1.88 8.75
N LEU A 14 -4.40 -3.04 9.29
CA LEU A 14 -5.34 -3.81 10.12
C LEU A 14 -5.67 -3.05 11.40
N ARG A 15 -4.69 -2.33 11.93
CA ARG A 15 -4.88 -1.56 13.16
C ARG A 15 -4.08 -0.27 13.12
N SER A 16 -4.54 0.73 13.87
CA SER A 16 -3.88 2.03 13.91
C SER A 16 -2.44 1.88 14.42
N TYR A 17 -1.56 2.75 13.93
CA TYR A 17 -0.16 2.71 14.33
C TYR A 17 0.35 4.11 14.65
N ILE A 18 -0.12 4.67 15.76
CA ILE A 18 0.28 6.00 16.18
C ILE A 18 1.73 6.01 16.64
N THR A 19 2.53 6.92 16.06
CA THR A 19 3.93 7.03 16.40
C THR A 19 4.26 8.44 16.91
N ASP A 20 4.93 8.50 18.06
CA ASP A 20 5.31 9.77 18.65
C ASP A 20 6.46 10.41 17.89
N ASN A 21 6.99 9.69 16.90
CA ASN A 21 8.10 10.19 16.10
C ASN A 21 7.70 10.28 14.63
N CYS A 22 7.46 11.50 14.16
CA CYS A 22 7.08 11.74 12.78
C CYS A 22 7.82 10.78 11.84
N SER A 23 9.07 10.49 12.17
CA SER A 23 9.89 9.59 11.36
C SER A 23 9.06 8.41 10.85
N LEU A 24 8.46 7.68 11.78
CA LEU A 24 7.64 6.52 11.43
C LEU A 24 6.39 6.95 10.67
N LEU A 25 5.54 5.99 10.34
CA LEU A 25 4.31 6.28 9.61
C LEU A 25 3.09 6.13 10.52
N SER A 26 2.28 7.17 10.58
CA SER A 26 1.08 7.16 11.42
C SER A 26 -0.17 6.98 10.57
N PHE A 27 -0.90 5.90 10.80
CA PHE A 27 -2.11 5.61 10.06
C PHE A 27 -3.18 5.01 10.97
N HIS A 28 -4.39 4.85 10.44
CA HIS A 28 -5.50 4.30 11.20
C HIS A 28 -6.01 3.01 10.56
N ARG A 29 -6.92 2.33 11.26
CA ARG A 29 -7.48 1.08 10.76
C ARG A 29 -8.18 1.30 9.43
N GLY A 30 -7.66 0.69 8.38
CA GLY A 30 -8.26 0.84 7.06
C GLY A 30 -7.39 1.63 6.11
N ASP A 31 -6.76 2.69 6.63
CA ASP A 31 -5.90 3.54 5.82
C ASP A 31 -4.90 2.71 5.03
N LEU A 32 -5.21 2.46 3.76
CA LEU A 32 -4.33 1.68 2.90
C LEU A 32 -3.00 2.38 2.68
N ILE A 33 -1.92 1.62 2.66
CA ILE A 33 -0.59 2.17 2.44
C ILE A 33 -0.05 1.80 1.07
N LYS A 34 0.61 2.76 0.43
CA LYS A 34 1.18 2.54 -0.90
C LYS A 34 2.66 2.17 -0.80
N LEU A 35 2.99 0.95 -1.20
CA LEU A 35 4.37 0.47 -1.16
C LEU A 35 5.25 1.28 -2.11
N LEU A 36 6.32 1.85 -1.59
CA LEU A 36 7.25 2.64 -2.39
C LEU A 36 8.56 1.88 -2.62
N PRO A 37 9.18 2.13 -3.78
CA PRO A 37 10.44 1.48 -4.16
C PRO A 37 11.61 1.97 -3.31
N VAL A 38 12.05 1.13 -2.37
CA VAL A 38 13.16 1.48 -1.49
C VAL A 38 14.33 0.52 -1.69
N ALA A 39 15.53 1.08 -1.80
CA ALA A 39 16.73 0.27 -1.99
C ALA A 39 16.88 -0.75 -0.87
N THR A 40 17.01 -0.27 0.36
CA THR A 40 17.17 -1.15 1.51
C THR A 40 16.14 -0.84 2.58
N LEU A 41 15.94 -1.77 3.50
CA LEU A 41 14.98 -1.60 4.59
C LEU A 41 15.41 -2.37 5.83
N GLU A 42 14.61 -2.27 6.88
CA GLU A 42 14.90 -2.97 8.14
C GLU A 42 14.13 -4.27 8.23
N PRO A 43 14.66 -5.22 9.01
CA PRO A 43 14.03 -6.53 9.20
C PRO A 43 12.75 -6.46 10.02
N GLY A 44 11.64 -6.19 9.35
CA GLY A 44 10.36 -6.08 10.03
C GLY A 44 9.72 -4.71 9.85
N TRP A 45 10.27 -3.91 8.96
CA TRP A 45 9.76 -2.57 8.71
C TRP A 45 9.33 -2.42 7.25
N GLN A 46 8.47 -1.45 6.98
CA GLN A 46 7.98 -1.20 5.63
C GLN A 46 7.99 0.29 5.31
N PHE A 47 8.33 0.62 4.07
CA PHE A 47 8.38 2.01 3.64
C PHE A 47 7.31 2.29 2.58
N GLY A 48 6.47 3.28 2.84
CA GLY A 48 5.42 3.63 1.89
C GLY A 48 4.70 4.92 2.26
N SER A 49 3.80 5.36 1.39
CA SER A 49 3.07 6.59 1.63
C SER A 49 1.62 6.29 2.00
N ALA A 50 1.13 6.94 3.06
CA ALA A 50 -0.24 6.74 3.52
C ALA A 50 -0.81 8.03 4.09
N GLY A 51 -2.02 8.38 3.67
CA GLY A 51 -2.66 9.59 4.14
C GLY A 51 -1.82 10.83 3.92
N GLY A 52 -1.54 11.12 2.65
CA GLY A 52 -0.73 12.29 2.33
C GLY A 52 0.46 12.44 3.25
N ARG A 53 1.04 11.31 3.67
CA ARG A 53 2.19 11.33 4.57
C ARG A 53 3.09 10.12 4.30
N SER A 54 4.36 10.25 4.68
CA SER A 54 5.33 9.18 4.48
C SER A 54 5.94 8.74 5.82
N GLY A 55 6.38 7.49 5.88
CA GLY A 55 6.97 6.97 7.09
C GLY A 55 7.24 5.48 7.03
N LEU A 56 7.56 4.89 8.17
CA LEU A 56 7.85 3.45 8.23
C LEU A 56 6.85 2.74 9.15
N PHE A 57 6.50 1.52 8.78
CA PHE A 57 5.56 0.73 9.57
C PHE A 57 5.91 -0.75 9.53
N PRO A 58 5.63 -1.46 10.63
CA PRO A 58 5.91 -2.90 10.75
C PRO A 58 5.01 -3.74 9.85
N ALA A 59 5.63 -4.60 9.04
CA ALA A 59 4.88 -5.46 8.14
C ALA A 59 4.27 -6.64 8.88
N ASP A 60 3.59 -6.35 9.97
CA ASP A 60 2.96 -7.39 10.79
C ASP A 60 1.51 -7.04 11.09
N ILE A 61 1.23 -5.75 11.20
CA ILE A 61 -0.12 -5.27 11.50
C ILE A 61 -0.83 -4.84 10.22
N VAL A 62 -0.36 -5.35 9.09
CA VAL A 62 -0.96 -5.02 7.80
C VAL A 62 -1.23 -6.26 6.97
N GLN A 63 -2.34 -6.27 6.26
CA GLN A 63 -2.71 -7.40 5.42
C GLN A 63 -2.79 -7.01 3.95
N PRO A 64 -2.49 -7.97 3.06
CA PRO A 64 -2.51 -7.74 1.61
C PRO A 64 -3.92 -7.55 1.08
N ALA A 65 -4.06 -6.65 0.11
CA ALA A 65 -5.37 -6.38 -0.48
C ALA A 65 -5.26 -6.20 -2.00
N ALA A 66 -6.39 -6.24 -2.68
CA ALA A 66 -6.42 -6.09 -4.13
C ALA A 66 -6.12 -4.65 -4.53
N ALA A 67 -5.39 -4.49 -5.63
CA ALA A 67 -5.03 -3.16 -6.13
C ALA A 67 -6.28 -2.34 -6.44
N PRO A 68 -6.20 -1.02 -6.17
CA PRO A 68 -7.31 -0.10 -6.41
C PRO A 68 -7.58 0.11 -7.89
N ASP A 69 -6.69 -0.40 -8.73
CA ASP A 69 -6.84 -0.27 -10.17
C ASP A 69 -7.48 -1.52 -10.77
N PHE A 70 -8.38 -1.30 -11.73
CA PHE A 70 -9.08 -2.41 -12.38
C PHE A 70 -8.09 -3.31 -13.12
N SER A 71 -8.59 -4.44 -13.60
CA SER A 71 -7.75 -5.40 -14.32
C SER A 71 -8.39 -5.77 -15.65
N PHE A 72 -7.74 -5.37 -16.75
CA PHE A 72 -8.24 -5.67 -18.09
C PHE A 72 -8.38 -7.18 -18.30
N SER A 73 -8.98 -7.55 -19.42
CA SER A 73 -9.18 -8.96 -19.74
C SER A 73 -7.86 -9.72 -19.71
N LYS A 74 -7.91 -10.97 -19.25
CA LYS A 74 -6.72 -11.80 -19.17
C LYS A 74 -6.57 -12.66 -20.42
N GLU A 75 -5.33 -12.96 -20.79
CA GLU A 75 -5.05 -13.77 -21.97
C GLU A 75 -5.67 -15.17 -21.83
N GLN A 76 -5.94 -15.80 -22.96
CA GLN A 76 -6.53 -17.14 -22.97
C GLN A 76 -5.83 -18.05 -21.97
N ARG A 77 -6.60 -18.93 -21.34
CA ARG A 77 -6.06 -19.86 -20.36
C ARG A 77 -4.94 -20.71 -20.96
N SER A 78 -3.99 -21.11 -20.12
CA SER A 78 -2.86 -21.92 -20.57
C SER A 78 -3.34 -23.25 -21.14
N GLY A 79 -2.55 -23.83 -22.04
CA GLY A 79 -2.91 -25.10 -22.64
C GLY A 79 -1.82 -26.14 -22.50
N SER A 80 -0.58 -25.75 -22.81
CA SER A 80 0.55 -26.66 -22.71
C SER A 80 0.38 -27.62 -21.53
N GLY A 81 0.72 -28.88 -21.75
CA GLY A 81 0.61 -29.88 -20.70
C GLY A 81 1.92 -30.59 -20.42
N PRO A 82 1.83 -31.76 -19.78
CA PRO A 82 3.01 -32.56 -19.44
C PRO A 82 3.66 -33.18 -20.66
N SER A 83 4.85 -33.76 -20.48
CA SER A 83 5.57 -34.39 -21.57
C SER A 83 6.13 -35.74 -21.15
N SER A 84 6.69 -36.48 -22.11
CA SER A 84 7.26 -37.78 -21.84
C SER A 84 8.78 -37.70 -21.70
N GLY A 85 9.40 -38.82 -21.33
CA GLY A 85 10.84 -38.85 -21.16
C GLY A 85 11.55 -39.33 -22.41
N GLY A 1 -2.71 -10.52 -19.67
CA GLY A 1 -2.76 -9.78 -20.92
C GLY A 1 -1.39 -9.48 -21.47
N SER A 2 -1.16 -8.23 -21.86
CA SER A 2 0.12 -7.82 -22.42
C SER A 2 1.24 -8.03 -21.41
N SER A 3 0.99 -7.65 -20.16
CA SER A 3 1.99 -7.79 -19.11
C SER A 3 1.89 -9.17 -18.45
N GLY A 4 2.95 -9.95 -18.56
CA GLY A 4 2.96 -11.27 -17.97
C GLY A 4 3.54 -11.28 -16.56
N SER A 5 2.67 -11.09 -15.58
CA SER A 5 3.09 -11.07 -14.18
C SER A 5 1.93 -11.43 -13.25
N SER A 6 2.22 -11.52 -11.96
CA SER A 6 1.20 -11.85 -10.97
C SER A 6 1.65 -11.45 -9.57
N GLY A 7 0.79 -10.72 -8.87
CA GLY A 7 1.12 -10.28 -7.52
C GLY A 7 1.01 -8.77 -7.37
N SER A 8 0.17 -8.34 -6.43
CA SER A 8 -0.03 -6.92 -6.19
C SER A 8 0.93 -6.41 -5.11
N GLY A 9 1.03 -5.10 -4.99
CA GLY A 9 1.92 -4.50 -4.00
C GLY A 9 1.23 -3.46 -3.15
N TYR A 10 0.08 -3.82 -2.59
CA TYR A 10 -0.68 -2.90 -1.75
C TYR A 10 -1.13 -3.60 -0.46
N VAL A 11 -0.81 -2.98 0.67
CA VAL A 11 -1.19 -3.53 1.97
C VAL A 11 -2.06 -2.56 2.75
N ILE A 12 -3.03 -3.10 3.49
CA ILE A 12 -3.93 -2.27 4.27
C ILE A 12 -3.58 -2.33 5.76
N ALA A 13 -3.99 -1.30 6.50
CA ALA A 13 -3.71 -1.25 7.93
C ALA A 13 -4.77 -2.00 8.73
N LEU A 14 -4.37 -3.11 9.32
CA LEU A 14 -5.29 -3.93 10.12
C LEU A 14 -5.68 -3.21 11.40
N ARG A 15 -4.77 -2.40 11.92
CA ARG A 15 -5.02 -1.66 13.15
C ARG A 15 -4.45 -0.24 13.05
N SER A 16 -4.95 0.66 13.91
CA SER A 16 -4.48 2.04 13.91
C SER A 16 -3.07 2.13 14.49
N TYR A 17 -2.20 2.82 13.76
CA TYR A 17 -0.82 2.99 14.20
C TYR A 17 -0.51 4.46 14.50
N ILE A 18 -0.72 4.85 15.75
CA ILE A 18 -0.47 6.22 16.17
C ILE A 18 0.95 6.37 16.72
N THR A 19 1.77 7.16 16.02
CA THR A 19 3.14 7.40 16.43
C THR A 19 3.37 8.87 16.77
N ASP A 20 4.52 9.15 17.38
CA ASP A 20 4.86 10.52 17.76
C ASP A 20 6.25 10.89 17.26
N ASN A 21 6.66 10.26 16.16
CA ASN A 21 7.98 10.53 15.57
C ASN A 21 7.91 10.45 14.05
N CYS A 22 8.27 11.54 13.39
CA CYS A 22 8.26 11.60 11.94
C CYS A 22 8.83 10.32 11.34
N SER A 23 9.90 9.80 11.96
CA SER A 23 10.55 8.59 11.49
C SER A 23 9.52 7.52 11.13
N LEU A 24 8.57 7.30 12.04
CA LEU A 24 7.53 6.31 11.82
C LEU A 24 6.36 6.92 11.05
N LEU A 25 5.36 6.09 10.75
CA LEU A 25 4.18 6.54 10.02
C LEU A 25 2.93 6.44 10.89
N SER A 26 2.14 7.50 10.91
CA SER A 26 0.92 7.54 11.70
C SER A 26 -0.31 7.37 10.82
N PHE A 27 -0.86 6.16 10.80
CA PHE A 27 -2.04 5.88 9.99
C PHE A 27 -3.13 5.20 10.84
N HIS A 28 -4.34 5.17 10.31
CA HIS A 28 -5.46 4.55 11.00
C HIS A 28 -5.83 3.21 10.37
N ARG A 29 -6.82 2.54 10.94
CA ARG A 29 -7.26 1.25 10.44
C ARG A 29 -7.98 1.40 9.10
N GLY A 30 -7.79 0.44 8.21
CA GLY A 30 -8.41 0.48 6.91
C GLY A 30 -7.66 1.34 5.92
N ASP A 31 -7.00 2.39 6.44
CA ASP A 31 -6.24 3.29 5.59
C ASP A 31 -5.20 2.52 4.77
N LEU A 32 -5.55 2.22 3.53
CA LEU A 32 -4.65 1.49 2.64
C LEU A 32 -3.30 2.17 2.56
N ILE A 33 -2.24 1.42 2.89
CA ILE A 33 -0.89 1.96 2.85
C ILE A 33 -0.16 1.51 1.58
N LYS A 34 0.29 2.49 0.80
CA LYS A 34 1.01 2.19 -0.45
C LYS A 34 2.50 1.98 -0.17
N LEU A 35 3.08 1.00 -0.87
CA LEU A 35 4.50 0.71 -0.71
C LEU A 35 5.34 1.54 -1.65
N LEU A 36 6.01 2.55 -1.10
CA LEU A 36 6.87 3.43 -1.90
C LEU A 36 8.11 2.69 -2.38
N PRO A 37 8.68 3.17 -3.50
CA PRO A 37 9.88 2.56 -4.09
C PRO A 37 11.13 2.81 -3.24
N VAL A 38 11.66 1.74 -2.65
CA VAL A 38 12.85 1.84 -1.82
C VAL A 38 13.91 0.81 -2.23
N ALA A 39 15.16 1.09 -1.90
CA ALA A 39 16.25 0.19 -2.23
C ALA A 39 16.54 -0.78 -1.09
N THR A 40 16.93 -0.23 0.06
CA THR A 40 17.24 -1.05 1.23
C THR A 40 16.20 -0.85 2.33
N LEU A 41 15.76 -1.94 2.92
CA LEU A 41 14.76 -1.88 3.99
C LEU A 41 15.19 -2.73 5.18
N GLU A 42 14.53 -2.54 6.32
CA GLU A 42 14.84 -3.29 7.53
C GLU A 42 14.08 -4.62 7.55
N PRO A 43 14.65 -5.62 8.23
CA PRO A 43 14.05 -6.95 8.35
C PRO A 43 12.80 -6.94 9.22
N GLY A 44 11.63 -6.94 8.58
CA GLY A 44 10.38 -6.93 9.31
C GLY A 44 9.72 -5.56 9.31
N TRP A 45 10.27 -4.63 8.55
CA TRP A 45 9.73 -3.29 8.46
C TRP A 45 9.26 -2.97 7.05
N GLN A 46 8.51 -1.88 6.91
CA GLN A 46 7.99 -1.46 5.61
C GLN A 46 8.07 0.05 5.46
N PHE A 47 8.30 0.50 4.23
CA PHE A 47 8.39 1.93 3.94
C PHE A 47 7.34 2.35 2.91
N GLY A 48 6.38 3.17 3.35
CA GLY A 48 5.33 3.63 2.45
C GLY A 48 4.61 4.84 2.99
N SER A 49 3.58 5.27 2.27
CA SER A 49 2.80 6.43 2.68
C SER A 49 1.31 6.13 2.66
N ALA A 50 0.58 6.65 3.66
CA ALA A 50 -0.85 6.44 3.75
C ALA A 50 -1.63 7.67 3.31
N GLY A 51 -1.26 8.22 2.16
CA GLY A 51 -1.92 9.40 1.65
C GLY A 51 -1.89 10.56 2.64
N GLY A 52 -0.76 11.26 2.68
CA GLY A 52 -0.62 12.38 3.58
C GLY A 52 0.79 12.54 4.10
N ARG A 53 1.37 11.44 4.58
CA ARG A 53 2.73 11.47 5.10
C ARG A 53 3.41 10.11 4.92
N SER A 54 4.73 10.12 4.86
CA SER A 54 5.50 8.89 4.68
C SER A 54 6.23 8.52 5.97
N GLY A 55 6.47 7.22 6.16
CA GLY A 55 7.15 6.76 7.35
C GLY A 55 7.46 5.28 7.30
N LEU A 56 8.02 4.75 8.38
CA LEU A 56 8.37 3.33 8.46
C LEU A 56 7.43 2.59 9.41
N PHE A 57 6.55 1.78 8.84
CA PHE A 57 5.59 1.02 9.63
C PHE A 57 5.92 -0.47 9.59
N PRO A 58 5.58 -1.19 10.67
CA PRO A 58 5.83 -2.62 10.79
C PRO A 58 4.95 -3.44 9.86
N ALA A 59 5.48 -4.57 9.39
CA ALA A 59 4.74 -5.45 8.49
C ALA A 59 4.05 -6.56 9.26
N ASP A 60 3.71 -6.29 10.52
CA ASP A 60 3.04 -7.28 11.36
C ASP A 60 1.62 -6.84 11.69
N ILE A 61 1.34 -5.56 11.46
CA ILE A 61 0.01 -5.01 11.74
C ILE A 61 -0.71 -4.64 10.45
N VAL A 62 -0.24 -5.18 9.34
CA VAL A 62 -0.84 -4.90 8.04
C VAL A 62 -1.00 -6.18 7.23
N GLN A 63 -1.99 -6.20 6.35
CA GLN A 63 -2.25 -7.36 5.50
C GLN A 63 -2.32 -6.96 4.03
N PRO A 64 -1.91 -7.89 3.15
CA PRO A 64 -1.92 -7.65 1.70
C PRO A 64 -3.32 -7.59 1.13
N ALA A 65 -3.53 -6.69 0.16
CA ALA A 65 -4.84 -6.53 -0.46
C ALA A 65 -4.70 -6.30 -1.97
N ALA A 66 -5.83 -6.21 -2.65
CA ALA A 66 -5.84 -5.99 -4.09
C ALA A 66 -5.51 -4.53 -4.43
N ALA A 67 -4.85 -4.32 -5.56
CA ALA A 67 -4.48 -2.98 -5.99
C ALA A 67 -5.62 -2.32 -6.76
N PRO A 68 -5.77 -1.00 -6.57
CA PRO A 68 -6.82 -0.21 -7.23
C PRO A 68 -6.59 -0.08 -8.73
N ASP A 69 -7.15 -1.00 -9.49
CA ASP A 69 -7.01 -0.98 -10.95
C ASP A 69 -8.33 -1.30 -11.63
N PHE A 70 -8.86 -0.33 -12.36
CA PHE A 70 -10.13 -0.50 -13.07
C PHE A 70 -9.90 -0.64 -14.57
N SER A 71 -9.09 0.24 -15.12
CA SER A 71 -8.79 0.22 -16.56
C SER A 71 -10.07 0.25 -17.38
N PHE A 72 -11.00 1.11 -16.98
CA PHE A 72 -12.28 1.24 -17.68
C PHE A 72 -12.06 1.60 -19.15
N SER A 73 -12.88 1.02 -20.01
CA SER A 73 -12.77 1.28 -21.44
C SER A 73 -13.16 2.72 -21.77
N LYS A 74 -12.78 3.16 -22.96
CA LYS A 74 -13.08 4.52 -23.41
C LYS A 74 -14.56 4.84 -23.22
N GLU A 75 -14.91 6.12 -23.33
CA GLU A 75 -16.30 6.54 -23.17
C GLU A 75 -16.74 7.38 -24.37
N GLN A 76 -17.98 7.20 -24.79
CA GLN A 76 -18.53 7.94 -25.91
C GLN A 76 -18.54 9.44 -25.63
N ARG A 77 -18.82 10.23 -26.65
CA ARG A 77 -18.86 11.69 -26.52
C ARG A 77 -20.28 12.17 -26.23
N SER A 78 -20.39 13.34 -25.62
CA SER A 78 -21.69 13.90 -25.28
C SER A 78 -21.66 15.43 -25.38
N GLY A 79 -22.45 15.97 -26.31
CA GLY A 79 -22.51 17.40 -26.49
C GLY A 79 -23.92 17.92 -26.71
N SER A 80 -24.03 19.13 -27.23
CA SER A 80 -25.33 19.73 -27.48
C SER A 80 -26.19 19.70 -26.23
N GLY A 81 -25.59 20.03 -25.09
CA GLY A 81 -26.32 20.03 -23.83
C GLY A 81 -25.85 21.11 -22.89
N PRO A 82 -25.97 22.38 -23.33
CA PRO A 82 -25.56 23.54 -22.52
C PRO A 82 -26.46 23.75 -21.32
N SER A 83 -25.87 24.25 -20.23
CA SER A 83 -26.61 24.50 -19.00
C SER A 83 -26.45 25.95 -18.55
N SER A 84 -27.29 26.37 -17.61
CA SER A 84 -27.23 27.74 -17.09
C SER A 84 -25.80 28.18 -16.88
N GLY A 85 -25.54 29.47 -17.07
CA GLY A 85 -24.20 30.00 -16.89
C GLY A 85 -24.20 31.38 -16.26
N GLY A 1 5.11 -0.87 -17.70
CA GLY A 1 6.38 -1.58 -17.72
C GLY A 1 6.52 -2.48 -18.93
N SER A 2 7.65 -2.37 -19.63
CA SER A 2 7.91 -3.18 -20.80
C SER A 2 7.65 -4.66 -20.52
N SER A 3 8.12 -5.12 -19.36
CA SER A 3 7.94 -6.52 -18.97
C SER A 3 7.60 -6.62 -17.48
N GLY A 4 6.39 -7.07 -17.20
CA GLY A 4 5.96 -7.22 -15.81
C GLY A 4 6.02 -5.92 -15.05
N SER A 5 5.60 -5.95 -13.79
CA SER A 5 5.60 -4.75 -12.95
C SER A 5 6.94 -4.59 -12.23
N SER A 6 7.28 -3.35 -11.90
CA SER A 6 8.53 -3.06 -11.22
C SER A 6 8.52 -3.64 -9.80
N GLY A 7 7.53 -3.22 -9.01
CA GLY A 7 7.42 -3.71 -7.65
C GLY A 7 6.10 -3.33 -7.01
N SER A 8 5.00 -3.69 -7.66
CA SER A 8 3.67 -3.38 -7.15
C SER A 8 3.43 -4.06 -5.80
N GLY A 9 2.67 -3.40 -4.93
CA GLY A 9 2.39 -3.94 -3.61
C GLY A 9 1.61 -2.98 -2.75
N TYR A 10 0.46 -3.42 -2.27
CA TYR A 10 -0.39 -2.59 -1.42
C TYR A 10 -0.91 -3.38 -0.22
N VAL A 11 -0.84 -2.76 0.95
CA VAL A 11 -1.30 -3.40 2.18
C VAL A 11 -2.19 -2.47 2.99
N ILE A 12 -3.15 -3.05 3.70
CA ILE A 12 -4.07 -2.27 4.52
C ILE A 12 -3.76 -2.42 6.00
N ALA A 13 -3.96 -1.35 6.75
CA ALA A 13 -3.70 -1.36 8.19
C ALA A 13 -4.83 -2.05 8.94
N LEU A 14 -4.48 -3.08 9.72
CA LEU A 14 -5.47 -3.82 10.49
C LEU A 14 -5.79 -3.11 11.80
N ARG A 15 -4.90 -2.19 12.21
CA ARG A 15 -5.09 -1.44 13.44
C ARG A 15 -4.54 -0.02 13.30
N SER A 16 -5.08 0.90 14.10
CA SER A 16 -4.64 2.29 14.06
C SER A 16 -3.25 2.44 14.65
N TYR A 17 -2.40 3.19 13.97
CA TYR A 17 -1.03 3.42 14.43
C TYR A 17 -0.73 4.91 14.52
N ILE A 18 -0.63 5.41 15.75
CA ILE A 18 -0.33 6.82 15.97
C ILE A 18 1.06 7.01 16.55
N THR A 19 1.92 7.71 15.81
CA THR A 19 3.29 7.96 16.25
C THR A 19 3.63 9.44 16.15
N ASP A 20 4.35 9.95 17.15
CA ASP A 20 4.74 11.35 17.17
C ASP A 20 6.11 11.54 16.51
N ASN A 21 6.43 10.66 15.57
CA ASN A 21 7.71 10.73 14.87
C ASN A 21 7.50 10.60 13.36
N CYS A 22 8.35 11.29 12.60
CA CYS A 22 8.25 11.26 11.14
C CYS A 22 8.74 9.92 10.59
N SER A 23 9.90 9.47 11.09
CA SER A 23 10.47 8.20 10.64
C SER A 23 9.39 7.14 10.47
N LEU A 24 8.61 6.92 11.52
CA LEU A 24 7.54 5.94 11.48
C LEU A 24 6.31 6.49 10.75
N LEU A 25 5.43 5.59 10.34
CA LEU A 25 4.21 5.98 9.63
C LEU A 25 3.01 5.99 10.57
N SER A 26 2.17 7.02 10.44
CA SER A 26 0.98 7.14 11.28
C SER A 26 -0.29 6.99 10.45
N PHE A 27 -0.89 5.82 10.52
CA PHE A 27 -2.12 5.54 9.78
C PHE A 27 -3.25 5.11 10.71
N HIS A 28 -4.46 5.01 10.17
CA HIS A 28 -5.62 4.60 10.96
C HIS A 28 -6.14 3.25 10.51
N ARG A 29 -7.05 2.67 11.29
CA ARG A 29 -7.63 1.38 10.97
C ARG A 29 -8.20 1.38 9.56
N GLY A 30 -7.64 0.52 8.70
CA GLY A 30 -8.11 0.44 7.33
C GLY A 30 -7.60 1.57 6.47
N ASP A 31 -6.29 1.79 6.50
CA ASP A 31 -5.67 2.85 5.72
C ASP A 31 -4.70 2.27 4.69
N LEU A 32 -5.23 1.83 3.56
CA LEU A 32 -4.41 1.26 2.50
C LEU A 32 -3.11 2.05 2.32
N ILE A 33 -2.00 1.45 2.71
CA ILE A 33 -0.70 2.10 2.59
C ILE A 33 -0.12 1.92 1.19
N LYS A 34 0.65 2.90 0.75
CA LYS A 34 1.27 2.86 -0.57
C LYS A 34 2.75 2.50 -0.48
N LEU A 35 3.12 1.34 -1.00
CA LEU A 35 4.51 0.89 -0.97
C LEU A 35 5.37 1.73 -1.89
N LEU A 36 6.29 2.50 -1.30
CA LEU A 36 7.18 3.35 -2.08
C LEU A 36 8.46 2.62 -2.44
N PRO A 37 9.06 2.98 -3.58
CA PRO A 37 10.30 2.36 -4.06
C PRO A 37 11.51 2.74 -3.20
N VAL A 38 11.81 1.90 -2.21
CA VAL A 38 12.93 2.14 -1.32
C VAL A 38 14.14 1.31 -1.72
N ALA A 39 15.33 1.89 -1.60
CA ALA A 39 16.56 1.20 -1.94
C ALA A 39 16.73 -0.07 -1.12
N THR A 40 16.65 0.05 0.19
CA THR A 40 16.80 -1.09 1.09
C THR A 40 16.01 -0.87 2.38
N LEU A 41 15.44 -1.96 2.91
CA LEU A 41 14.68 -1.89 4.15
C LEU A 41 15.15 -2.95 5.13
N GLU A 42 14.63 -2.88 6.36
CA GLU A 42 14.99 -3.83 7.40
C GLU A 42 14.08 -5.05 7.37
N PRO A 43 14.56 -6.16 7.93
CA PRO A 43 13.81 -7.42 7.99
C PRO A 43 12.61 -7.34 8.93
N GLY A 44 11.48 -6.92 8.41
CA GLY A 44 10.28 -6.80 9.22
C GLY A 44 9.63 -5.44 9.11
N TRP A 45 10.41 -4.45 8.71
CA TRP A 45 9.90 -3.09 8.56
C TRP A 45 9.43 -2.83 7.14
N GLN A 46 8.51 -1.88 6.99
CA GLN A 46 7.97 -1.54 5.67
C GLN A 46 7.86 -0.02 5.52
N PHE A 47 8.35 0.49 4.40
CA PHE A 47 8.31 1.92 4.12
C PHE A 47 7.21 2.24 3.11
N GLY A 48 6.43 3.27 3.40
CA GLY A 48 5.36 3.67 2.51
C GLY A 48 4.57 4.86 3.03
N SER A 49 3.63 5.34 2.23
CA SER A 49 2.81 6.48 2.62
C SER A 49 1.33 6.13 2.56
N ALA A 50 0.57 6.56 3.57
CA ALA A 50 -0.85 6.29 3.63
C ALA A 50 -1.66 7.53 3.28
N GLY A 51 -1.42 8.08 2.10
CA GLY A 51 -2.13 9.27 1.66
C GLY A 51 -2.19 10.33 2.73
N GLY A 52 -1.07 11.00 2.98
CA GLY A 52 -1.03 12.03 3.99
C GLY A 52 0.36 12.21 4.57
N ARG A 53 0.88 11.16 5.20
CA ARG A 53 2.20 11.22 5.81
C ARG A 53 3.04 10.01 5.40
N SER A 54 4.35 10.10 5.62
CA SER A 54 5.26 9.01 5.26
C SER A 54 5.94 8.45 6.50
N GLY A 55 6.45 7.22 6.39
CA GLY A 55 7.12 6.59 7.50
C GLY A 55 7.14 5.08 7.39
N LEU A 56 7.94 4.43 8.23
CA LEU A 56 8.05 2.98 8.22
C LEU A 56 7.04 2.35 9.19
N PHE A 57 6.73 1.07 8.95
CA PHE A 57 5.79 0.35 9.80
C PHE A 57 6.09 -1.14 9.80
N PRO A 58 5.71 -1.82 10.89
CA PRO A 58 5.93 -3.26 11.04
C PRO A 58 5.05 -4.08 10.10
N ALA A 59 5.68 -4.97 9.33
CA ALA A 59 4.95 -5.82 8.39
C ALA A 59 4.25 -6.97 9.12
N ASP A 60 3.56 -6.64 10.20
CA ASP A 60 2.85 -7.65 10.99
C ASP A 60 1.41 -7.23 11.24
N ILE A 61 1.22 -5.95 11.56
CA ILE A 61 -0.11 -5.42 11.82
C ILE A 61 -0.80 -4.98 10.53
N VAL A 62 -0.25 -5.43 9.40
CA VAL A 62 -0.81 -5.09 8.10
C VAL A 62 -1.05 -6.34 7.25
N GLN A 63 -1.97 -6.25 6.31
CA GLN A 63 -2.28 -7.38 5.44
C GLN A 63 -2.47 -6.91 4.00
N PRO A 64 -2.20 -7.82 3.04
CA PRO A 64 -2.33 -7.53 1.61
C PRO A 64 -3.78 -7.36 1.18
N ALA A 65 -4.03 -6.42 0.28
CA ALA A 65 -5.38 -6.16 -0.21
C ALA A 65 -5.44 -6.32 -1.73
N ALA A 66 -4.93 -5.31 -2.43
CA ALA A 66 -4.92 -5.33 -3.89
C ALA A 66 -4.18 -4.13 -4.46
N ALA A 67 -3.39 -4.36 -5.50
CA ALA A 67 -2.63 -3.30 -6.13
C ALA A 67 -3.48 -2.52 -7.13
N PRO A 68 -3.33 -1.19 -7.13
CA PRO A 68 -4.09 -0.31 -8.02
C PRO A 68 -3.66 -0.45 -9.48
N ASP A 69 -2.59 -1.23 -9.70
CA ASP A 69 -2.08 -1.45 -11.04
C ASP A 69 -3.19 -1.94 -11.97
N PHE A 70 -3.90 -1.00 -12.58
CA PHE A 70 -4.99 -1.33 -13.49
C PHE A 70 -5.35 -0.13 -14.38
N SER A 71 -6.13 -0.39 -15.42
CA SER A 71 -6.54 0.66 -16.34
C SER A 71 -8.02 0.54 -16.69
N PHE A 72 -8.72 1.67 -16.70
CA PHE A 72 -10.14 1.68 -17.01
C PHE A 72 -10.38 2.19 -18.42
N SER A 73 -11.34 1.59 -19.11
CA SER A 73 -11.65 1.98 -20.48
C SER A 73 -12.91 2.86 -20.51
N LYS A 74 -14.03 2.29 -20.07
CA LYS A 74 -15.29 3.03 -20.05
C LYS A 74 -15.62 3.49 -18.63
N GLU A 75 -16.11 4.71 -18.52
CA GLU A 75 -16.47 5.28 -17.22
C GLU A 75 -17.98 5.47 -17.11
N GLN A 76 -18.64 4.58 -16.39
CA GLN A 76 -20.09 4.64 -16.20
C GLN A 76 -20.43 5.07 -14.78
N ARG A 77 -20.66 6.37 -14.59
CA ARG A 77 -21.00 6.89 -13.27
C ARG A 77 -21.97 5.97 -12.55
N SER A 78 -21.83 5.89 -11.23
CA SER A 78 -22.69 5.04 -10.41
C SER A 78 -24.03 5.71 -10.14
N GLY A 79 -25.10 4.93 -10.22
CA GLY A 79 -26.43 5.46 -9.98
C GLY A 79 -27.48 4.38 -9.79
N SER A 80 -28.19 4.44 -8.68
CA SER A 80 -29.22 3.45 -8.37
C SER A 80 -30.55 4.13 -8.07
N GLY A 81 -30.53 5.07 -7.14
CA GLY A 81 -31.74 5.78 -6.76
C GLY A 81 -32.01 5.72 -5.27
N PRO A 82 -32.59 6.80 -4.72
CA PRO A 82 -32.91 6.89 -3.30
C PRO A 82 -34.05 5.95 -2.91
N SER A 83 -33.72 4.91 -2.15
CA SER A 83 -34.71 3.94 -1.71
C SER A 83 -35.52 4.49 -0.53
N SER A 84 -36.76 4.89 -0.81
CA SER A 84 -37.63 5.44 0.21
C SER A 84 -39.04 4.84 0.10
N GLY A 85 -39.58 4.42 1.23
CA GLY A 85 -40.91 3.83 1.24
C GLY A 85 -41.98 4.84 1.59
N GLY A 1 8.79 -11.55 -16.58
CA GLY A 1 8.39 -10.79 -17.74
C GLY A 1 7.35 -9.75 -17.42
N SER A 2 6.10 -10.18 -17.25
CA SER A 2 5.01 -9.27 -16.94
C SER A 2 4.50 -9.48 -15.51
N SER A 3 4.46 -8.39 -14.74
CA SER A 3 4.00 -8.45 -13.36
C SER A 3 2.55 -8.90 -13.29
N GLY A 4 2.11 -9.27 -12.08
CA GLY A 4 0.74 -9.72 -11.90
C GLY A 4 -0.27 -8.66 -12.34
N SER A 5 -1.25 -9.09 -13.13
CA SER A 5 -2.27 -8.18 -13.62
C SER A 5 -2.83 -7.33 -12.49
N SER A 6 -3.21 -7.98 -11.40
CA SER A 6 -3.76 -7.29 -10.25
C SER A 6 -2.89 -7.51 -9.01
N GLY A 7 -2.53 -6.42 -8.34
CA GLY A 7 -1.71 -6.52 -7.15
C GLY A 7 -0.34 -5.91 -7.34
N SER A 8 -0.29 -4.58 -7.45
CA SER A 8 0.97 -3.87 -7.64
C SER A 8 1.58 -3.48 -6.30
N GLY A 9 1.67 -4.44 -5.39
CA GLY A 9 2.23 -4.18 -4.08
C GLY A 9 1.39 -3.20 -3.27
N TYR A 10 0.33 -3.71 -2.65
CA TYR A 10 -0.55 -2.86 -1.85
C TYR A 10 -1.02 -3.61 -0.60
N VAL A 11 -0.71 -3.05 0.57
CA VAL A 11 -1.09 -3.66 1.84
C VAL A 11 -1.96 -2.71 2.66
N ILE A 12 -2.92 -3.27 3.37
CA ILE A 12 -3.83 -2.48 4.20
C ILE A 12 -3.52 -2.66 5.68
N ALA A 13 -3.97 -1.71 6.49
CA ALA A 13 -3.75 -1.77 7.93
C ALA A 13 -4.86 -2.55 8.64
N LEU A 14 -4.49 -3.30 9.66
CA LEU A 14 -5.45 -4.09 10.42
C LEU A 14 -5.82 -3.40 11.72
N ARG A 15 -4.86 -2.69 12.30
CA ARG A 15 -5.09 -1.97 13.55
C ARG A 15 -4.67 -0.50 13.43
N SER A 16 -4.89 0.26 14.49
CA SER A 16 -4.54 1.68 14.50
C SER A 16 -3.10 1.87 14.98
N TYR A 17 -2.30 2.51 14.14
CA TYR A 17 -0.90 2.76 14.46
C TYR A 17 -0.62 4.26 14.56
N ILE A 18 -0.68 4.78 15.77
CA ILE A 18 -0.44 6.20 16.00
C ILE A 18 0.93 6.43 16.65
N THR A 19 1.73 7.29 16.04
CA THR A 19 3.06 7.60 16.57
C THR A 19 3.13 9.02 17.08
N ASP A 20 4.29 9.40 17.62
CA ASP A 20 4.49 10.74 18.16
C ASP A 20 5.63 11.45 17.45
N ASN A 21 6.30 10.72 16.55
CA ASN A 21 7.43 11.29 15.81
C ASN A 21 7.09 11.39 14.32
N CYS A 22 8.03 11.94 13.55
CA CYS A 22 7.82 12.09 12.11
C CYS A 22 8.45 10.94 11.35
N SER A 23 9.54 10.39 11.89
CA SER A 23 10.24 9.28 11.27
C SER A 23 9.27 8.16 10.91
N LEU A 24 8.42 7.80 11.86
CA LEU A 24 7.44 6.74 11.67
C LEU A 24 6.25 7.25 10.87
N LEU A 25 5.36 6.34 10.49
CA LEU A 25 4.17 6.70 9.73
C LEU A 25 2.91 6.52 10.57
N SER A 26 2.07 7.55 10.59
CA SER A 26 0.82 7.51 11.36
C SER A 26 -0.35 7.10 10.48
N PHE A 27 -0.97 5.97 10.80
CA PHE A 27 -2.10 5.47 10.04
C PHE A 27 -3.06 4.69 10.93
N HIS A 28 -4.35 4.74 10.60
CA HIS A 28 -5.37 4.05 11.37
C HIS A 28 -5.69 2.70 10.75
N ARG A 29 -6.67 2.00 11.33
CA ARG A 29 -7.06 0.69 10.83
C ARG A 29 -7.81 0.82 9.50
N GLY A 30 -7.54 -0.10 8.59
CA GLY A 30 -8.19 -0.08 7.30
C GLY A 30 -7.45 0.78 6.29
N ASP A 31 -6.68 1.74 6.79
CA ASP A 31 -5.91 2.63 5.92
C ASP A 31 -4.95 1.84 5.04
N LEU A 32 -4.87 2.23 3.77
CA LEU A 32 -3.99 1.54 2.82
C LEU A 32 -2.67 2.29 2.68
N ILE A 33 -1.57 1.55 2.80
CA ILE A 33 -0.24 2.14 2.69
C ILE A 33 0.41 1.80 1.35
N LYS A 34 0.59 2.81 0.52
CA LYS A 34 1.19 2.61 -0.80
C LYS A 34 2.66 2.21 -0.67
N LEU A 35 3.01 1.08 -1.29
CA LEU A 35 4.37 0.58 -1.24
C LEU A 35 5.30 1.45 -2.09
N LEU A 36 5.97 2.39 -1.44
CA LEU A 36 6.89 3.30 -2.13
C LEU A 36 8.18 2.56 -2.51
N PRO A 37 8.84 3.04 -3.57
CA PRO A 37 10.08 2.46 -4.06
C PRO A 37 11.25 2.69 -3.10
N VAL A 38 11.72 1.61 -2.47
CA VAL A 38 12.82 1.71 -1.53
C VAL A 38 13.96 0.75 -1.92
N ALA A 39 15.19 1.21 -1.74
CA ALA A 39 16.36 0.39 -2.06
C ALA A 39 16.33 -0.93 -1.29
N THR A 40 16.20 -0.83 0.03
CA THR A 40 16.17 -2.02 0.87
C THR A 40 15.35 -1.78 2.13
N LEU A 41 14.79 -2.85 2.68
CA LEU A 41 13.97 -2.76 3.89
C LEU A 41 14.31 -3.88 4.87
N GLU A 42 13.78 -3.77 6.08
CA GLU A 42 14.02 -4.78 7.10
C GLU A 42 12.88 -5.80 7.16
N PRO A 43 13.15 -6.95 7.79
CA PRO A 43 12.14 -8.02 7.93
C PRO A 43 11.01 -7.64 8.88
N GLY A 44 11.07 -6.42 9.40
CA GLY A 44 10.04 -5.95 10.32
C GLY A 44 9.70 -4.49 10.10
N TRP A 45 10.10 -3.95 8.97
CA TRP A 45 9.83 -2.56 8.65
C TRP A 45 9.37 -2.40 7.21
N GLN A 46 8.55 -1.40 6.96
CA GLN A 46 8.02 -1.15 5.62
C GLN A 46 8.11 0.33 5.26
N PHE A 47 8.02 0.63 3.97
CA PHE A 47 8.09 2.01 3.51
C PHE A 47 6.98 2.31 2.50
N GLY A 48 6.04 3.16 2.89
CA GLY A 48 4.93 3.51 2.03
C GLY A 48 4.26 4.79 2.44
N SER A 49 3.59 5.44 1.48
CA SER A 49 2.89 6.70 1.76
C SER A 49 1.49 6.44 2.30
N ALA A 50 1.06 7.29 3.23
CA ALA A 50 -0.26 7.15 3.84
C ALA A 50 -0.69 8.45 4.50
N GLY A 51 -1.66 9.13 3.90
CA GLY A 51 -2.14 10.39 4.45
C GLY A 51 -1.25 11.56 4.10
N GLY A 52 -0.71 11.56 2.88
CA GLY A 52 0.15 12.63 2.45
C GLY A 52 1.39 12.77 3.32
N ARG A 53 1.86 11.64 3.85
CA ARG A 53 3.04 11.63 4.70
C ARG A 53 3.78 10.29 4.60
N SER A 54 5.10 10.36 4.45
CA SER A 54 5.91 9.16 4.34
C SER A 54 6.52 8.79 5.68
N GLY A 55 6.61 7.49 5.95
CA GLY A 55 7.16 7.02 7.21
C GLY A 55 7.37 5.52 7.23
N LEU A 56 8.16 5.04 8.18
CA LEU A 56 8.44 3.62 8.31
C LEU A 56 7.47 2.95 9.28
N PHE A 57 6.83 1.88 8.83
CA PHE A 57 5.87 1.15 9.65
C PHE A 57 6.14 -0.34 9.59
N PRO A 58 5.76 -1.06 10.66
CA PRO A 58 5.94 -2.52 10.75
C PRO A 58 5.01 -3.27 9.80
N ALA A 59 5.54 -4.33 9.20
CA ALA A 59 4.76 -5.14 8.27
C ALA A 59 4.11 -6.33 8.99
N ASP A 60 3.86 -6.16 10.28
CA ASP A 60 3.24 -7.21 11.08
C ASP A 60 1.79 -6.85 11.43
N ILE A 61 1.52 -5.55 11.51
CA ILE A 61 0.18 -5.08 11.84
C ILE A 61 -0.61 -4.77 10.57
N VAL A 62 -0.10 -5.23 9.43
CA VAL A 62 -0.77 -5.00 8.16
C VAL A 62 -0.91 -6.29 7.37
N GLN A 63 -1.77 -6.27 6.36
CA GLN A 63 -2.00 -7.45 5.53
C GLN A 63 -2.00 -7.08 4.05
N PRO A 64 -1.62 -8.04 3.20
CA PRO A 64 -1.57 -7.84 1.75
C PRO A 64 -2.95 -7.70 1.12
N ALA A 65 -3.06 -6.85 0.11
CA ALA A 65 -4.33 -6.63 -0.57
C ALA A 65 -4.12 -6.38 -2.06
N ALA A 66 -5.21 -6.24 -2.79
CA ALA A 66 -5.16 -5.99 -4.23
C ALA A 66 -5.09 -4.50 -4.54
N ALA A 67 -4.39 -4.16 -5.61
CA ALA A 67 -4.26 -2.76 -6.01
C ALA A 67 -5.60 -2.16 -6.38
N PRO A 68 -5.80 -0.87 -6.06
CA PRO A 68 -7.04 -0.15 -6.34
C PRO A 68 -7.24 0.09 -7.83
N ASP A 69 -7.74 -0.92 -8.53
CA ASP A 69 -7.98 -0.81 -9.97
C ASP A 69 -8.78 0.45 -10.29
N PHE A 70 -8.36 1.15 -11.34
CA PHE A 70 -9.04 2.38 -11.75
C PHE A 70 -9.62 2.22 -13.15
N SER A 71 -10.37 3.24 -13.59
CA SER A 71 -10.99 3.22 -14.90
C SER A 71 -9.93 3.27 -16.01
N PHE A 72 -8.90 4.09 -15.79
CA PHE A 72 -7.83 4.23 -16.76
C PHE A 72 -6.47 3.93 -16.12
N SER A 73 -6.09 2.66 -16.14
CA SER A 73 -4.81 2.24 -15.55
C SER A 73 -4.04 1.34 -16.51
N LYS A 74 -3.09 1.92 -17.23
CA LYS A 74 -2.28 1.16 -18.19
C LYS A 74 -3.12 0.72 -19.37
N GLU A 75 -3.97 1.62 -19.87
CA GLU A 75 -4.83 1.31 -21.00
C GLU A 75 -4.00 1.06 -22.25
N GLN A 76 -3.84 -0.22 -22.60
CA GLN A 76 -3.07 -0.60 -23.77
C GLN A 76 -3.98 -0.79 -24.99
N ARG A 77 -3.53 -0.30 -26.14
CA ARG A 77 -4.30 -0.42 -27.37
C ARG A 77 -4.94 -1.80 -27.49
N SER A 78 -6.26 -1.83 -27.65
CA SER A 78 -6.99 -3.09 -27.77
C SER A 78 -6.15 -4.14 -28.50
N GLY A 79 -5.75 -3.80 -29.73
CA GLY A 79 -4.95 -4.72 -30.52
C GLY A 79 -3.91 -5.44 -29.70
N SER A 80 -3.81 -6.75 -29.89
CA SER A 80 -2.85 -7.57 -29.15
C SER A 80 -1.60 -7.83 -29.99
N GLY A 81 -0.70 -8.64 -29.45
CA GLY A 81 0.52 -8.96 -30.17
C GLY A 81 0.50 -10.35 -30.78
N PRO A 82 1.42 -10.62 -31.70
CA PRO A 82 1.52 -11.91 -32.38
C PRO A 82 1.99 -13.02 -31.45
N SER A 83 2.19 -14.21 -32.00
CA SER A 83 2.64 -15.35 -31.22
C SER A 83 3.85 -16.02 -31.87
N SER A 84 4.53 -16.87 -31.11
CA SER A 84 5.71 -17.57 -31.62
C SER A 84 5.32 -18.59 -32.68
N GLY A 85 6.33 -19.16 -33.33
CA GLY A 85 6.07 -20.15 -34.37
C GLY A 85 5.70 -21.51 -33.80
N GLY A 1 4.74 -1.51 -28.34
CA GLY A 1 4.11 -1.99 -27.13
C GLY A 1 4.85 -1.56 -25.87
N SER A 2 4.20 -1.74 -24.73
CA SER A 2 4.81 -1.37 -23.45
C SER A 2 4.95 -2.58 -22.54
N SER A 3 6.18 -2.85 -22.12
CA SER A 3 6.47 -3.98 -21.25
C SER A 3 6.11 -3.66 -19.80
N GLY A 4 4.99 -4.23 -19.33
CA GLY A 4 4.55 -3.99 -17.97
C GLY A 4 5.08 -5.03 -17.00
N SER A 5 5.48 -4.59 -15.82
CA SER A 5 6.01 -5.49 -14.80
C SER A 5 4.92 -5.89 -13.81
N SER A 6 4.38 -7.10 -13.98
CA SER A 6 3.33 -7.59 -13.11
C SER A 6 3.89 -7.96 -11.73
N GLY A 7 3.68 -7.08 -10.76
CA GLY A 7 4.17 -7.33 -9.42
C GLY A 7 3.91 -6.17 -8.47
N SER A 8 2.70 -5.61 -8.55
CA SER A 8 2.32 -4.49 -7.70
C SER A 8 2.42 -4.87 -6.22
N GLY A 9 2.33 -3.87 -5.36
CA GLY A 9 2.40 -4.11 -3.94
C GLY A 9 1.51 -3.18 -3.14
N TYR A 10 0.43 -3.73 -2.58
CA TYR A 10 -0.51 -2.93 -1.80
C TYR A 10 -0.92 -3.68 -0.54
N VAL A 11 -0.72 -3.02 0.61
CA VAL A 11 -1.07 -3.62 1.90
C VAL A 11 -1.93 -2.67 2.73
N ILE A 12 -2.93 -3.23 3.40
CA ILE A 12 -3.83 -2.44 4.23
C ILE A 12 -3.50 -2.60 5.71
N ALA A 13 -3.90 -1.63 6.52
CA ALA A 13 -3.65 -1.67 7.95
C ALA A 13 -4.75 -2.43 8.68
N LEU A 14 -4.35 -3.25 9.65
CA LEU A 14 -5.31 -4.04 10.42
C LEU A 14 -5.73 -3.30 11.69
N ARG A 15 -4.77 -2.61 12.31
CA ARG A 15 -5.03 -1.87 13.53
C ARG A 15 -4.45 -0.45 13.45
N SER A 16 -5.06 0.49 14.15
CA SER A 16 -4.61 1.87 14.16
C SER A 16 -3.17 1.97 14.63
N TYR A 17 -2.35 2.70 13.89
CA TYR A 17 -0.94 2.87 14.23
C TYR A 17 -0.62 4.34 14.48
N ILE A 18 -0.81 4.78 15.72
CA ILE A 18 -0.54 6.16 16.10
C ILE A 18 0.87 6.31 16.66
N THR A 19 1.67 7.17 16.03
CA THR A 19 3.04 7.41 16.47
C THR A 19 3.35 8.89 16.50
N ASP A 20 3.80 9.37 17.66
CA ASP A 20 4.14 10.77 17.83
C ASP A 20 5.58 11.04 17.38
N ASN A 21 6.01 10.33 16.35
CA ASN A 21 7.37 10.48 15.83
C ASN A 21 7.34 10.95 14.38
N CYS A 22 8.49 11.41 13.89
CA CYS A 22 8.60 11.89 12.51
C CYS A 22 9.31 10.86 11.64
N SER A 23 9.90 9.86 12.28
CA SER A 23 10.63 8.81 11.56
C SER A 23 9.68 7.66 11.20
N LEU A 24 8.61 7.53 11.96
CA LEU A 24 7.62 6.48 11.72
C LEU A 24 6.42 7.02 10.96
N LEU A 25 5.61 6.11 10.43
CA LEU A 25 4.41 6.49 9.67
C LEU A 25 3.17 6.41 10.55
N SER A 26 2.26 7.35 10.36
CA SER A 26 1.02 7.37 11.14
C SER A 26 -0.20 7.15 10.23
N PHE A 27 -0.85 6.02 10.41
CA PHE A 27 -2.03 5.68 9.61
C PHE A 27 -3.17 5.16 10.50
N HIS A 28 -4.36 5.08 9.93
CA HIS A 28 -5.53 4.61 10.66
C HIS A 28 -6.02 3.28 10.10
N ARG A 29 -6.41 2.37 10.98
CA ARG A 29 -6.90 1.07 10.56
C ARG A 29 -7.76 1.18 9.31
N GLY A 30 -7.70 0.16 8.45
CA GLY A 30 -8.49 0.18 7.23
C GLY A 30 -7.80 0.93 6.12
N ASP A 31 -6.93 1.87 6.48
CA ASP A 31 -6.22 2.67 5.50
C ASP A 31 -5.15 1.83 4.79
N LEU A 32 -4.91 2.15 3.52
CA LEU A 32 -3.92 1.42 2.73
C LEU A 32 -2.62 2.21 2.64
N ILE A 33 -1.51 1.57 2.96
CA ILE A 33 -0.20 2.20 2.91
C ILE A 33 0.53 1.86 1.61
N LYS A 34 0.49 2.78 0.66
CA LYS A 34 1.15 2.58 -0.62
C LYS A 34 2.63 2.23 -0.43
N LEU A 35 3.05 1.12 -1.02
CA LEU A 35 4.44 0.68 -0.91
C LEU A 35 5.33 1.44 -1.90
N LEU A 36 5.95 2.51 -1.41
CA LEU A 36 6.83 3.33 -2.23
C LEU A 36 8.09 2.56 -2.61
N PRO A 37 8.67 2.91 -3.77
CA PRO A 37 9.89 2.26 -4.25
C PRO A 37 11.12 2.62 -3.42
N VAL A 38 11.49 1.73 -2.50
CA VAL A 38 12.63 1.95 -1.64
C VAL A 38 13.84 1.15 -2.11
N ALA A 39 15.02 1.54 -1.64
CA ALA A 39 16.25 0.85 -2.02
C ALA A 39 16.46 -0.40 -1.20
N THR A 40 16.37 -0.26 0.12
CA THR A 40 16.55 -1.39 1.03
C THR A 40 15.70 -1.24 2.28
N LEU A 41 15.26 -2.36 2.83
CA LEU A 41 14.44 -2.35 4.03
C LEU A 41 14.63 -3.63 4.84
N GLU A 42 14.14 -3.62 6.08
CA GLU A 42 14.26 -4.78 6.96
C GLU A 42 13.00 -5.63 6.90
N PRO A 43 13.10 -6.88 7.37
CA PRO A 43 11.98 -7.82 7.39
C PRO A 43 10.92 -7.44 8.41
N GLY A 44 11.12 -6.30 9.07
CA GLY A 44 10.17 -5.84 10.06
C GLY A 44 9.76 -4.39 9.84
N TRP A 45 10.38 -3.75 8.86
CA TRP A 45 10.08 -2.35 8.55
C TRP A 45 9.57 -2.21 7.12
N GLN A 46 8.50 -1.44 6.95
CA GLN A 46 7.91 -1.22 5.63
C GLN A 46 7.87 0.26 5.29
N PHE A 47 8.24 0.59 4.06
CA PHE A 47 8.25 1.98 3.61
C PHE A 47 7.05 2.25 2.69
N GLY A 48 6.43 3.42 2.87
CA GLY A 48 5.30 3.78 2.05
C GLY A 48 4.63 5.06 2.52
N SER A 49 3.60 5.49 1.80
CA SER A 49 2.88 6.71 2.14
C SER A 49 1.42 6.40 2.46
N ALA A 50 0.91 7.01 3.53
CA ALA A 50 -0.47 6.80 3.93
C ALA A 50 -1.14 8.13 4.31
N GLY A 51 -2.08 8.58 3.47
CA GLY A 51 -2.77 9.82 3.73
C GLY A 51 -2.07 11.01 3.11
N GLY A 52 -0.75 11.06 3.23
CA GLY A 52 0.01 12.15 2.65
C GLY A 52 1.46 12.16 3.12
N ARG A 53 1.69 11.67 4.33
CA ARG A 53 3.04 11.63 4.90
C ARG A 53 3.65 10.24 4.71
N SER A 54 4.98 10.21 4.59
CA SER A 54 5.70 8.96 4.40
C SER A 54 6.47 8.58 5.66
N GLY A 55 6.50 7.28 5.97
CA GLY A 55 7.21 6.82 7.14
C GLY A 55 7.41 5.30 7.14
N LEU A 56 8.05 4.79 8.18
CA LEU A 56 8.31 3.37 8.29
C LEU A 56 7.38 2.72 9.32
N PHE A 57 6.63 1.72 8.88
CA PHE A 57 5.70 1.02 9.76
C PHE A 57 6.02 -0.47 9.81
N PRO A 58 5.67 -1.11 10.94
CA PRO A 58 5.91 -2.55 11.14
C PRO A 58 5.01 -3.41 10.26
N ALA A 59 5.62 -4.35 9.54
CA ALA A 59 4.88 -5.24 8.67
C ALA A 59 4.31 -6.43 9.44
N ASP A 60 3.85 -6.16 10.66
CA ASP A 60 3.28 -7.21 11.50
C ASP A 60 1.83 -6.88 11.87
N ILE A 61 1.41 -5.66 11.56
CA ILE A 61 0.05 -5.22 11.86
C ILE A 61 -0.70 -4.87 10.58
N VAL A 62 -0.08 -5.15 9.43
CA VAL A 62 -0.71 -4.87 8.14
C VAL A 62 -0.84 -6.14 7.32
N GLN A 63 -1.95 -6.25 6.58
CA GLN A 63 -2.19 -7.41 5.74
C GLN A 63 -2.24 -7.03 4.27
N PRO A 64 -1.91 -7.99 3.40
CA PRO A 64 -1.90 -7.77 1.94
C PRO A 64 -3.30 -7.60 1.38
N ALA A 65 -3.43 -6.73 0.38
CA ALA A 65 -4.72 -6.47 -0.24
C ALA A 65 -4.55 -6.18 -1.74
N ALA A 66 -5.59 -6.48 -2.52
CA ALA A 66 -5.55 -6.25 -3.96
C ALA A 66 -5.25 -4.78 -4.26
N ALA A 67 -4.79 -4.53 -5.48
CA ALA A 67 -4.46 -3.17 -5.90
C ALA A 67 -5.70 -2.30 -5.98
N PRO A 68 -5.52 -0.98 -5.76
CA PRO A 68 -6.62 -0.02 -5.78
C PRO A 68 -7.17 0.19 -7.19
N ASP A 69 -6.63 -0.55 -8.16
CA ASP A 69 -7.07 -0.44 -9.54
C ASP A 69 -6.58 0.86 -10.17
N PHE A 70 -5.36 1.25 -9.83
CA PHE A 70 -4.77 2.48 -10.36
C PHE A 70 -3.54 2.16 -11.21
N SER A 71 -3.31 2.99 -12.23
CA SER A 71 -2.18 2.81 -13.12
C SER A 71 -1.06 3.79 -12.80
N PHE A 72 -0.58 3.74 -11.56
CA PHE A 72 0.49 4.63 -11.12
C PHE A 72 1.76 4.40 -11.92
N SER A 73 2.07 5.34 -12.81
CA SER A 73 3.26 5.23 -13.64
C SER A 73 4.49 5.77 -12.92
N LYS A 74 5.64 5.21 -13.22
CA LYS A 74 6.90 5.62 -12.60
C LYS A 74 7.55 6.74 -13.40
N GLU A 75 7.55 7.94 -12.84
CA GLU A 75 8.14 9.11 -13.50
C GLU A 75 9.56 9.34 -13.00
N GLN A 76 10.54 8.83 -13.74
CA GLN A 76 11.94 8.98 -13.37
C GLN A 76 12.34 10.45 -13.38
N ARG A 77 12.40 11.04 -12.18
CA ARG A 77 12.77 12.45 -12.05
C ARG A 77 14.00 12.78 -12.91
N SER A 78 13.76 13.46 -14.02
CA SER A 78 14.84 13.83 -14.93
C SER A 78 15.98 14.49 -14.17
N GLY A 79 15.67 15.58 -13.48
CA GLY A 79 16.69 16.28 -12.72
C GLY A 79 16.12 16.95 -11.48
N SER A 80 16.98 17.64 -10.74
CA SER A 80 16.56 18.32 -9.51
C SER A 80 17.72 19.13 -8.92
N GLY A 81 17.40 20.33 -8.44
CA GLY A 81 18.41 21.19 -7.86
C GLY A 81 18.48 21.06 -6.35
N PRO A 82 19.70 21.20 -5.79
CA PRO A 82 19.92 21.10 -4.35
C PRO A 82 19.32 22.28 -3.58
N SER A 83 18.09 22.10 -3.11
CA SER A 83 17.40 23.15 -2.36
C SER A 83 18.25 23.62 -1.18
N SER A 84 19.07 24.64 -1.41
CA SER A 84 19.92 25.18 -0.36
C SER A 84 19.48 26.59 0.03
N GLY A 85 20.20 27.18 0.98
CA GLY A 85 19.86 28.51 1.43
C GLY A 85 21.09 29.35 1.75
N GLY A 1 5.64 -8.31 -15.22
CA GLY A 1 4.20 -8.41 -15.43
C GLY A 1 3.85 -8.81 -16.85
N SER A 2 2.79 -8.22 -17.38
CA SER A 2 2.34 -8.53 -18.74
C SER A 2 2.45 -7.29 -19.64
N SER A 3 2.93 -7.49 -20.86
CA SER A 3 3.08 -6.40 -21.81
C SER A 3 3.62 -5.15 -21.12
N GLY A 4 4.60 -5.34 -20.23
CA GLY A 4 5.18 -4.22 -19.52
C GLY A 4 4.97 -4.32 -18.02
N SER A 5 5.99 -3.94 -17.26
CA SER A 5 5.92 -3.99 -15.81
C SER A 5 5.47 -2.65 -15.24
N SER A 6 4.34 -2.65 -14.55
CA SER A 6 3.80 -1.44 -13.95
C SER A 6 4.06 -1.40 -12.45
N GLY A 7 4.35 -2.56 -11.87
CA GLY A 7 4.62 -2.64 -10.45
C GLY A 7 3.36 -2.77 -9.63
N SER A 8 3.36 -3.72 -8.70
CA SER A 8 2.19 -3.95 -7.85
C SER A 8 2.61 -4.06 -6.38
N GLY A 9 1.62 -4.19 -5.51
CA GLY A 9 1.90 -4.30 -4.08
C GLY A 9 1.12 -3.30 -3.26
N TYR A 10 0.08 -3.77 -2.58
CA TYR A 10 -0.76 -2.91 -1.75
C TYR A 10 -1.26 -3.65 -0.53
N VAL A 11 -1.13 -3.01 0.64
CA VAL A 11 -1.58 -3.61 1.89
C VAL A 11 -2.45 -2.65 2.68
N ILE A 12 -3.36 -3.20 3.48
CA ILE A 12 -4.26 -2.39 4.29
C ILE A 12 -3.91 -2.51 5.77
N ALA A 13 -4.18 -1.44 6.52
CA ALA A 13 -3.90 -1.42 7.95
C ALA A 13 -4.92 -2.25 8.72
N LEU A 14 -4.42 -3.10 9.62
CA LEU A 14 -5.28 -3.96 10.42
C LEU A 14 -5.67 -3.28 11.73
N ARG A 15 -4.78 -2.41 12.23
CA ARG A 15 -5.03 -1.70 13.47
C ARG A 15 -4.58 -0.24 13.35
N SER A 16 -5.17 0.61 14.18
CA SER A 16 -4.84 2.03 14.17
C SER A 16 -3.47 2.28 14.80
N TYR A 17 -2.47 2.52 13.96
CA TYR A 17 -1.12 2.77 14.43
C TYR A 17 -0.79 4.26 14.38
N ILE A 18 -1.07 4.96 15.46
CA ILE A 18 -0.80 6.40 15.54
C ILE A 18 0.41 6.68 16.43
N THR A 19 1.44 7.28 15.84
CA THR A 19 2.65 7.61 16.58
C THR A 19 3.04 9.07 16.36
N ASP A 20 3.79 9.62 17.31
CA ASP A 20 4.23 11.01 17.23
C ASP A 20 5.63 11.10 16.64
N ASN A 21 6.42 10.05 16.84
CA ASN A 21 7.79 10.00 16.33
C ASN A 21 7.86 10.62 14.94
N CYS A 22 9.04 11.09 14.56
CA CYS A 22 9.25 11.69 13.24
C CYS A 22 9.90 10.70 12.29
N SER A 23 10.26 9.54 12.81
CA SER A 23 10.90 8.51 11.99
C SER A 23 9.96 7.33 11.78
N LEU A 24 8.66 7.58 11.92
CA LEU A 24 7.66 6.53 11.75
C LEU A 24 6.44 7.07 11.02
N LEU A 25 5.50 6.17 10.69
CA LEU A 25 4.28 6.56 9.99
C LEU A 25 3.06 6.33 10.87
N SER A 26 2.15 7.28 10.87
CA SER A 26 0.93 7.19 11.67
C SER A 26 -0.30 7.08 10.77
N PHE A 27 -0.90 5.90 10.74
CA PHE A 27 -2.08 5.66 9.93
C PHE A 27 -3.19 5.02 10.76
N HIS A 28 -4.41 5.03 10.21
CA HIS A 28 -5.56 4.46 10.90
C HIS A 28 -5.95 3.12 10.28
N ARG A 29 -6.77 2.35 11.00
CA ARG A 29 -7.21 1.05 10.51
C ARG A 29 -7.97 1.18 9.19
N GLY A 30 -7.73 0.24 8.29
CA GLY A 30 -8.39 0.28 6.99
C GLY A 30 -7.70 1.23 6.02
N ASP A 31 -6.85 2.08 6.54
CA ASP A 31 -6.13 3.05 5.71
C ASP A 31 -5.10 2.35 4.84
N LEU A 32 -5.35 2.34 3.53
CA LEU A 32 -4.44 1.70 2.58
C LEU A 32 -3.08 2.38 2.60
N ILE A 33 -2.02 1.58 2.65
CA ILE A 33 -0.66 2.10 2.66
C ILE A 33 0.07 1.78 1.36
N LYS A 34 0.40 2.82 0.61
CA LYS A 34 1.10 2.65 -0.66
C LYS A 34 2.57 2.30 -0.43
N LEU A 35 2.99 1.17 -0.99
CA LEU A 35 4.37 0.72 -0.84
C LEU A 35 5.29 1.44 -1.83
N LEU A 36 5.88 2.54 -1.37
CA LEU A 36 6.78 3.33 -2.20
C LEU A 36 8.03 2.53 -2.56
N PRO A 37 8.59 2.81 -3.74
CA PRO A 37 9.80 2.13 -4.23
C PRO A 37 11.04 2.51 -3.44
N VAL A 38 11.41 1.67 -2.48
CA VAL A 38 12.58 1.92 -1.65
C VAL A 38 13.79 1.12 -2.14
N ALA A 39 14.98 1.63 -1.86
CA ALA A 39 16.21 0.96 -2.28
C ALA A 39 16.49 -0.26 -1.41
N THR A 40 16.41 -0.08 -0.09
CA THR A 40 16.65 -1.17 0.85
C THR A 40 15.81 -1.01 2.11
N LEU A 41 15.60 -2.11 2.82
CA LEU A 41 14.80 -2.10 4.03
C LEU A 41 15.27 -3.18 5.01
N GLU A 42 14.82 -3.09 6.24
CA GLU A 42 15.19 -4.06 7.27
C GLU A 42 14.14 -5.17 7.37
N PRO A 43 14.53 -6.29 8.01
CA PRO A 43 13.65 -7.45 8.19
C PRO A 43 12.52 -7.16 9.17
N GLY A 44 11.38 -6.71 8.65
CA GLY A 44 10.25 -6.41 9.51
C GLY A 44 9.72 -5.01 9.28
N TRP A 45 10.60 -4.10 8.86
CA TRP A 45 10.22 -2.71 8.62
C TRP A 45 9.69 -2.53 7.20
N GLN A 46 8.80 -1.57 7.02
CA GLN A 46 8.22 -1.29 5.71
C GLN A 46 8.18 0.21 5.44
N PHE A 47 8.47 0.58 4.20
CA PHE A 47 8.46 1.98 3.80
C PHE A 47 7.34 2.28 2.82
N GLY A 48 6.59 3.35 3.08
CA GLY A 48 5.49 3.70 2.20
C GLY A 48 4.70 4.90 2.72
N SER A 49 3.76 5.37 1.92
CA SER A 49 2.93 6.52 2.31
C SER A 49 1.50 6.07 2.61
N ALA A 50 0.88 6.75 3.58
CA ALA A 50 -0.49 6.44 3.97
C ALA A 50 -1.35 7.70 4.01
N GLY A 51 -1.71 8.20 2.84
CA GLY A 51 -2.54 9.40 2.76
C GLY A 51 -1.75 10.60 2.28
N GLY A 52 -0.68 10.93 2.99
CA GLY A 52 0.14 12.08 2.63
C GLY A 52 1.52 12.02 3.23
N ARG A 53 1.62 11.46 4.44
CA ARG A 53 2.90 11.34 5.12
C ARG A 53 3.54 9.98 4.85
N SER A 54 4.84 9.99 4.57
CA SER A 54 5.57 8.76 4.30
C SER A 54 6.58 8.47 5.42
N GLY A 55 6.50 7.26 5.96
CA GLY A 55 7.41 6.86 7.02
C GLY A 55 7.65 5.38 7.07
N LEU A 56 8.25 4.90 8.15
CA LEU A 56 8.53 3.48 8.33
C LEU A 56 7.54 2.83 9.29
N PHE A 57 6.71 1.94 8.76
CA PHE A 57 5.72 1.25 9.58
C PHE A 57 5.99 -0.24 9.63
N PRO A 58 5.58 -0.88 10.72
CA PRO A 58 5.77 -2.32 10.93
C PRO A 58 4.92 -3.16 9.99
N ALA A 59 5.47 -4.27 9.50
CA ALA A 59 4.76 -5.15 8.59
C ALA A 59 4.08 -6.29 9.35
N ASP A 60 3.89 -6.09 10.66
CA ASP A 60 3.26 -7.10 11.50
C ASP A 60 1.86 -6.66 11.91
N ILE A 61 1.40 -5.53 11.36
CA ILE A 61 0.08 -5.01 11.67
C ILE A 61 -0.69 -4.68 10.41
N VAL A 62 -0.17 -5.11 9.26
CA VAL A 62 -0.81 -4.86 7.98
C VAL A 62 -1.04 -6.16 7.22
N GLN A 63 -2.02 -6.16 6.33
CA GLN A 63 -2.34 -7.34 5.54
C GLN A 63 -2.41 -7.00 4.05
N PRO A 64 -2.12 -7.99 3.21
CA PRO A 64 -2.14 -7.82 1.75
C PRO A 64 -3.55 -7.63 1.20
N ALA A 65 -3.69 -6.79 0.19
CA ALA A 65 -4.98 -6.52 -0.42
C ALA A 65 -4.85 -6.31 -1.92
N ALA A 66 -5.77 -6.91 -2.69
CA ALA A 66 -5.76 -6.79 -4.14
C ALA A 66 -5.66 -5.33 -4.56
N ALA A 67 -4.72 -5.04 -5.45
CA ALA A 67 -4.52 -3.68 -5.94
C ALA A 67 -5.81 -3.12 -6.52
N PRO A 68 -6.03 -1.81 -6.32
CA PRO A 68 -7.23 -1.12 -6.81
C PRO A 68 -7.24 -0.99 -8.34
N ASP A 69 -6.09 -1.26 -8.95
CA ASP A 69 -5.96 -1.18 -10.41
C ASP A 69 -7.10 -1.95 -11.09
N PHE A 70 -7.58 -1.40 -12.21
CA PHE A 70 -8.65 -2.03 -12.97
C PHE A 70 -9.91 -2.16 -12.11
N SER A 71 -10.33 -1.05 -11.53
CA SER A 71 -11.52 -1.03 -10.68
C SER A 71 -12.32 0.26 -10.89
N PHE A 72 -13.50 0.12 -11.49
CA PHE A 72 -14.35 1.27 -11.76
C PHE A 72 -15.42 1.40 -10.68
N SER A 73 -15.08 2.08 -9.59
CA SER A 73 -16.01 2.28 -8.48
C SER A 73 -16.97 3.42 -8.78
N LYS A 74 -18.02 3.53 -7.97
CA LYS A 74 -19.02 4.59 -8.14
C LYS A 74 -18.73 5.76 -7.21
N GLU A 75 -18.61 5.47 -5.92
CA GLU A 75 -18.34 6.52 -4.93
C GLU A 75 -16.83 6.74 -4.78
N GLN A 76 -16.46 7.90 -4.25
CA GLN A 76 -15.07 8.24 -4.05
C GLN A 76 -14.86 8.95 -2.72
N ARG A 77 -13.72 8.67 -2.08
CA ARG A 77 -13.40 9.28 -0.79
C ARG A 77 -13.76 10.76 -0.79
N SER A 78 -14.62 11.15 0.13
CA SER A 78 -15.05 12.55 0.24
C SER A 78 -14.75 13.10 1.63
N GLY A 79 -14.82 14.41 1.76
CA GLY A 79 -14.55 15.05 3.04
C GLY A 79 -15.46 16.23 3.30
N SER A 80 -15.45 17.21 2.39
CA SER A 80 -16.27 18.40 2.53
C SER A 80 -17.60 18.23 1.79
N GLY A 81 -17.52 17.98 0.49
CA GLY A 81 -18.72 17.80 -0.30
C GLY A 81 -18.67 18.53 -1.62
N PRO A 82 -19.84 18.79 -2.22
CA PRO A 82 -19.94 19.49 -3.50
C PRO A 82 -19.56 20.96 -3.39
N SER A 83 -19.52 21.65 -4.52
CA SER A 83 -19.17 23.07 -4.56
C SER A 83 -20.08 23.87 -3.64
N SER A 84 -19.85 25.18 -3.56
CA SER A 84 -20.65 26.06 -2.72
C SER A 84 -21.15 27.27 -3.51
N GLY A 85 -20.31 27.74 -4.43
CA GLY A 85 -20.69 28.89 -5.24
C GLY A 85 -21.02 28.51 -6.67
N GLY A 1 8.25 9.50 -17.84
CA GLY A 1 6.87 9.97 -17.77
C GLY A 1 6.15 9.50 -16.52
N SER A 2 4.98 8.90 -16.71
CA SER A 2 4.19 8.41 -15.58
C SER A 2 3.28 7.26 -16.02
N SER A 3 2.64 6.62 -15.05
CA SER A 3 1.74 5.51 -15.34
C SER A 3 2.44 4.44 -16.17
N GLY A 4 3.67 4.11 -15.79
CA GLY A 4 4.43 3.11 -16.51
C GLY A 4 5.55 2.52 -15.68
N SER A 5 5.24 2.19 -14.43
CA SER A 5 6.23 1.61 -13.51
C SER A 5 5.77 0.25 -13.00
N SER A 6 5.97 -0.79 -13.80
CA SER A 6 5.57 -2.14 -13.44
C SER A 6 5.91 -2.41 -11.97
N GLY A 7 4.88 -2.68 -11.17
CA GLY A 7 5.09 -2.96 -9.76
C GLY A 7 3.80 -2.95 -8.97
N SER A 8 3.19 -4.12 -8.82
CA SER A 8 1.94 -4.24 -8.09
C SER A 8 2.19 -4.67 -6.65
N GLY A 9 1.42 -4.11 -5.73
CA GLY A 9 1.57 -4.45 -4.32
C GLY A 9 1.00 -3.38 -3.40
N TYR A 10 -0.16 -3.68 -2.81
CA TYR A 10 -0.82 -2.75 -1.91
C TYR A 10 -1.24 -3.44 -0.61
N VAL A 11 -0.77 -2.91 0.51
CA VAL A 11 -1.09 -3.47 1.82
C VAL A 11 -1.97 -2.52 2.63
N ILE A 12 -2.86 -3.08 3.44
CA ILE A 12 -3.75 -2.27 4.27
C ILE A 12 -3.36 -2.38 5.73
N ALA A 13 -3.79 -1.40 6.52
CA ALA A 13 -3.49 -1.38 7.95
C ALA A 13 -4.48 -2.23 8.74
N LEU A 14 -3.97 -3.09 9.60
CA LEU A 14 -4.82 -3.96 10.41
C LEU A 14 -5.19 -3.29 11.72
N ARG A 15 -4.24 -2.58 12.32
CA ARG A 15 -4.48 -1.89 13.59
C ARG A 15 -4.04 -0.42 13.49
N SER A 16 -4.55 0.40 14.39
CA SER A 16 -4.22 1.82 14.41
C SER A 16 -2.82 2.04 14.98
N TYR A 17 -1.89 2.39 14.11
CA TYR A 17 -0.51 2.63 14.52
C TYR A 17 -0.24 4.12 14.70
N ILE A 18 -0.68 4.66 15.82
CA ILE A 18 -0.49 6.08 16.11
C ILE A 18 0.88 6.33 16.72
N THR A 19 1.66 7.19 16.08
CA THR A 19 3.00 7.52 16.55
C THR A 19 3.27 9.02 16.46
N ASP A 20 3.93 9.57 17.47
CA ASP A 20 4.25 10.99 17.50
C ASP A 20 5.66 11.24 16.98
N ASN A 21 6.07 10.46 15.99
CA ASN A 21 7.40 10.59 15.40
C ASN A 21 7.31 10.83 13.90
N CYS A 22 8.36 11.42 13.33
CA CYS A 22 8.40 11.69 11.90
C CYS A 22 8.83 10.46 11.11
N SER A 23 10.01 9.95 11.44
CA SER A 23 10.55 8.78 10.75
C SER A 23 9.46 7.73 10.55
N LEU A 24 8.72 7.45 11.62
CA LEU A 24 7.64 6.46 11.56
C LEU A 24 6.41 7.03 10.86
N LEU A 25 5.47 6.16 10.50
CA LEU A 25 4.25 6.58 9.83
C LEU A 25 3.07 6.58 10.80
N SER A 26 2.12 7.49 10.58
CA SER A 26 0.95 7.59 11.44
C SER A 26 -0.33 7.37 10.63
N PHE A 27 -0.86 6.16 10.69
CA PHE A 27 -2.08 5.81 9.97
C PHE A 27 -3.08 5.11 10.88
N HIS A 28 -4.24 4.78 10.33
CA HIS A 28 -5.28 4.10 11.09
C HIS A 28 -5.64 2.76 10.46
N ARG A 29 -6.45 1.97 11.15
CA ARG A 29 -6.87 0.67 10.66
C ARG A 29 -7.79 0.81 9.44
N GLY A 30 -7.60 -0.06 8.47
CA GLY A 30 -8.42 -0.01 7.27
C GLY A 30 -7.90 0.98 6.24
N ASP A 31 -6.81 1.67 6.59
CA ASP A 31 -6.21 2.65 5.69
C ASP A 31 -5.25 1.98 4.72
N LEU A 32 -5.42 2.26 3.43
CA LEU A 32 -4.57 1.68 2.41
C LEU A 32 -3.22 2.38 2.36
N ILE A 33 -2.15 1.63 2.62
CA ILE A 33 -0.81 2.17 2.62
C ILE A 33 -0.09 1.85 1.31
N LYS A 34 0.39 2.89 0.63
CA LYS A 34 1.10 2.73 -0.64
C LYS A 34 2.57 2.43 -0.39
N LEU A 35 3.07 1.39 -1.07
CA LEU A 35 4.48 1.01 -0.93
C LEU A 35 5.37 1.84 -1.84
N LEU A 36 6.20 2.69 -1.24
CA LEU A 36 7.10 3.55 -1.99
C LEU A 36 8.37 2.78 -2.40
N PRO A 37 8.98 3.21 -3.51
CA PRO A 37 10.20 2.59 -4.03
C PRO A 37 11.41 2.85 -3.14
N VAL A 38 11.71 1.88 -2.27
CA VAL A 38 12.85 2.01 -1.35
C VAL A 38 13.94 1.00 -1.70
N ALA A 39 15.17 1.32 -1.32
CA ALA A 39 16.30 0.44 -1.57
C ALA A 39 16.12 -0.90 -0.87
N THR A 40 16.15 -0.88 0.46
CA THR A 40 15.99 -2.10 1.24
C THR A 40 15.70 -1.77 2.70
N LEU A 41 14.80 -2.55 3.30
CA LEU A 41 14.43 -2.34 4.70
C LEU A 41 14.62 -3.62 5.51
N GLU A 42 14.20 -3.59 6.77
CA GLU A 42 14.31 -4.74 7.65
C GLU A 42 13.19 -5.74 7.39
N PRO A 43 13.39 -6.99 7.84
CA PRO A 43 12.40 -8.06 7.67
C PRO A 43 11.16 -7.84 8.53
N GLY A 44 11.12 -6.71 9.24
CA GLY A 44 9.99 -6.41 10.09
C GLY A 44 9.56 -4.97 9.99
N TRP A 45 9.98 -4.30 8.92
CA TRP A 45 9.63 -2.90 8.70
C TRP A 45 9.25 -2.65 7.25
N GLN A 46 8.49 -1.58 7.01
CA GLN A 46 8.05 -1.24 5.67
C GLN A 46 8.05 0.28 5.46
N PHE A 47 8.18 0.71 4.22
CA PHE A 47 8.19 2.13 3.89
C PHE A 47 7.13 2.45 2.85
N GLY A 48 6.26 3.40 3.17
CA GLY A 48 5.21 3.79 2.25
C GLY A 48 4.54 5.09 2.66
N SER A 49 3.59 5.54 1.85
CA SER A 49 2.88 6.79 2.11
C SER A 49 1.38 6.53 2.29
N ALA A 50 0.76 7.27 3.20
CA ALA A 50 -0.67 7.13 3.46
C ALA A 50 -1.28 8.45 3.89
N GLY A 51 -2.28 8.92 3.14
CA GLY A 51 -2.94 10.16 3.47
C GLY A 51 -2.16 11.37 2.96
N GLY A 52 -0.84 11.31 3.04
CA GLY A 52 -0.02 12.41 2.58
C GLY A 52 1.35 12.42 3.23
N ARG A 53 1.46 11.77 4.39
CA ARG A 53 2.73 11.71 5.11
C ARG A 53 3.40 10.35 4.91
N SER A 54 4.73 10.36 4.93
CA SER A 54 5.50 9.13 4.74
C SER A 54 6.14 8.70 6.05
N GLY A 55 6.53 7.43 6.12
CA GLY A 55 7.17 6.91 7.32
C GLY A 55 7.37 5.41 7.26
N LEU A 56 8.09 4.88 8.24
CA LEU A 56 8.36 3.44 8.30
C LEU A 56 7.42 2.75 9.28
N PHE A 57 6.69 1.76 8.79
CA PHE A 57 5.74 1.01 9.63
C PHE A 57 6.09 -0.47 9.65
N PRO A 58 5.74 -1.15 10.75
CA PRO A 58 6.01 -2.58 10.91
C PRO A 58 5.14 -3.43 9.99
N ALA A 59 5.74 -4.46 9.41
CA ALA A 59 5.03 -5.36 8.51
C ALA A 59 4.30 -6.44 9.29
N ASP A 60 4.11 -6.21 10.59
CA ASP A 60 3.42 -7.17 11.44
C ASP A 60 2.03 -6.67 11.81
N ILE A 61 1.65 -5.51 11.26
CA ILE A 61 0.34 -4.94 11.53
C ILE A 61 -0.36 -4.54 10.24
N VAL A 62 0.09 -5.12 9.12
CA VAL A 62 -0.50 -4.83 7.82
C VAL A 62 -0.63 -6.10 7.00
N GLN A 63 -1.74 -6.19 6.25
CA GLN A 63 -1.99 -7.37 5.42
C GLN A 63 -2.09 -6.97 3.94
N PRO A 64 -1.74 -7.91 3.06
CA PRO A 64 -1.79 -7.68 1.60
C PRO A 64 -3.21 -7.56 1.08
N ALA A 65 -3.39 -6.68 0.10
CA ALA A 65 -4.71 -6.46 -0.50
C ALA A 65 -4.61 -6.29 -2.01
N ALA A 66 -5.57 -6.85 -2.73
CA ALA A 66 -5.60 -6.76 -4.19
C ALA A 66 -5.27 -5.34 -4.65
N ALA A 67 -4.38 -5.24 -5.64
CA ALA A 67 -3.98 -3.94 -6.17
C ALA A 67 -5.14 -3.27 -6.90
N PRO A 68 -5.19 -1.93 -6.81
CA PRO A 68 -6.25 -1.14 -7.45
C PRO A 68 -6.12 -1.13 -8.98
N ASP A 69 -5.06 -1.74 -9.48
CA ASP A 69 -4.82 -1.82 -10.92
C ASP A 69 -5.98 -2.50 -11.63
N PHE A 70 -6.61 -1.78 -12.55
CA PHE A 70 -7.74 -2.32 -13.30
C PHE A 70 -7.55 -3.81 -13.57
N SER A 71 -8.65 -4.55 -13.55
CA SER A 71 -8.61 -5.98 -13.78
C SER A 71 -9.99 -6.52 -14.18
N PHE A 72 -10.01 -7.46 -15.11
CA PHE A 72 -11.25 -8.04 -15.59
C PHE A 72 -12.17 -8.40 -14.42
N SER A 73 -13.40 -8.78 -14.73
CA SER A 73 -14.38 -9.14 -13.71
C SER A 73 -15.33 -10.22 -14.22
N LYS A 74 -15.56 -11.23 -13.39
CA LYS A 74 -16.45 -12.33 -13.75
C LYS A 74 -17.63 -12.42 -12.79
N GLU A 75 -18.84 -12.43 -13.34
CA GLU A 75 -20.05 -12.51 -12.53
C GLU A 75 -20.25 -11.23 -11.72
N GLN A 76 -20.03 -10.09 -12.37
CA GLN A 76 -20.19 -8.80 -11.72
C GLN A 76 -20.69 -7.75 -12.70
N ARG A 77 -21.84 -7.16 -12.40
CA ARG A 77 -22.42 -6.13 -13.26
C ARG A 77 -22.34 -4.76 -12.60
N SER A 78 -21.39 -3.94 -13.06
CA SER A 78 -21.20 -2.61 -12.51
C SER A 78 -20.48 -1.71 -13.52
N GLY A 79 -20.18 -0.49 -13.09
CA GLY A 79 -19.49 0.46 -13.96
C GLY A 79 -20.42 1.53 -14.49
N SER A 80 -21.45 1.12 -15.21
CA SER A 80 -22.40 2.06 -15.80
C SER A 80 -23.21 2.74 -14.70
N GLY A 81 -23.13 4.07 -14.65
CA GLY A 81 -23.85 4.83 -13.64
C GLY A 81 -23.96 6.29 -13.99
N PRO A 82 -24.21 7.13 -12.97
CA PRO A 82 -24.34 8.58 -13.14
C PRO A 82 -23.01 9.24 -13.48
N SER A 83 -23.08 10.42 -14.09
CA SER A 83 -21.87 11.16 -14.48
C SER A 83 -22.15 12.65 -14.52
N SER A 84 -21.15 13.44 -14.12
CA SER A 84 -21.28 14.90 -14.12
C SER A 84 -21.44 15.43 -15.54
N GLY A 85 -22.41 16.33 -15.73
CA GLY A 85 -22.63 16.90 -17.05
C GLY A 85 -24.10 16.96 -17.40
#